data_7V0I
#
_entry.id   7V0I
#
_cell.length_a   93.302
_cell.length_b   162.419
_cell.length_c   210.522
_cell.angle_alpha   90.000
_cell.angle_beta   90.000
_cell.angle_gamma   90.000
#
_symmetry.space_group_name_H-M   'C 2 2 21'
#
loop_
_entity.id
_entity.type
_entity.pdbx_description
1 polymer Glucanase
2 branched beta-D-glucopyranose-(1-4)-beta-D-glucopyranose-(1-4)-beta-D-glucopyranose-(1-4)-beta-D-glucopyranose-(1-4)-beta-D-glucopyranose-(1-4)-beta-D-glucopyranose
3 non-polymer 'CALCIUM ION'
4 water water
#
_entity_poly.entity_id   1
_entity_poly.type   'polypeptide(L)'
_entity_poly.pdbx_seq_one_letter_code
;MDYNYGEALQKAIMFYEFQMSGKLPDNIRNNWRGDSCLGDGSDVGLDLTGGWFDAGDHVKFNLPMAYTATMLAWAVYEYK
DALQKSGQLGYLMDQIKWASDYFIRCHPEKYVYYYQVGNGDMDHRWWVPAECIDVQAPRPSYKVDLSNPGSTVTAGTAAA
LAATALVFKDTDPAYAALCIRHAKELFDFAETTMSDKGYTAALNFYTSHSGWYDELSWAGAWIYLADGDETYLEKAEKYV
DKWPIESQTTYIAYSWGHCWDDVHYGAALLLAKITNKSLYKEAIERHLDYWTVGFNGQRVRYTPKGLAHLTDWGVLRHAT
TTAFLACVYSDWSECPREKANIYIDFAKKQADYALGSSGRSYVVGFGVNPPQHPHHRTAHSSWCDSQKVPEYHRHVLYGA
LVGGPDASDAYVDDIGNYVTNQVACDYNAGFVGLLAKMYEKYGGNPIPNFMAIEENLYFQSGSHHHHHHHH
;
_entity_poly.pdbx_strand_id   A,B,C
#
# COMPACT_ATOMS: atom_id res chain seq x y z
N ASP A 2 36.75 16.69 -18.96
CA ASP A 2 35.71 15.99 -18.20
C ASP A 2 34.98 16.97 -17.29
N TYR A 3 34.16 16.45 -16.39
CA TYR A 3 33.39 17.29 -15.49
C TYR A 3 34.28 17.86 -14.39
N ASN A 4 33.85 18.99 -13.83
CA ASN A 4 34.58 19.66 -12.75
C ASN A 4 34.34 18.88 -11.46
N TYR A 5 35.22 17.90 -11.20
CA TYR A 5 35.07 17.08 -10.01
C TYR A 5 35.31 17.87 -8.74
N GLY A 6 36.18 18.89 -8.78
CA GLY A 6 36.38 19.72 -7.61
C GLY A 6 35.12 20.42 -7.17
N GLU A 7 34.42 21.07 -8.12
CA GLU A 7 33.16 21.72 -7.79
C GLU A 7 32.14 20.71 -7.26
N ALA A 8 32.01 19.57 -7.95
CA ALA A 8 31.07 18.55 -7.50
C ALA A 8 31.41 18.08 -6.08
N LEU A 9 32.70 17.83 -5.83
CA LEU A 9 33.14 17.41 -4.50
C LEU A 9 32.81 18.47 -3.46
N GLN A 10 33.13 19.72 -3.77
CA GLN A 10 32.80 20.85 -2.89
C GLN A 10 31.32 20.83 -2.51
N LYS A 11 30.45 20.66 -3.50
CA LYS A 11 29.01 20.73 -3.22
C LYS A 11 28.50 19.46 -2.56
N ALA A 12 28.98 18.29 -2.98
CA ALA A 12 28.57 17.05 -2.34
C ALA A 12 28.90 17.05 -0.84
N ILE A 13 29.99 17.70 -0.45
CA ILE A 13 30.31 17.83 0.96
C ILE A 13 29.40 18.86 1.63
N MET A 14 29.15 19.99 0.95
CA MET A 14 28.29 21.02 1.52
C MET A 14 26.88 20.49 1.79
N PHE A 15 26.43 19.50 1.02
CA PHE A 15 25.10 18.91 1.22
C PHE A 15 24.83 18.64 2.69
N TYR A 16 25.85 18.16 3.42
CA TYR A 16 25.62 17.74 4.80
C TYR A 16 25.34 18.93 5.72
N GLU A 17 25.87 20.11 5.41
CA GLU A 17 25.52 21.28 6.19
C GLU A 17 24.02 21.49 6.21
N PHE A 18 23.35 21.23 5.08
CA PHE A 18 21.90 21.42 5.02
C PHE A 18 21.14 20.39 5.84
N GLN A 19 21.77 19.29 6.21
CA GLN A 19 21.13 18.23 6.99
C GLN A 19 21.32 18.40 8.49
N MET A 20 22.08 19.40 8.93
CA MET A 20 22.46 19.51 10.33
C MET A 20 21.26 19.85 11.20
N SER A 21 21.13 19.14 12.32
CA SER A 21 20.14 19.40 13.35
C SER A 21 20.82 20.03 14.56
N GLY A 22 20.04 20.76 15.35
CA GLY A 22 20.53 21.34 16.59
C GLY A 22 20.96 22.78 16.45
N LYS A 23 21.86 23.18 17.35
CA LYS A 23 22.38 24.56 17.39
C LYS A 23 23.50 24.67 16.37
N LEU A 24 23.23 25.35 15.26
CA LEU A 24 24.21 25.44 14.18
C LEU A 24 25.41 26.26 14.63
N PRO A 25 26.62 25.90 14.17
CA PRO A 25 27.78 26.78 14.40
C PRO A 25 27.69 28.05 13.59
N ASP A 26 28.37 29.08 14.07
CA ASP A 26 28.48 30.32 13.31
C ASP A 26 29.33 30.16 12.06
N ASN A 27 30.08 29.05 11.96
CA ASN A 27 30.93 28.76 10.81
C ASN A 27 30.15 28.38 9.57
N ILE A 28 28.84 28.15 9.68
CA ILE A 28 28.09 27.62 8.55
C ILE A 28 28.08 28.61 7.39
N ARG A 29 28.01 28.09 6.17
CA ARG A 29 28.14 28.89 4.96
C ARG A 29 26.79 29.42 4.45
N ASN A 30 25.73 28.63 4.53
CA ASN A 30 24.45 29.05 4.00
C ASN A 30 23.73 30.01 4.96
N ASN A 31 22.71 30.69 4.44
CA ASN A 31 21.98 31.68 5.20
C ASN A 31 20.51 31.33 5.41
N TRP A 32 20.07 30.14 5.00
CA TRP A 32 18.67 29.78 5.14
C TRP A 32 18.37 28.70 6.17
N ARG A 33 19.38 27.95 6.62
CA ARG A 33 19.19 27.01 7.72
C ARG A 33 19.38 27.75 9.05
N GLY A 34 18.58 27.36 10.05
CA GLY A 34 18.68 27.93 11.38
C GLY A 34 18.67 26.85 12.44
N ASP A 35 18.77 27.29 13.70
CA ASP A 35 18.71 26.35 14.81
C ASP A 35 17.42 25.55 14.76
N SER A 36 17.49 24.28 15.14
CA SER A 36 16.33 23.41 15.06
C SER A 36 16.41 22.31 16.09
N CYS A 37 15.23 21.81 16.49
CA CYS A 37 15.12 20.64 17.35
C CYS A 37 16.07 20.72 18.53
N LEU A 38 16.05 21.86 19.22
CA LEU A 38 16.94 22.08 20.34
C LEU A 38 16.52 21.34 21.61
N GLY A 39 15.34 20.76 21.62
CA GLY A 39 14.87 19.98 22.75
C GLY A 39 15.09 18.49 22.63
N ASP A 40 15.79 18.03 21.59
CA ASP A 40 16.00 16.61 21.36
C ASP A 40 16.69 15.96 22.56
N GLY A 41 16.06 14.92 23.09
CA GLY A 41 16.51 14.25 24.29
C GLY A 41 15.85 14.71 25.56
N SER A 42 15.10 15.82 25.54
CA SER A 42 14.53 16.35 26.77
C SER A 42 13.60 15.35 27.43
N ASP A 43 12.93 14.50 26.64
CA ASP A 43 12.00 13.53 27.22
C ASP A 43 12.70 12.48 28.06
N VAL A 44 14.03 12.36 27.98
CA VAL A 44 14.80 11.44 28.80
C VAL A 44 15.89 12.16 29.60
N GLY A 45 15.85 13.48 29.66
CA GLY A 45 16.78 14.23 30.47
C GLY A 45 18.17 14.34 29.91
N LEU A 46 18.34 14.13 28.61
CA LEU A 46 19.65 14.17 27.96
C LEU A 46 19.68 15.22 26.87
N ASP A 47 20.89 15.69 26.56
CA ASP A 47 21.12 16.51 25.37
C ASP A 47 21.43 15.57 24.21
N LEU A 48 20.42 15.27 23.41
CA LEU A 48 20.59 14.46 22.20
C LEU A 48 20.42 15.30 20.94
N THR A 49 20.73 16.59 21.02
CA THR A 49 20.69 17.44 19.84
C THR A 49 21.90 17.16 18.95
N GLY A 50 21.86 17.70 17.75
CA GLY A 50 22.93 17.50 16.79
C GLY A 50 22.66 16.35 15.86
N GLY A 51 23.73 15.94 15.18
CA GLY A 51 23.58 14.93 14.16
C GLY A 51 22.95 15.49 12.90
N TRP A 52 22.61 14.58 12.00
CA TRP A 52 22.00 14.91 10.72
C TRP A 52 20.56 14.42 10.68
N PHE A 53 19.66 15.24 10.13
CA PHE A 53 18.40 14.71 9.64
C PHE A 53 18.67 13.68 8.56
N ASP A 54 17.86 12.62 8.52
CA ASP A 54 18.21 11.48 7.67
C ASP A 54 18.11 11.82 6.20
N ALA A 55 16.97 12.34 5.77
CA ALA A 55 16.68 12.56 4.36
C ALA A 55 15.98 13.91 4.18
N GLY A 56 14.79 13.90 3.57
CA GLY A 56 13.94 15.06 3.44
C GLY A 56 12.97 15.24 4.58
N ASP A 57 13.15 14.46 5.64
CA ASP A 57 12.39 14.45 6.87
C ASP A 57 13.28 14.97 7.99
N HIS A 58 12.81 14.85 9.23
CA HIS A 58 13.56 15.37 10.36
C HIS A 58 13.74 14.32 11.45
N VAL A 59 13.56 13.04 11.11
CA VAL A 59 13.93 11.97 12.02
C VAL A 59 15.43 11.77 11.96
N LYS A 60 16.03 11.50 13.11
CA LYS A 60 17.43 11.13 13.21
C LYS A 60 17.48 9.61 13.37
N PHE A 61 17.86 8.92 12.30
CA PHE A 61 17.96 7.46 12.26
C PHE A 61 19.43 7.10 12.38
N ASN A 62 19.83 6.55 13.53
CA ASN A 62 21.27 6.43 13.80
C ASN A 62 21.96 5.38 12.94
N LEU A 63 21.24 4.37 12.42
CA LEU A 63 21.92 3.35 11.63
C LEU A 63 22.43 3.91 10.31
N PRO A 64 21.60 4.53 9.46
CA PRO A 64 22.16 5.18 8.27
C PRO A 64 23.05 6.35 8.61
N MET A 65 22.79 7.06 9.71
CA MET A 65 23.66 8.17 10.08
C MET A 65 25.07 7.70 10.39
N ALA A 66 25.18 6.56 11.09
CA ALA A 66 26.49 6.02 11.43
C ALA A 66 27.20 5.51 10.20
N TYR A 67 26.48 4.75 9.36
CA TYR A 67 27.04 4.34 8.07
C TYR A 67 27.59 5.56 7.33
N THR A 68 26.81 6.63 7.25
CA THR A 68 27.26 7.81 6.53
C THR A 68 28.57 8.33 7.12
N ALA A 69 28.61 8.53 8.43
CA ALA A 69 29.81 9.06 9.06
C ALA A 69 31.02 8.18 8.77
N THR A 70 30.84 6.86 8.82
CA THR A 70 31.96 5.96 8.55
C THR A 70 32.47 6.12 7.13
N MET A 71 31.56 6.20 6.16
CA MET A 71 31.98 6.35 4.78
C MET A 71 32.69 7.68 4.55
N LEU A 72 32.17 8.76 5.14
CA LEU A 72 32.84 10.05 5.02
C LEU A 72 34.26 9.98 5.58
N ALA A 73 34.41 9.38 6.76
CA ALA A 73 35.73 9.19 7.32
C ALA A 73 36.61 8.37 6.40
N TRP A 74 36.03 7.38 5.72
CA TRP A 74 36.80 6.55 4.81
C TRP A 74 37.35 7.38 3.67
N ALA A 75 36.55 8.33 3.17
CA ALA A 75 37.02 9.20 2.09
C ALA A 75 38.23 10.01 2.53
N VAL A 76 38.21 10.52 3.76
CA VAL A 76 39.35 11.25 4.30
C VAL A 76 40.56 10.32 4.38
N TYR A 77 40.34 9.12 4.91
CA TYR A 77 41.44 8.18 5.14
C TYR A 77 42.16 7.84 3.84
N GLU A 78 41.42 7.69 2.74
CA GLU A 78 42.01 7.28 1.47
C GLU A 78 42.51 8.46 0.65
N TYR A 79 41.91 9.64 0.80
CA TYR A 79 42.17 10.74 -0.12
C TYR A 79 42.37 12.05 0.63
N LYS A 80 43.03 11.99 1.79
CA LYS A 80 43.27 13.20 2.56
C LYS A 80 43.96 14.27 1.72
N ASP A 81 45.02 13.89 1.01
CA ASP A 81 45.81 14.90 0.29
C ASP A 81 44.98 15.59 -0.78
N ALA A 82 44.17 14.82 -1.52
CA ALA A 82 43.34 15.43 -2.55
C ALA A 82 42.27 16.33 -1.95
N LEU A 83 41.73 15.95 -0.78
CA LEU A 83 40.72 16.77 -0.14
C LEU A 83 41.32 18.06 0.41
N GLN A 84 42.55 17.98 0.92
CA GLN A 84 43.22 19.19 1.39
C GLN A 84 43.51 20.13 0.23
N LYS A 85 43.92 19.58 -0.92
CA LYS A 85 44.22 20.41 -2.07
C LYS A 85 42.97 21.14 -2.57
N SER A 86 41.82 20.46 -2.55
CA SER A 86 40.57 21.04 -3.02
C SER A 86 40.07 22.16 -2.12
N GLY A 87 40.61 22.29 -0.90
CA GLY A 87 40.13 23.26 0.05
C GLY A 87 38.90 22.86 0.81
N GLN A 88 38.48 21.61 0.71
CA GLN A 88 37.24 21.14 1.34
C GLN A 88 37.46 20.18 2.49
N LEU A 89 38.71 19.79 2.78
CA LEU A 89 38.95 18.84 3.87
C LEU A 89 38.40 19.37 5.19
N GLY A 90 38.65 20.66 5.49
CA GLY A 90 38.17 21.22 6.74
C GLY A 90 36.67 21.07 6.91
N TYR A 91 35.90 21.40 5.87
CA TYR A 91 34.44 21.29 5.96
C TYR A 91 34.02 19.84 6.20
N LEU A 92 34.65 18.89 5.52
CA LEU A 92 34.28 17.48 5.68
C LEU A 92 34.58 17.01 7.10
N MET A 93 35.78 17.32 7.60
CA MET A 93 36.11 16.94 8.97
C MET A 93 35.10 17.50 9.97
N ASP A 94 34.68 18.75 9.77
CA ASP A 94 33.69 19.35 10.67
C ASP A 94 32.41 18.52 10.70
N GLN A 95 31.99 18.02 9.53
CA GLN A 95 30.75 17.24 9.46
C GLN A 95 30.90 15.89 10.15
N ILE A 96 32.03 15.21 9.94
CA ILE A 96 32.29 13.95 10.62
C ILE A 96 32.15 14.13 12.12
N LYS A 97 32.83 15.13 12.67
CA LYS A 97 32.78 15.36 14.11
C LYS A 97 31.37 15.73 14.56
N TRP A 98 30.59 16.39 13.71
CA TRP A 98 29.21 16.73 14.07
C TRP A 98 28.40 15.47 14.35
N ALA A 99 28.53 14.47 13.48
CA ALA A 99 27.80 13.23 13.68
C ALA A 99 28.32 12.48 14.90
N SER A 100 29.65 12.37 15.02
CA SER A 100 30.24 11.58 16.10
C SER A 100 30.01 12.23 17.46
N ASP A 101 30.11 13.56 17.53
CA ASP A 101 29.71 14.24 18.76
C ASP A 101 28.31 13.83 19.18
N TYR A 102 27.41 13.63 18.20
CA TYR A 102 26.04 13.23 18.50
C TYR A 102 25.97 11.78 18.94
N PHE A 103 26.69 10.88 18.26
CA PHE A 103 26.73 9.49 18.69
C PHE A 103 27.20 9.37 20.13
N ILE A 104 28.23 10.14 20.50
CA ILE A 104 28.75 10.11 21.86
C ILE A 104 27.66 10.52 22.85
N ARG A 105 26.92 11.59 22.53
CA ARG A 105 25.82 11.98 23.41
C ARG A 105 24.76 10.91 23.50
N CYS A 106 24.56 10.14 22.42
CA CYS A 106 23.61 9.03 22.43
C CYS A 106 24.09 7.84 23.25
N HIS A 107 25.31 7.88 23.79
CA HIS A 107 25.91 6.77 24.52
C HIS A 107 26.27 7.23 25.93
N PRO A 108 25.26 7.51 26.77
CA PRO A 108 25.55 8.01 28.12
C PRO A 108 26.06 6.96 29.08
N GLU A 109 25.84 5.68 28.81
CA GLU A 109 26.37 4.60 29.63
C GLU A 109 26.85 3.48 28.71
N LYS A 110 27.69 2.60 29.26
CA LYS A 110 28.33 1.58 28.44
C LYS A 110 27.31 0.74 27.68
N TYR A 111 26.19 0.41 28.32
CA TYR A 111 25.19 -0.47 27.73
C TYR A 111 23.84 0.21 27.56
N VAL A 112 23.85 1.50 27.25
CA VAL A 112 22.63 2.23 26.90
C VAL A 112 22.97 3.10 25.70
N TYR A 113 22.23 2.92 24.60
CA TYR A 113 22.49 3.66 23.37
C TYR A 113 21.17 4.12 22.78
N TYR A 114 21.05 5.43 22.58
CA TYR A 114 19.90 6.01 21.90
C TYR A 114 20.15 5.99 20.40
N TYR A 115 19.28 5.29 19.67
CA TYR A 115 19.47 5.04 18.25
C TYR A 115 18.48 5.80 17.37
N GLN A 116 17.59 6.61 17.96
CA GLN A 116 16.63 7.34 17.15
C GLN A 116 16.04 8.49 17.96
N VAL A 117 15.80 9.60 17.29
CA VAL A 117 15.08 10.74 17.83
C VAL A 117 14.03 11.13 16.81
N GLY A 118 12.77 11.11 17.21
CA GLY A 118 11.68 11.41 16.31
C GLY A 118 10.94 10.15 15.93
N ASN A 119 9.61 10.24 15.84
CA ASN A 119 8.77 9.14 15.42
C ASN A 119 8.53 9.24 13.92
N GLY A 120 8.81 8.16 13.20
CA GLY A 120 8.75 8.21 11.74
C GLY A 120 7.38 8.57 11.20
N ASP A 121 6.34 7.87 11.64
CA ASP A 121 5.01 8.09 11.08
C ASP A 121 4.51 9.49 11.38
N MET A 122 4.81 10.01 12.57
CA MET A 122 4.33 11.33 12.94
C MET A 122 5.17 12.44 12.32
N ASP A 123 6.49 12.29 12.33
CA ASP A 123 7.33 13.28 11.67
C ASP A 123 6.89 13.47 10.22
N HIS A 124 6.60 12.37 9.53
CA HIS A 124 6.31 12.40 8.10
C HIS A 124 4.93 12.94 7.77
N ARG A 125 4.03 13.09 8.76
CA ARG A 125 2.74 13.71 8.50
C ARG A 125 2.86 15.21 8.26
N TRP A 126 3.96 15.82 8.67
CA TRP A 126 4.09 17.27 8.67
C TRP A 126 5.09 17.66 7.59
N TRP A 127 4.62 18.42 6.60
CA TRP A 127 5.50 18.92 5.54
C TRP A 127 5.91 20.36 5.87
N VAL A 128 6.78 20.47 6.88
CA VAL A 128 7.21 21.77 7.37
C VAL A 128 8.73 21.79 7.51
N PRO A 129 9.36 22.96 7.40
CA PRO A 129 10.82 23.04 7.52
C PRO A 129 11.31 22.70 8.91
N ALA A 130 12.62 22.44 8.98
CA ALA A 130 13.22 21.91 10.20
C ALA A 130 13.13 22.90 11.34
N GLU A 131 13.18 24.19 11.05
CA GLU A 131 13.10 25.19 12.10
C GLU A 131 11.70 25.29 12.70
N CYS A 132 10.72 24.61 12.12
CA CYS A 132 9.35 24.61 12.64
C CYS A 132 8.85 23.22 13.02
N ILE A 133 9.59 22.15 12.72
CA ILE A 133 9.03 20.81 12.86
C ILE A 133 8.71 20.50 14.33
N ASP A 134 9.58 20.92 15.26
CA ASP A 134 9.42 20.52 16.65
C ASP A 134 8.29 21.26 17.36
N VAL A 135 7.71 22.28 16.73
CA VAL A 135 6.52 22.91 17.30
C VAL A 135 5.28 22.08 17.05
N GLN A 136 5.28 21.24 16.02
CA GLN A 136 4.07 20.59 15.55
C GLN A 136 3.83 19.22 16.16
N ALA A 137 4.86 18.54 16.64
CA ALA A 137 4.68 17.19 17.17
C ALA A 137 5.82 16.87 18.13
N PRO A 138 5.58 16.05 19.15
CA PRO A 138 6.68 15.63 20.01
C PRO A 138 7.73 14.84 19.24
N ARG A 139 8.90 14.69 19.85
CA ARG A 139 10.03 14.00 19.23
C ARG A 139 10.67 13.06 20.24
N PRO A 140 10.10 11.85 20.41
CA PRO A 140 10.62 10.94 21.43
C PRO A 140 11.99 10.39 21.09
N SER A 141 12.74 10.03 22.13
CA SER A 141 14.02 9.37 22.00
C SER A 141 13.82 7.87 22.24
N TYR A 142 14.56 7.05 21.49
CA TYR A 142 14.46 5.60 21.57
C TYR A 142 15.84 5.00 21.83
N LYS A 143 15.87 3.94 22.65
CA LYS A 143 17.14 3.38 23.08
C LYS A 143 17.09 1.86 23.10
N VAL A 144 18.28 1.26 23.13
CA VAL A 144 18.47 -0.16 23.35
C VAL A 144 19.31 -0.32 24.60
N ASP A 145 19.11 -1.44 25.30
CA ASP A 145 19.91 -1.77 26.47
C ASP A 145 20.07 -3.29 26.51
N LEU A 146 20.67 -3.77 27.59
CA LEU A 146 20.95 -5.20 27.67
C LEU A 146 19.68 -6.03 27.64
N SER A 147 18.59 -5.53 28.22
CA SER A 147 17.32 -6.24 28.22
C SER A 147 16.58 -6.13 26.89
N ASN A 148 17.00 -5.21 26.02
CA ASN A 148 16.28 -4.91 24.78
C ASN A 148 17.28 -4.38 23.78
N PRO A 149 18.08 -5.27 23.18
CA PRO A 149 19.31 -4.83 22.51
C PRO A 149 19.14 -4.50 21.02
N GLY A 150 20.22 -4.00 20.44
CA GLY A 150 20.29 -3.67 19.03
C GLY A 150 21.70 -3.78 18.50
N SER A 151 22.11 -5.01 18.18
CA SER A 151 23.50 -5.26 17.82
C SER A 151 23.88 -4.55 16.52
N THR A 152 22.96 -4.48 15.56
CA THR A 152 23.30 -3.86 14.29
C THR A 152 23.66 -2.39 14.47
N VAL A 153 22.82 -1.63 15.17
CA VAL A 153 23.01 -0.19 15.25
C VAL A 153 24.18 0.16 16.17
N THR A 154 24.35 -0.58 17.27
CA THR A 154 25.48 -0.32 18.16
C THR A 154 26.81 -0.65 17.48
N ALA A 155 26.87 -1.75 16.75
CA ALA A 155 28.10 -2.05 16.02
C ALA A 155 28.33 -1.06 14.89
N GLY A 156 27.25 -0.65 14.21
CA GLY A 156 27.39 0.36 13.18
C GLY A 156 27.94 1.67 13.71
N THR A 157 27.48 2.07 14.91
CA THR A 157 27.97 3.30 15.51
C THR A 157 29.41 3.14 15.98
N ALA A 158 29.76 1.95 16.46
CA ALA A 158 31.15 1.68 16.81
C ALA A 158 32.07 1.90 15.62
N ALA A 159 31.67 1.41 14.43
CA ALA A 159 32.47 1.62 13.23
C ALA A 159 32.66 3.10 12.96
N ALA A 160 31.59 3.89 13.13
CA ALA A 160 31.66 5.33 12.88
C ALA A 160 32.65 6.02 13.80
N LEU A 161 32.59 5.70 15.10
CA LEU A 161 33.49 6.35 16.06
C LEU A 161 34.93 5.87 15.91
N ALA A 162 35.14 4.60 15.56
CA ALA A 162 36.50 4.15 15.30
C ALA A 162 37.10 4.84 14.08
N ALA A 163 36.32 4.96 12.99
CA ALA A 163 36.84 5.63 11.81
C ALA A 163 37.06 7.11 12.08
N THR A 164 36.22 7.72 12.91
CA THR A 164 36.43 9.12 13.27
C THR A 164 37.75 9.30 14.00
N ALA A 165 38.04 8.42 14.96
CA ALA A 165 39.31 8.52 15.68
C ALA A 165 40.48 8.33 14.75
N LEU A 166 40.35 7.43 13.77
CA LEU A 166 41.42 7.20 12.81
C LEU A 166 41.81 8.49 12.12
N VAL A 167 40.83 9.27 11.64
CA VAL A 167 41.13 10.44 10.84
C VAL A 167 41.40 11.69 11.69
N PHE A 168 41.00 11.70 12.95
CA PHE A 168 41.31 12.80 13.86
C PHE A 168 42.57 12.56 14.69
N LYS A 169 43.16 11.36 14.60
CA LYS A 169 44.32 11.03 15.44
C LYS A 169 45.43 12.06 15.30
N ASP A 170 45.70 12.52 14.08
CA ASP A 170 46.81 13.43 13.82
C ASP A 170 46.46 14.88 14.06
N THR A 171 45.27 15.16 14.58
CA THR A 171 44.75 16.52 14.72
C THR A 171 44.30 16.77 16.15
N ASP A 172 43.49 15.88 16.68
CA ASP A 172 42.88 16.02 18.00
C ASP A 172 43.03 14.70 18.74
N PRO A 173 44.24 14.38 19.20
CA PRO A 173 44.46 13.08 19.87
C PRO A 173 43.48 12.80 20.99
N ALA A 174 43.17 13.79 21.82
CA ALA A 174 42.21 13.56 22.90
C ALA A 174 40.85 13.13 22.37
N TYR A 175 40.38 13.78 21.30
CA TYR A 175 39.10 13.40 20.73
C TYR A 175 39.15 11.97 20.19
N ALA A 176 40.23 11.63 19.48
CA ALA A 176 40.36 10.27 18.97
C ALA A 176 40.33 9.25 20.09
N ALA A 177 41.01 9.53 21.19
CA ALA A 177 41.00 8.60 22.32
C ALA A 177 39.60 8.45 22.90
N LEU A 178 38.83 9.54 22.94
CA LEU A 178 37.46 9.46 23.42
C LEU A 178 36.59 8.63 22.48
N CYS A 179 36.66 8.93 21.18
CA CYS A 179 35.92 8.14 20.20
C CYS A 179 36.27 6.66 20.30
N ILE A 180 37.55 6.34 20.44
CA ILE A 180 37.96 4.94 20.51
C ILE A 180 37.36 4.25 21.73
N ARG A 181 37.42 4.92 22.88
CA ARG A 181 36.84 4.35 24.09
C ARG A 181 35.37 4.02 23.90
N HIS A 182 34.62 4.95 23.31
CA HIS A 182 33.20 4.70 23.04
C HIS A 182 33.02 3.57 22.05
N ALA A 183 33.84 3.53 21.00
CA ALA A 183 33.66 2.52 19.96
C ALA A 183 33.83 1.12 20.53
N LYS A 184 34.87 0.92 21.34
CA LYS A 184 35.11 -0.41 21.92
C LYS A 184 33.97 -0.82 22.84
N GLU A 185 33.42 0.14 23.59
CA GLU A 185 32.28 -0.17 24.45
C GLU A 185 31.06 -0.56 23.63
N LEU A 186 30.77 0.21 22.57
CA LEU A 186 29.63 -0.12 21.72
C LEU A 186 29.80 -1.47 21.06
N PHE A 187 31.02 -1.81 20.64
CA PHE A 187 31.28 -3.12 20.06
C PHE A 187 30.96 -4.22 21.08
N ASP A 188 31.48 -4.09 22.29
CA ASP A 188 31.19 -5.07 23.34
C ASP A 188 29.68 -5.21 23.54
N PHE A 189 28.98 -4.08 23.67
CA PHE A 189 27.52 -4.10 23.79
C PHE A 189 26.91 -4.97 22.70
N ALA A 190 27.27 -4.71 21.44
CA ALA A 190 26.69 -5.45 20.33
C ALA A 190 27.01 -6.94 20.43
N GLU A 191 28.30 -7.27 20.59
CA GLU A 191 28.74 -8.66 20.57
C GLU A 191 28.16 -9.45 21.75
N THR A 192 27.96 -8.78 22.90
CA THR A 192 27.47 -9.49 24.08
C THR A 192 26.01 -9.91 23.93
N THR A 193 25.21 -9.13 23.22
CA THR A 193 23.77 -9.32 23.15
C THR A 193 23.33 -10.14 21.95
N MET A 194 23.96 -9.97 20.79
CA MET A 194 23.64 -10.72 19.58
C MET A 194 22.13 -10.74 19.36
N SER A 195 21.55 -9.55 19.25
CA SER A 195 20.10 -9.45 19.05
C SER A 195 19.74 -8.04 18.60
N ASP A 196 18.66 -7.96 17.82
CA ASP A 196 18.04 -6.70 17.44
C ASP A 196 16.64 -6.56 18.04
N LYS A 197 16.34 -7.30 19.11
CA LYS A 197 14.99 -7.33 19.67
C LYS A 197 14.49 -5.92 20.00
N GLY A 198 15.35 -5.08 20.57
CA GLY A 198 14.97 -3.74 20.94
C GLY A 198 15.09 -2.71 19.85
N TYR A 199 15.58 -3.08 18.66
CA TYR A 199 15.71 -2.15 17.54
C TYR A 199 14.38 -2.11 16.80
N THR A 200 13.46 -1.32 17.33
CA THR A 200 12.08 -1.37 16.89
C THR A 200 11.56 -0.08 16.27
N ALA A 201 12.04 1.08 16.70
CA ALA A 201 11.47 2.34 16.22
C ALA A 201 11.75 2.58 14.75
N ALA A 202 12.75 1.91 14.17
CA ALA A 202 13.09 2.07 12.76
C ALA A 202 12.39 1.06 11.87
N LEU A 203 11.57 0.18 12.44
CA LEU A 203 10.81 -0.78 11.65
C LEU A 203 10.13 -0.10 10.48
N ASN A 204 10.29 -0.67 9.29
CA ASN A 204 9.73 -0.19 8.03
C ASN A 204 10.42 1.08 7.55
N PHE A 205 11.46 1.54 8.23
CA PHE A 205 12.28 2.65 7.74
C PHE A 205 13.71 2.21 7.49
N TYR A 206 14.40 1.67 8.50
CA TYR A 206 15.77 1.21 8.36
C TYR A 206 15.91 -0.12 9.13
N THR A 207 15.07 -1.08 8.75
CA THR A 207 15.12 -2.41 9.34
C THR A 207 16.35 -3.15 8.85
N SER A 208 17.06 -3.80 9.77
CA SER A 208 18.23 -4.60 9.43
C SER A 208 17.78 -5.95 8.91
N HIS A 209 18.00 -6.21 7.62
CA HIS A 209 17.60 -7.48 7.01
C HIS A 209 18.75 -8.47 6.85
N SER A 210 20.00 -8.00 6.79
CA SER A 210 21.14 -8.86 6.47
C SER A 210 21.95 -9.26 7.70
N GLY A 211 21.55 -8.85 8.89
CA GLY A 211 22.19 -9.30 10.11
C GLY A 211 23.32 -8.40 10.56
N TRP A 212 23.64 -8.50 11.86
CA TRP A 212 24.63 -7.64 12.49
C TRP A 212 26.05 -8.19 12.42
N TYR A 213 26.26 -9.38 11.85
CA TYR A 213 27.60 -9.96 11.89
C TYR A 213 28.56 -9.24 10.96
N ASP A 214 28.08 -8.71 9.84
CA ASP A 214 28.97 -7.92 9.00
C ASP A 214 29.24 -6.55 9.62
N GLU A 215 28.27 -5.99 10.34
CA GLU A 215 28.54 -4.77 11.10
C GLU A 215 29.65 -5.00 12.13
N LEU A 216 29.72 -6.21 12.71
CA LEU A 216 30.79 -6.51 13.65
C LEU A 216 32.14 -6.54 12.97
N SER A 217 32.24 -7.18 11.80
CA SER A 217 33.49 -7.17 11.04
C SER A 217 33.84 -5.76 10.59
N TRP A 218 32.84 -5.02 10.10
CA TRP A 218 32.99 -3.61 9.75
C TRP A 218 33.61 -2.83 10.89
N ALA A 219 32.98 -2.86 12.06
CA ALA A 219 33.49 -2.12 13.21
C ALA A 219 34.85 -2.66 13.66
N GLY A 220 35.01 -3.98 13.69
CA GLY A 220 36.26 -4.55 14.12
C GLY A 220 37.44 -4.08 13.27
N ALA A 221 37.25 -4.05 11.95
CA ALA A 221 38.32 -3.57 11.09
C ALA A 221 38.66 -2.12 11.38
N TRP A 222 37.63 -1.28 11.60
CA TRP A 222 37.89 0.13 11.86
C TRP A 222 38.57 0.32 13.21
N ILE A 223 38.19 -0.48 14.21
CA ILE A 223 38.84 -0.37 15.51
C ILE A 223 40.31 -0.75 15.39
N TYR A 224 40.61 -1.78 14.60
CA TYR A 224 42.00 -2.16 14.41
C TYR A 224 42.77 -1.07 13.69
N LEU A 225 42.20 -0.52 12.62
CA LEU A 225 42.91 0.52 11.87
C LEU A 225 43.17 1.74 12.74
N ALA A 226 42.31 1.99 13.74
CA ALA A 226 42.43 3.19 14.56
C ALA A 226 43.36 3.01 15.74
N ASP A 227 43.28 1.86 16.41
CA ASP A 227 43.99 1.60 17.65
C ASP A 227 45.11 0.59 17.51
N GLY A 228 44.96 -0.38 16.60
CA GLY A 228 45.90 -1.47 16.47
C GLY A 228 45.64 -2.62 17.42
N ASP A 229 44.58 -2.55 18.21
CA ASP A 229 44.20 -3.62 19.12
C ASP A 229 43.85 -4.88 18.34
N GLU A 230 44.76 -5.86 18.32
CA GLU A 230 44.55 -7.05 17.51
C GLU A 230 43.31 -7.82 17.94
N THR A 231 42.84 -7.62 19.18
CA THR A 231 41.65 -8.32 19.64
C THR A 231 40.45 -8.07 18.72
N TYR A 232 40.35 -6.89 18.13
CA TYR A 232 39.21 -6.55 17.30
C TYR A 232 39.39 -6.94 15.84
N LEU A 233 40.64 -7.12 15.39
CA LEU A 233 40.86 -7.74 14.09
C LEU A 233 40.45 -9.21 14.12
N GLU A 234 40.85 -9.92 15.17
CA GLU A 234 40.49 -11.33 15.32
C GLU A 234 38.98 -11.52 15.32
N LYS A 235 38.28 -10.71 16.13
CA LYS A 235 36.83 -10.82 16.18
C LYS A 235 36.20 -10.52 14.82
N ALA A 236 36.75 -9.54 14.10
CA ALA A 236 36.25 -9.24 12.76
C ALA A 236 36.31 -10.47 11.86
N GLU A 237 37.43 -11.19 11.87
CA GLU A 237 37.56 -12.35 11.01
C GLU A 237 36.67 -13.50 11.47
N LYS A 238 36.40 -13.57 12.78
CA LYS A 238 35.59 -14.63 13.33
C LYS A 238 34.18 -14.63 12.75
N TYR A 239 33.61 -13.45 12.52
CA TYR A 239 32.22 -13.34 12.10
C TYR A 239 32.05 -13.33 10.58
N VAL A 240 33.14 -13.53 9.84
CA VAL A 240 33.03 -13.63 8.37
C VAL A 240 32.16 -14.80 7.98
N ASP A 241 32.21 -15.90 8.74
CA ASP A 241 31.43 -17.08 8.40
C ASP A 241 29.94 -16.85 8.47
N LYS A 242 29.49 -15.73 9.03
CA LYS A 242 28.07 -15.42 9.15
C LYS A 242 27.67 -14.21 8.33
N TRP A 243 28.52 -13.78 7.41
CA TRP A 243 28.12 -12.81 6.40
C TRP A 243 27.09 -13.43 5.48
N PRO A 244 26.33 -12.61 4.75
CA PRO A 244 25.41 -13.16 3.74
C PRO A 244 26.15 -13.88 2.63
N ILE A 245 25.54 -14.96 2.13
CA ILE A 245 26.13 -15.77 1.07
C ILE A 245 25.22 -15.69 -0.15
N GLU A 246 25.83 -15.74 -1.34
CA GLU A 246 25.05 -15.70 -2.56
C GLU A 246 24.18 -16.94 -2.66
N SER A 247 22.88 -16.73 -2.87
CA SER A 247 21.95 -17.85 -2.92
C SER A 247 22.34 -18.82 -4.03
N GLN A 248 22.13 -20.10 -3.76
CA GLN A 248 22.45 -21.20 -4.68
C GLN A 248 23.94 -21.43 -4.82
N THR A 249 24.75 -20.81 -3.96
CA THR A 249 26.20 -20.99 -3.97
C THR A 249 26.69 -21.03 -2.54
N THR A 250 27.99 -21.29 -2.38
CA THR A 250 28.66 -21.24 -1.10
C THR A 250 29.66 -20.09 -1.03
N TYR A 251 29.49 -19.10 -1.90
CA TYR A 251 30.33 -17.91 -1.92
C TYR A 251 29.79 -16.86 -0.94
N ILE A 252 30.66 -15.94 -0.55
CA ILE A 252 30.20 -14.73 0.09
C ILE A 252 29.40 -13.92 -0.93
N ALA A 253 28.31 -13.29 -0.46
CA ALA A 253 27.42 -12.59 -1.37
C ALA A 253 28.19 -11.56 -2.19
N TYR A 254 27.90 -11.51 -3.49
CA TYR A 254 28.58 -10.57 -4.38
C TYR A 254 27.66 -9.76 -5.28
N SER A 255 26.39 -10.15 -5.44
CA SER A 255 25.53 -9.53 -6.44
C SER A 255 24.78 -8.30 -5.94
N TRP A 256 24.82 -8.00 -4.63
CA TRP A 256 24.28 -6.72 -4.16
C TRP A 256 25.43 -5.72 -4.05
N GLY A 257 25.33 -4.74 -3.15
CA GLY A 257 26.37 -3.74 -3.02
C GLY A 257 26.45 -3.18 -1.62
N HIS A 258 27.55 -2.48 -1.36
CA HIS A 258 27.77 -1.84 -0.07
C HIS A 258 26.73 -0.74 0.17
N CYS A 259 26.07 -0.80 1.32
CA CYS A 259 25.02 0.16 1.66
C CYS A 259 24.77 0.10 3.16
N TRP A 260 23.90 0.99 3.64
CA TRP A 260 23.64 1.07 5.08
C TRP A 260 23.18 -0.26 5.65
N ASP A 261 22.49 -1.09 4.86
CA ASP A 261 22.01 -2.36 5.39
C ASP A 261 22.94 -3.53 5.13
N ASP A 262 23.94 -3.39 4.25
CA ASP A 262 24.87 -4.49 3.93
C ASP A 262 26.27 -3.91 3.81
N VAL A 263 27.05 -4.01 4.89
CA VAL A 263 28.38 -3.42 4.95
C VAL A 263 29.48 -4.47 4.78
N HIS A 264 29.11 -5.72 4.49
CA HIS A 264 30.14 -6.76 4.38
C HIS A 264 31.00 -6.58 3.14
N TYR A 265 30.49 -5.91 2.11
CA TYR A 265 31.31 -5.58 0.95
C TYR A 265 32.50 -4.72 1.36
N GLY A 266 32.24 -3.59 2.01
CA GLY A 266 33.33 -2.73 2.42
C GLY A 266 34.25 -3.39 3.44
N ALA A 267 33.65 -4.15 4.37
CA ALA A 267 34.45 -4.88 5.35
C ALA A 267 35.38 -5.87 4.66
N ALA A 268 34.93 -6.49 3.56
CA ALA A 268 35.77 -7.41 2.84
C ALA A 268 36.95 -6.69 2.19
N LEU A 269 36.71 -5.48 1.68
CA LEU A 269 37.79 -4.67 1.14
C LEU A 269 38.79 -4.31 2.23
N LEU A 270 38.30 -3.80 3.36
CA LEU A 270 39.19 -3.42 4.44
C LEU A 270 40.02 -4.62 4.92
N LEU A 271 39.35 -5.74 5.19
CA LEU A 271 40.06 -6.92 5.67
C LEU A 271 41.03 -7.46 4.63
N ALA A 272 40.79 -7.17 3.35
CA ALA A 272 41.76 -7.55 2.33
C ALA A 272 43.03 -6.74 2.45
N LYS A 273 42.90 -5.42 2.66
CA LYS A 273 44.08 -4.57 2.75
C LYS A 273 44.82 -4.77 4.07
N ILE A 274 44.12 -5.14 5.13
CA ILE A 274 44.78 -5.33 6.41
C ILE A 274 45.56 -6.64 6.43
N THR A 275 44.97 -7.72 5.92
CA THR A 275 45.54 -9.06 6.04
C THR A 275 46.12 -9.61 4.75
N ASN A 276 45.68 -9.12 3.58
CA ASN A 276 46.13 -9.63 2.29
C ASN A 276 45.79 -11.11 2.11
N LYS A 277 44.76 -11.58 2.80
CA LYS A 277 44.30 -12.95 2.62
C LYS A 277 43.45 -13.08 1.37
N SER A 278 43.60 -14.22 0.67
CA SER A 278 42.88 -14.42 -0.58
C SER A 278 41.38 -14.54 -0.35
N LEU A 279 40.95 -14.99 0.83
CA LEU A 279 39.51 -15.07 1.10
C LEU A 279 38.83 -13.73 0.85
N TYR A 280 39.44 -12.64 1.35
CA TYR A 280 38.84 -11.33 1.20
C TYR A 280 39.09 -10.75 -0.19
N LYS A 281 40.25 -11.03 -0.79
CA LYS A 281 40.52 -10.55 -2.13
C LYS A 281 39.60 -11.20 -3.16
N GLU A 282 39.39 -12.52 -3.04
CA GLU A 282 38.47 -13.20 -3.94
C GLU A 282 37.06 -12.64 -3.81
N ALA A 283 36.61 -12.41 -2.57
CA ALA A 283 35.23 -12.00 -2.35
C ALA A 283 34.96 -10.62 -2.94
N ILE A 284 35.89 -9.69 -2.77
CA ILE A 284 35.67 -8.33 -3.27
C ILE A 284 35.83 -8.29 -4.78
N GLU A 285 36.82 -9.02 -5.31
CA GLU A 285 37.00 -9.05 -6.77
C GLU A 285 35.82 -9.72 -7.46
N ARG A 286 35.23 -10.74 -6.82
CA ARG A 286 33.99 -11.31 -7.33
C ARG A 286 32.92 -10.25 -7.44
N HIS A 287 32.73 -9.48 -6.37
CA HIS A 287 31.79 -8.37 -6.36
C HIS A 287 32.07 -7.39 -7.49
N LEU A 288 33.25 -6.77 -7.49
CA LEU A 288 33.56 -5.74 -8.48
C LEU A 288 33.60 -6.30 -9.91
N ASP A 289 33.96 -7.58 -10.06
CA ASP A 289 33.87 -8.20 -11.38
C ASP A 289 32.41 -8.31 -11.82
N TYR A 290 31.55 -8.83 -10.94
CA TYR A 290 30.13 -8.93 -11.26
C TYR A 290 29.55 -7.58 -11.65
N TRP A 291 30.09 -6.49 -11.10
CA TRP A 291 29.60 -5.15 -11.36
C TRP A 291 30.21 -4.50 -12.60
N THR A 292 31.17 -5.16 -13.25
CA THR A 292 31.85 -4.59 -14.41
C THR A 292 31.81 -5.55 -15.59
N VAL A 293 32.78 -6.46 -15.65
CA VAL A 293 32.85 -7.39 -16.77
C VAL A 293 31.90 -8.57 -16.61
N GLY A 294 31.40 -8.81 -15.40
CA GLY A 294 30.59 -9.97 -15.12
C GLY A 294 31.39 -11.06 -14.42
N PHE A 295 30.67 -12.00 -13.81
CA PHE A 295 31.28 -13.11 -13.10
C PHE A 295 30.44 -14.35 -13.32
N ASN A 296 31.07 -15.41 -13.84
CA ASN A 296 30.39 -16.67 -14.09
C ASN A 296 29.15 -16.46 -14.96
N GLY A 297 29.32 -15.72 -16.05
CA GLY A 297 28.24 -15.51 -17.00
C GLY A 297 27.10 -14.66 -16.50
N GLN A 298 27.20 -14.05 -15.33
CA GLN A 298 26.18 -13.15 -14.81
C GLN A 298 26.81 -11.80 -14.49
N ARG A 299 25.98 -10.76 -14.54
CA ARG A 299 26.47 -9.38 -14.50
C ARG A 299 25.36 -8.46 -14.04
N VAL A 300 25.71 -7.51 -13.18
CA VAL A 300 24.72 -6.52 -12.74
C VAL A 300 24.12 -5.86 -13.98
N ARG A 301 22.84 -5.51 -13.90
CA ARG A 301 22.19 -4.91 -15.05
C ARG A 301 22.66 -3.48 -15.26
N TYR A 302 22.64 -3.05 -16.50
CA TYR A 302 23.12 -1.75 -16.92
C TYR A 302 22.06 -1.08 -17.78
N THR A 303 21.90 0.22 -17.64
CA THR A 303 21.06 0.94 -18.57
C THR A 303 21.80 1.14 -19.89
N PRO A 304 21.08 1.36 -20.99
CA PRO A 304 21.77 1.60 -22.26
C PRO A 304 22.74 2.77 -22.23
N LYS A 305 22.54 3.73 -21.33
CA LYS A 305 23.45 4.86 -21.19
C LYS A 305 24.56 4.62 -20.17
N GLY A 306 24.73 3.38 -19.72
CA GLY A 306 25.92 2.98 -18.99
C GLY A 306 25.85 3.02 -17.48
N LEU A 307 24.68 3.29 -16.90
CA LEU A 307 24.56 3.32 -15.45
C LEU A 307 24.37 1.91 -14.91
N ALA A 308 25.17 1.54 -13.91
CA ALA A 308 25.00 0.27 -13.23
C ALA A 308 23.78 0.35 -12.32
N HIS A 309 22.72 -0.39 -12.67
CA HIS A 309 21.39 -0.18 -12.12
C HIS A 309 20.97 -1.37 -11.26
N LEU A 310 21.32 -1.32 -9.98
CA LEU A 310 21.06 -2.45 -9.10
C LEU A 310 19.59 -2.59 -8.77
N THR A 311 18.93 -1.49 -8.44
CA THR A 311 17.53 -1.50 -8.03
C THR A 311 16.97 -0.08 -8.18
N ASP A 312 15.65 0.02 -8.17
CA ASP A 312 15.02 1.31 -8.42
C ASP A 312 15.15 2.26 -7.24
N TRP A 313 15.36 1.74 -6.02
CA TRP A 313 15.37 2.56 -4.81
C TRP A 313 16.80 3.06 -4.56
N GLY A 314 17.00 4.37 -4.71
CA GLY A 314 18.31 4.96 -4.54
C GLY A 314 19.35 4.30 -5.42
N VAL A 315 19.10 4.29 -6.73
CA VAL A 315 20.00 3.58 -7.65
C VAL A 315 21.35 4.27 -7.74
N LEU A 316 21.37 5.60 -7.78
CA LEU A 316 22.64 6.32 -7.88
C LEU A 316 23.47 6.14 -6.61
N ARG A 317 22.81 6.13 -5.45
CA ARG A 317 23.48 5.78 -4.21
C ARG A 317 24.26 4.47 -4.37
N HIS A 318 23.62 3.45 -4.94
CA HIS A 318 24.28 2.15 -5.05
C HIS A 318 25.43 2.20 -6.05
N ALA A 319 25.23 2.86 -7.18
CA ALA A 319 26.25 2.84 -8.23
C ALA A 319 27.48 3.66 -7.82
N THR A 320 27.26 4.81 -7.18
CA THR A 320 28.39 5.63 -6.76
C THR A 320 29.11 5.02 -5.55
N THR A 321 28.40 4.26 -4.73
CA THR A 321 29.06 3.63 -3.58
C THR A 321 29.91 2.45 -4.04
N THR A 322 29.39 1.63 -4.95
CA THR A 322 30.23 0.57 -5.53
C THR A 322 31.40 1.18 -6.28
N ALA A 323 31.16 2.28 -6.99
CA ALA A 323 32.25 2.98 -7.67
C ALA A 323 33.33 3.40 -6.68
N PHE A 324 32.93 3.92 -5.51
CA PHE A 324 33.93 4.31 -4.52
C PHE A 324 34.79 3.12 -4.11
N LEU A 325 34.16 2.00 -3.78
CA LEU A 325 34.92 0.80 -3.45
C LEU A 325 35.85 0.40 -4.58
N ALA A 326 35.44 0.63 -5.83
CA ALA A 326 36.32 0.34 -6.95
C ALA A 326 37.55 1.23 -6.93
N CYS A 327 37.37 2.52 -6.63
CA CYS A 327 38.51 3.42 -6.50
C CYS A 327 39.50 2.89 -5.47
N VAL A 328 39.03 2.60 -4.25
CA VAL A 328 39.92 2.19 -3.19
C VAL A 328 40.68 0.92 -3.59
N TYR A 329 39.95 -0.09 -4.07
CA TYR A 329 40.61 -1.35 -4.40
C TYR A 329 41.60 -1.18 -5.54
N SER A 330 41.24 -0.40 -6.58
CA SER A 330 42.14 -0.26 -7.71
C SER A 330 43.35 0.60 -7.38
N ASP A 331 43.26 1.47 -6.37
CA ASP A 331 44.43 2.19 -5.89
C ASP A 331 45.40 1.29 -5.12
N TRP A 332 44.96 0.09 -4.74
CA TRP A 332 45.74 -0.79 -3.89
C TRP A 332 46.77 -1.58 -4.71
N SER A 333 48.01 -1.64 -4.21
CA SER A 333 49.08 -2.26 -4.98
C SER A 333 48.81 -3.73 -5.26
N GLU A 334 48.07 -4.41 -4.39
CA GLU A 334 47.81 -5.84 -4.56
C GLU A 334 46.64 -6.12 -5.49
N CYS A 335 45.99 -5.09 -6.02
CA CYS A 335 44.96 -5.32 -7.02
C CYS A 335 45.61 -5.69 -8.35
N PRO A 336 45.24 -6.83 -8.96
CA PRO A 336 45.78 -7.14 -10.29
C PRO A 336 45.69 -5.94 -11.22
N ARG A 337 46.71 -5.80 -12.07
CA ARG A 337 46.83 -4.60 -12.90
C ARG A 337 45.69 -4.52 -13.92
N GLU A 338 45.41 -5.63 -14.61
CA GLU A 338 44.29 -5.64 -15.55
C GLU A 338 43.00 -5.23 -14.87
N LYS A 339 42.78 -5.69 -13.63
CA LYS A 339 41.56 -5.39 -12.92
C LYS A 339 41.47 -3.90 -12.58
N ALA A 340 42.57 -3.33 -12.07
CA ALA A 340 42.55 -1.94 -11.62
C ALA A 340 42.02 -1.02 -12.71
N ASN A 341 42.49 -1.22 -13.96
CA ASN A 341 42.06 -0.34 -15.04
C ASN A 341 40.60 -0.55 -15.39
N ILE A 342 40.08 -1.77 -15.22
CA ILE A 342 38.65 -2.00 -15.45
C ILE A 342 37.84 -1.36 -14.33
N TYR A 343 38.32 -1.46 -13.08
CA TYR A 343 37.57 -0.92 -11.95
C TYR A 343 37.56 0.61 -11.98
N ILE A 344 38.68 1.23 -12.33
CA ILE A 344 38.73 2.69 -12.28
C ILE A 344 38.01 3.29 -13.48
N ASP A 345 38.05 2.64 -14.64
CA ASP A 345 37.22 3.06 -15.76
C ASP A 345 35.75 3.00 -15.37
N PHE A 346 35.35 1.90 -14.72
CA PHE A 346 33.98 1.77 -14.23
C PHE A 346 33.63 2.93 -13.28
N ALA A 347 34.53 3.23 -12.34
CA ALA A 347 34.24 4.28 -11.37
C ALA A 347 34.02 5.63 -12.05
N LYS A 348 34.86 5.96 -13.04
CA LYS A 348 34.74 7.26 -13.68
C LYS A 348 33.43 7.36 -14.46
N LYS A 349 32.99 6.26 -15.07
CA LYS A 349 31.76 6.32 -15.85
C LYS A 349 30.54 6.44 -14.94
N GLN A 350 30.60 5.86 -13.73
CA GLN A 350 29.50 6.05 -12.79
C GLN A 350 29.49 7.48 -12.25
N ALA A 351 30.67 8.04 -11.97
CA ALA A 351 30.75 9.44 -11.57
C ALA A 351 30.23 10.35 -12.67
N ASP A 352 30.71 10.15 -13.90
CA ASP A 352 30.27 10.97 -15.01
C ASP A 352 28.76 10.85 -15.24
N TYR A 353 28.18 9.68 -14.95
CA TYR A 353 26.74 9.53 -15.13
C TYR A 353 25.98 10.35 -14.09
N ALA A 354 26.48 10.38 -12.86
CA ALA A 354 25.84 11.22 -11.85
C ALA A 354 25.96 12.69 -12.19
N LEU A 355 27.03 13.09 -12.89
CA LEU A 355 27.34 14.49 -13.08
C LEU A 355 26.81 15.06 -14.39
N GLY A 356 26.49 14.22 -15.39
CA GLY A 356 25.90 14.75 -16.60
C GLY A 356 26.01 13.94 -17.88
N SER A 357 26.56 12.71 -17.83
CA SER A 357 26.86 12.00 -19.07
C SER A 357 25.60 11.66 -19.85
N SER A 358 24.48 11.41 -19.17
CA SER A 358 23.23 11.05 -19.82
C SER A 358 22.53 12.24 -20.45
N GLY A 359 23.06 13.44 -20.30
CA GLY A 359 22.44 14.65 -20.81
C GLY A 359 22.03 15.62 -19.73
N ARG A 360 21.90 15.17 -18.48
CA ARG A 360 21.55 16.03 -17.35
C ARG A 360 22.34 15.59 -16.12
N SER A 361 22.55 16.53 -15.22
CA SER A 361 23.11 16.22 -13.92
C SER A 361 22.03 15.66 -12.99
N TYR A 362 22.44 14.76 -12.10
CA TYR A 362 21.59 14.26 -11.03
C TYR A 362 22.07 14.75 -9.66
N VAL A 363 22.85 15.83 -9.63
CA VAL A 363 23.28 16.49 -8.40
C VAL A 363 22.62 17.86 -8.36
N VAL A 364 21.82 18.11 -7.32
CA VAL A 364 21.12 19.39 -7.20
C VAL A 364 22.12 20.54 -7.20
N GLY A 365 21.83 21.57 -7.98
CA GLY A 365 22.70 22.74 -8.03
C GLY A 365 24.02 22.55 -8.73
N PHE A 366 24.19 21.47 -9.51
CA PHE A 366 25.42 21.25 -10.25
C PHE A 366 25.12 20.84 -11.69
N GLY A 367 25.92 21.35 -12.61
CA GLY A 367 25.93 20.85 -13.97
C GLY A 367 24.75 21.30 -14.81
N VAL A 368 24.47 20.52 -15.84
CA VAL A 368 23.42 20.85 -16.81
C VAL A 368 22.09 20.30 -16.31
N ASN A 369 21.09 21.18 -16.23
CA ASN A 369 19.71 20.80 -15.97
C ASN A 369 19.59 19.86 -14.77
N PRO A 370 20.10 20.26 -13.61
CA PRO A 370 20.06 19.37 -12.43
C PRO A 370 18.67 19.30 -11.85
N PRO A 371 18.42 18.32 -10.97
CA PRO A 371 17.09 18.23 -10.35
C PRO A 371 16.80 19.49 -9.55
N GLN A 372 15.56 19.95 -9.64
CA GLN A 372 15.16 21.18 -8.97
C GLN A 372 14.13 20.97 -7.88
N HIS A 373 13.50 19.80 -7.78
CA HIS A 373 12.40 19.56 -6.86
C HIS A 373 12.65 18.33 -6.00
N PRO A 374 13.78 18.27 -5.28
CA PRO A 374 14.04 17.11 -4.42
C PRO A 374 13.01 16.99 -3.29
N HIS A 375 12.71 15.74 -2.93
CA HIS A 375 11.78 15.43 -1.82
C HIS A 375 12.46 15.81 -0.51
N HIS A 376 12.34 17.09 -0.15
CA HIS A 376 13.10 17.66 0.96
C HIS A 376 12.30 18.82 1.54
N ARG A 377 11.81 18.66 2.77
CA ARG A 377 10.90 19.64 3.35
C ARG A 377 11.56 21.00 3.54
N THR A 378 12.82 21.02 3.99
CA THR A 378 13.42 22.28 4.40
C THR A 378 13.96 23.09 3.22
N ALA A 379 14.44 22.42 2.17
CA ALA A 379 14.83 23.14 0.97
C ALA A 379 13.61 23.66 0.23
N HIS A 380 12.51 22.88 0.24
CA HIS A 380 11.26 23.37 -0.35
C HIS A 380 10.74 24.56 0.44
N SER A 381 10.49 24.36 1.73
CA SER A 381 10.04 25.41 2.64
C SER A 381 8.60 25.84 2.35
N SER A 382 7.66 24.91 2.54
CA SER A 382 6.24 25.25 2.42
C SER A 382 5.81 26.15 3.58
N TRP A 383 4.91 27.10 3.30
CA TRP A 383 4.33 27.92 4.35
C TRP A 383 2.97 27.40 4.81
N CYS A 384 2.53 26.24 4.31
CA CYS A 384 1.20 25.75 4.65
C CYS A 384 1.13 24.22 4.57
N ASP A 385 2.20 23.54 4.99
CA ASP A 385 2.14 22.08 5.19
C ASP A 385 1.70 21.35 3.91
N SER A 386 2.27 21.76 2.78
CA SER A 386 1.89 21.20 1.48
C SER A 386 3.08 21.05 0.56
N GLN A 387 3.24 19.87 -0.05
CA GLN A 387 4.30 19.65 -1.01
C GLN A 387 4.17 20.53 -2.26
N LYS A 388 2.97 20.99 -2.57
CA LYS A 388 2.73 21.71 -3.82
C LYS A 388 2.86 23.23 -3.67
N VAL A 389 3.15 23.73 -2.49
CA VAL A 389 3.12 25.17 -2.23
C VAL A 389 4.33 25.55 -1.39
N PRO A 390 5.34 26.24 -1.93
CA PRO A 390 5.41 26.82 -3.28
C PRO A 390 5.67 25.80 -4.38
N GLU A 391 5.45 26.20 -5.64
CA GLU A 391 5.68 25.26 -6.74
C GLU A 391 7.14 25.15 -7.12
N TYR A 392 8.00 26.04 -6.60
CA TYR A 392 9.43 25.94 -6.72
C TYR A 392 10.04 25.96 -5.33
N HIS A 393 11.09 25.16 -5.13
CA HIS A 393 11.83 25.19 -3.87
C HIS A 393 12.34 26.60 -3.59
N ARG A 394 12.24 27.02 -2.33
CA ARG A 394 12.79 28.32 -1.93
C ARG A 394 14.31 28.30 -1.91
N HIS A 395 14.92 27.14 -1.68
CA HIS A 395 16.36 27.03 -1.46
C HIS A 395 16.96 25.92 -2.30
N VAL A 396 18.21 26.11 -2.70
CA VAL A 396 18.93 25.15 -3.54
C VAL A 396 19.72 24.21 -2.64
N LEU A 397 19.45 22.91 -2.75
CA LEU A 397 20.09 21.91 -1.91
C LEU A 397 21.37 21.41 -2.59
N TYR A 398 22.37 22.30 -2.62
CA TYR A 398 23.60 22.07 -3.36
C TYR A 398 24.22 20.73 -2.96
N GLY A 399 24.57 19.92 -3.97
CA GLY A 399 25.34 18.72 -3.76
C GLY A 399 24.55 17.46 -3.55
N ALA A 400 23.22 17.56 -3.44
CA ALA A 400 22.40 16.41 -3.14
C ALA A 400 22.29 15.50 -4.36
N LEU A 401 22.72 14.25 -4.21
CA LEU A 401 22.53 13.22 -5.22
C LEU A 401 21.15 12.62 -5.06
N VAL A 402 20.34 12.64 -6.11
CA VAL A 402 18.96 12.17 -6.04
C VAL A 402 18.90 10.66 -6.22
N GLY A 403 17.71 10.10 -6.04
CA GLY A 403 17.49 8.68 -6.23
C GLY A 403 17.95 8.19 -7.58
N GLY A 404 17.40 8.77 -8.65
CA GLY A 404 17.89 8.51 -9.99
C GLY A 404 16.85 7.90 -10.92
N PRO A 405 17.27 7.62 -12.14
CA PRO A 405 16.34 7.15 -13.18
C PRO A 405 16.07 5.66 -13.07
N ASP A 406 15.14 5.19 -13.90
CA ASP A 406 14.80 3.79 -13.95
C ASP A 406 15.77 3.06 -14.89
N ALA A 407 15.51 1.77 -15.11
CA ALA A 407 16.47 0.94 -15.84
C ALA A 407 16.58 1.32 -17.31
N SER A 408 15.72 2.21 -17.82
CA SER A 408 15.83 2.67 -19.20
C SER A 408 16.30 4.13 -19.27
N ASP A 409 16.92 4.63 -18.21
CA ASP A 409 17.46 5.98 -18.12
C ASP A 409 16.36 7.04 -18.03
N ALA A 410 15.13 6.65 -17.74
CA ALA A 410 14.02 7.58 -17.69
C ALA A 410 13.89 8.19 -16.30
N TYR A 411 13.66 9.50 -16.27
CA TYR A 411 13.56 10.25 -15.02
C TYR A 411 12.81 11.56 -15.28
N VAL A 412 12.13 12.04 -14.24
CA VAL A 412 11.49 13.35 -14.28
C VAL A 412 11.50 13.92 -12.88
N ASP A 413 11.72 15.23 -12.76
CA ASP A 413 11.59 15.91 -11.48
C ASP A 413 10.15 15.78 -10.97
N ASP A 414 10.02 15.46 -9.69
CA ASP A 414 8.70 15.27 -9.07
C ASP A 414 8.90 15.27 -7.57
N ILE A 415 8.57 16.38 -6.91
CA ILE A 415 8.81 16.50 -5.48
C ILE A 415 8.11 15.38 -4.72
N GLY A 416 7.01 14.86 -5.26
CA GLY A 416 6.24 13.86 -4.55
C GLY A 416 6.75 12.44 -4.65
N ASN A 417 7.72 12.18 -5.52
CA ASN A 417 8.23 10.82 -5.71
C ASN A 417 9.45 10.66 -4.83
N TYR A 418 9.26 10.05 -3.66
CA TYR A 418 10.33 9.88 -2.68
C TYR A 418 11.17 8.64 -2.95
N VAL A 419 11.08 8.10 -4.16
CA VAL A 419 12.02 7.10 -4.65
C VAL A 419 12.99 7.74 -5.65
N THR A 420 12.46 8.29 -6.74
CA THR A 420 13.34 8.85 -7.78
C THR A 420 13.93 10.18 -7.35
N ASN A 421 13.14 11.03 -6.69
CA ASN A 421 13.55 12.37 -6.28
C ASN A 421 13.97 12.43 -4.82
N GLN A 422 14.21 11.30 -4.20
CA GLN A 422 14.70 11.24 -2.83
C GLN A 422 16.13 11.76 -2.73
N VAL A 423 16.46 12.32 -1.55
CA VAL A 423 17.83 12.67 -1.18
C VAL A 423 18.05 12.21 0.26
N ALA A 424 19.30 11.87 0.59
CA ALA A 424 19.53 11.33 1.93
C ALA A 424 21.02 11.29 2.25
N CYS A 425 21.31 11.26 3.56
CA CYS A 425 22.69 11.17 4.04
C CYS A 425 23.44 10.04 3.35
N ASP A 426 22.90 8.83 3.42
CA ASP A 426 23.63 7.69 2.87
C ASP A 426 23.78 7.79 1.36
N TYR A 427 22.92 8.56 0.69
CA TYR A 427 23.05 8.71 -0.75
C TYR A 427 24.36 9.42 -1.11
N ASN A 428 24.73 10.43 -0.33
CA ASN A 428 25.91 11.25 -0.64
C ASN A 428 27.21 10.71 -0.07
N ALA A 429 27.15 9.67 0.75
CA ALA A 429 28.33 9.31 1.54
C ALA A 429 29.44 8.71 0.67
N GLY A 430 29.20 7.56 0.06
CA GLY A 430 30.19 7.01 -0.86
C GLY A 430 30.48 7.96 -2.01
N PHE A 431 29.46 8.70 -2.45
CA PHE A 431 29.63 9.69 -3.51
C PHE A 431 30.79 10.63 -3.21
N VAL A 432 30.87 11.13 -1.98
CA VAL A 432 31.96 12.05 -1.63
C VAL A 432 33.31 11.39 -1.89
N GLY A 433 33.46 10.13 -1.48
CA GLY A 433 34.73 9.46 -1.68
C GLY A 433 35.06 9.24 -3.14
N LEU A 434 34.06 8.90 -3.94
CA LEU A 434 34.25 8.75 -5.38
C LEU A 434 34.73 10.06 -6.00
N LEU A 435 34.09 11.17 -5.64
CA LEU A 435 34.47 12.46 -6.21
C LEU A 435 35.86 12.89 -5.75
N ALA A 436 36.24 12.56 -4.52
CA ALA A 436 37.60 12.84 -4.08
C ALA A 436 38.61 12.19 -5.02
N LYS A 437 38.41 10.91 -5.33
CA LYS A 437 39.33 10.23 -6.23
C LYS A 437 39.32 10.88 -7.61
N MET A 438 38.13 11.14 -8.14
CA MET A 438 38.05 11.77 -9.45
C MET A 438 38.74 13.13 -9.46
N TYR A 439 38.58 13.91 -8.38
CA TYR A 439 39.33 15.15 -8.28
C TYR A 439 40.84 14.89 -8.29
N GLU A 440 41.27 13.86 -7.56
CA GLU A 440 42.70 13.56 -7.50
C GLU A 440 43.26 13.25 -8.89
N LYS A 441 42.55 12.45 -9.67
CA LYS A 441 43.07 11.94 -10.92
C LYS A 441 42.82 12.88 -12.09
N TYR A 442 41.78 13.74 -12.01
CA TYR A 442 41.39 14.56 -13.15
C TYR A 442 41.20 16.04 -12.80
N GLY A 443 41.22 16.42 -11.53
CA GLY A 443 41.11 17.81 -11.19
C GLY A 443 39.74 18.40 -11.49
N GLY A 444 39.75 19.66 -11.90
CA GLY A 444 38.56 20.48 -11.93
C GLY A 444 38.52 21.33 -10.67
N ASN A 445 38.55 22.66 -10.83
CA ASN A 445 38.72 23.43 -9.60
C ASN A 445 37.37 23.73 -8.96
N PRO A 446 37.30 23.70 -7.63
CA PRO A 446 36.07 24.14 -6.96
C PRO A 446 35.90 25.64 -7.08
N ILE A 447 34.71 26.10 -6.75
CA ILE A 447 34.38 27.53 -6.86
C ILE A 447 35.08 28.28 -5.74
N PRO A 448 35.81 29.36 -6.05
CA PRO A 448 36.45 30.13 -4.97
C PRO A 448 35.43 30.88 -4.14
N ASN A 449 35.61 30.84 -2.82
CA ASN A 449 34.77 31.58 -1.87
C ASN A 449 33.30 31.22 -2.04
N PHE A 450 33.02 29.92 -2.16
CA PHE A 450 31.65 29.48 -2.42
C PHE A 450 30.83 29.48 -1.13
N MET A 451 29.65 30.10 -1.20
CA MET A 451 28.70 30.12 -0.10
C MET A 451 27.32 29.84 -0.67
N ALA A 452 26.45 29.28 0.16
CA ALA A 452 25.08 28.99 -0.26
C ALA A 452 24.15 30.12 0.14
N ASP B 2 -37.67 -3.64 -24.17
CA ASP B 2 -36.26 -3.77 -23.82
C ASP B 2 -35.63 -2.40 -23.57
N TYR B 3 -34.31 -2.39 -23.38
CA TYR B 3 -33.58 -1.15 -23.22
C TYR B 3 -33.27 -0.53 -24.58
N ASN B 4 -33.03 0.78 -24.57
CA ASN B 4 -32.82 1.54 -25.81
C ASN B 4 -31.36 1.42 -26.21
N TYR B 5 -31.06 0.42 -27.03
CA TYR B 5 -29.67 0.15 -27.39
C TYR B 5 -29.10 1.21 -28.31
N GLY B 6 -29.94 1.83 -29.14
CA GLY B 6 -29.44 2.89 -30.01
C GLY B 6 -29.01 4.12 -29.23
N GLU B 7 -29.80 4.53 -28.23
CA GLU B 7 -29.37 5.62 -27.37
C GLU B 7 -28.11 5.26 -26.61
N ALA B 8 -28.05 4.02 -26.11
CA ALA B 8 -26.85 3.58 -25.41
C ALA B 8 -25.63 3.64 -26.32
N LEU B 9 -25.77 3.13 -27.55
CA LEU B 9 -24.65 3.13 -28.48
C LEU B 9 -24.22 4.55 -28.81
N GLN B 10 -25.19 5.40 -29.15
CA GLN B 10 -24.91 6.82 -29.38
C GLN B 10 -24.09 7.42 -28.24
N LYS B 11 -24.56 7.27 -27.00
CA LYS B 11 -23.83 7.83 -25.88
C LYS B 11 -22.53 7.09 -25.60
N ALA B 12 -22.50 5.77 -25.81
CA ALA B 12 -21.28 5.03 -25.57
C ALA B 12 -20.17 5.46 -26.52
N ILE B 13 -20.53 5.87 -27.74
CA ILE B 13 -19.54 6.39 -28.67
C ILE B 13 -19.17 7.83 -28.33
N MET B 14 -20.16 8.65 -27.93
CA MET B 14 -19.87 10.04 -27.61
C MET B 14 -18.84 10.15 -26.48
N PHE B 15 -18.84 9.18 -25.56
CA PHE B 15 -17.91 9.17 -24.44
C PHE B 15 -16.49 9.53 -24.87
N TYR B 16 -16.06 9.02 -26.03
CA TYR B 16 -14.68 9.23 -26.44
C TYR B 16 -14.41 10.68 -26.82
N GLU B 17 -15.44 11.45 -27.17
CA GLU B 17 -15.22 12.87 -27.40
C GLU B 17 -14.75 13.56 -26.12
N PHE B 18 -15.29 13.15 -24.97
CA PHE B 18 -14.90 13.73 -23.69
C PHE B 18 -13.47 13.36 -23.30
N GLN B 19 -12.91 12.31 -23.91
CA GLN B 19 -11.54 11.88 -23.62
C GLN B 19 -10.52 12.50 -24.56
N MET B 20 -10.96 13.28 -25.56
CA MET B 20 -10.03 13.78 -26.56
C MET B 20 -9.04 14.77 -25.95
N SER B 21 -7.78 14.60 -26.30
CA SER B 21 -6.69 15.49 -25.93
C SER B 21 -6.29 16.31 -27.15
N GLY B 22 -5.75 17.50 -26.91
CA GLY B 22 -5.15 18.29 -27.99
C GLY B 22 -6.05 19.39 -28.52
N LYS B 23 -5.80 19.79 -29.77
CA LYS B 23 -6.59 20.84 -30.43
C LYS B 23 -7.88 20.22 -30.95
N LEU B 24 -8.99 20.54 -30.30
CA LEU B 24 -10.24 19.86 -30.61
C LEU B 24 -10.78 20.31 -31.97
N PRO B 25 -11.35 19.40 -32.76
CA PRO B 25 -12.00 19.82 -34.00
C PRO B 25 -13.24 20.66 -33.75
N ASP B 26 -13.65 21.40 -34.77
CA ASP B 26 -14.79 22.29 -34.66
C ASP B 26 -16.12 21.54 -34.55
N ASN B 27 -16.14 20.24 -34.83
CA ASN B 27 -17.38 19.48 -34.92
C ASN B 27 -17.73 18.73 -33.64
N ILE B 28 -17.00 18.95 -32.55
CA ILE B 28 -17.34 18.28 -31.30
C ILE B 28 -18.76 18.66 -30.91
N ARG B 29 -19.43 17.76 -30.19
CA ARG B 29 -20.83 17.93 -29.83
C ARG B 29 -21.01 18.36 -28.38
N ASN B 30 -19.99 18.96 -27.76
CA ASN B 30 -20.13 19.46 -26.40
C ASN B 30 -19.58 20.88 -26.32
N ASN B 31 -19.98 21.56 -25.24
CA ASN B 31 -19.63 22.95 -25.01
C ASN B 31 -18.72 23.14 -23.81
N TRP B 32 -18.25 22.05 -23.17
CA TRP B 32 -17.46 22.18 -21.96
C TRP B 32 -16.01 21.73 -22.10
N ARG B 33 -15.68 20.91 -23.10
CA ARG B 33 -14.30 20.54 -23.35
C ARG B 33 -13.63 21.57 -24.25
N GLY B 34 -12.34 21.85 -23.97
CA GLY B 34 -11.57 22.76 -24.78
C GLY B 34 -10.22 22.17 -25.17
N ASP B 35 -9.45 22.98 -25.89
CA ASP B 35 -8.10 22.59 -26.26
C ASP B 35 -7.27 22.31 -25.02
N SER B 36 -6.47 21.26 -25.08
CA SER B 36 -5.70 20.81 -23.94
C SER B 36 -4.37 20.24 -24.42
N CYS B 37 -3.36 20.35 -23.56
CA CYS B 37 -2.09 19.65 -23.74
C CYS B 37 -1.51 19.88 -25.14
N LEU B 38 -1.56 21.13 -25.60
CA LEU B 38 -1.04 21.46 -26.91
C LEU B 38 0.47 21.33 -27.00
N GLY B 39 1.16 21.29 -25.85
CA GLY B 39 2.60 21.15 -25.81
C GLY B 39 3.09 19.72 -25.82
N ASP B 40 2.20 18.74 -25.90
CA ASP B 40 2.62 17.33 -25.86
C ASP B 40 3.65 17.06 -26.95
N GLY B 41 4.81 16.56 -26.54
CA GLY B 41 5.90 16.26 -27.44
C GLY B 41 6.96 17.34 -27.52
N SER B 42 6.64 18.56 -27.07
CA SER B 42 7.60 19.66 -27.19
C SER B 42 8.97 19.30 -26.61
N ASP B 43 9.00 18.43 -25.59
CA ASP B 43 10.25 18.09 -24.93
C ASP B 43 11.17 17.22 -25.78
N VAL B 44 10.67 16.67 -26.89
CA VAL B 44 11.50 15.90 -27.81
C VAL B 44 11.35 16.48 -29.20
N GLY B 45 10.84 17.71 -29.29
CA GLY B 45 10.75 18.39 -30.58
C GLY B 45 9.82 17.72 -31.56
N LEU B 46 8.71 17.14 -31.08
CA LEU B 46 7.72 16.52 -31.93
C LEU B 46 6.34 17.01 -31.54
N ASP B 47 5.40 16.83 -32.46
CA ASP B 47 3.98 17.05 -32.19
C ASP B 47 3.36 15.70 -31.80
N LEU B 48 3.20 15.48 -30.49
CA LEU B 48 2.54 14.29 -29.98
C LEU B 48 1.20 14.65 -29.33
N THR B 49 0.55 15.68 -29.84
CA THR B 49 -0.77 16.05 -29.36
C THR B 49 -1.82 15.11 -29.94
N GLY B 50 -3.03 15.21 -29.41
CA GLY B 50 -4.12 14.37 -29.86
C GLY B 50 -4.27 13.13 -29.01
N GLY B 51 -4.97 12.15 -29.58
CA GLY B 51 -5.23 10.93 -28.85
C GLY B 51 -6.25 11.13 -27.75
N TRP B 52 -6.35 10.13 -26.88
CA TRP B 52 -7.29 10.10 -25.77
C TRP B 52 -6.54 10.07 -24.43
N PHE B 53 -7.03 10.86 -23.48
CA PHE B 53 -6.69 10.64 -22.08
C PHE B 53 -7.19 9.25 -21.67
N ASP B 54 -6.42 8.55 -20.85
CA ASP B 54 -6.70 7.14 -20.60
C ASP B 54 -8.04 6.99 -19.87
N ALA B 55 -8.13 7.51 -18.66
CA ALA B 55 -9.29 7.27 -17.82
C ALA B 55 -9.81 8.59 -17.28
N GLY B 56 -9.92 8.72 -15.97
CA GLY B 56 -10.27 9.96 -15.32
C GLY B 56 -9.09 10.87 -15.06
N ASP B 57 -7.92 10.50 -15.58
CA ASP B 57 -6.66 11.21 -15.50
C ASP B 57 -6.31 11.78 -16.88
N HIS B 58 -5.07 12.26 -17.02
CA HIS B 58 -4.68 12.92 -18.26
C HIS B 58 -3.38 12.36 -18.82
N VAL B 59 -2.96 11.18 -18.36
CA VAL B 59 -1.85 10.50 -19.00
C VAL B 59 -2.33 9.86 -20.28
N LYS B 60 -1.50 9.87 -21.30
CA LYS B 60 -1.77 9.19 -22.55
C LYS B 60 -1.00 7.88 -22.52
N PHE B 61 -1.73 6.77 -22.34
CA PHE B 61 -1.16 5.44 -22.19
C PHE B 61 -1.42 4.66 -23.48
N ASN B 62 -0.38 4.47 -24.29
CA ASN B 62 -0.61 4.00 -25.66
C ASN B 62 -1.01 2.53 -25.72
N LEU B 63 -0.66 1.71 -24.73
CA LEU B 63 -1.07 0.31 -24.78
C LEU B 63 -2.59 0.17 -24.71
N PRO B 64 -3.28 0.65 -23.67
CA PRO B 64 -4.75 0.58 -23.70
C PRO B 64 -5.38 1.48 -24.74
N MET B 65 -4.74 2.60 -25.11
CA MET B 65 -5.30 3.43 -26.16
C MET B 65 -5.32 2.67 -27.49
N ALA B 66 -4.24 1.95 -27.79
CA ALA B 66 -4.20 1.17 -29.03
C ALA B 66 -5.21 0.04 -29.00
N TYR B 67 -5.32 -0.67 -27.85
CA TYR B 67 -6.34 -1.69 -27.70
C TYR B 67 -7.73 -1.12 -27.97
N THR B 68 -8.03 0.04 -27.38
CA THR B 68 -9.34 0.65 -27.56
C THR B 68 -9.62 0.90 -29.04
N ALA B 69 -8.69 1.57 -29.73
CA ALA B 69 -8.87 1.86 -31.15
C ALA B 69 -9.13 0.59 -31.94
N THR B 70 -8.38 -0.49 -31.67
CA THR B 70 -8.59 -1.74 -32.38
C THR B 70 -10.00 -2.27 -32.14
N MET B 71 -10.47 -2.21 -30.89
CA MET B 71 -11.80 -2.73 -30.57
C MET B 71 -12.89 -1.89 -31.20
N LEU B 72 -12.71 -0.57 -31.26
CA LEU B 72 -13.69 0.27 -31.95
C LEU B 72 -13.69 -0.04 -33.45
N ALA B 73 -12.52 -0.22 -34.04
CA ALA B 73 -12.47 -0.59 -35.46
C ALA B 73 -13.08 -1.96 -35.69
N TRP B 74 -12.85 -2.89 -34.76
CA TRP B 74 -13.49 -4.20 -34.88
C TRP B 74 -15.00 -4.07 -34.91
N ALA B 75 -15.55 -3.14 -34.12
CA ALA B 75 -16.99 -2.93 -34.11
C ALA B 75 -17.49 -2.45 -35.47
N VAL B 76 -16.75 -1.54 -36.10
CA VAL B 76 -17.10 -1.11 -37.45
C VAL B 76 -17.02 -2.28 -38.41
N TYR B 77 -15.95 -3.07 -38.30
CA TYR B 77 -15.72 -4.14 -39.26
C TYR B 77 -16.86 -5.15 -39.24
N GLU B 78 -17.44 -5.42 -38.08
CA GLU B 78 -18.44 -6.48 -37.94
C GLU B 78 -19.87 -5.97 -38.07
N TYR B 79 -20.14 -4.73 -37.67
CA TYR B 79 -21.49 -4.18 -37.64
C TYR B 79 -21.53 -2.81 -38.27
N LYS B 80 -20.90 -2.68 -39.44
CA LYS B 80 -20.92 -1.40 -40.16
C LYS B 80 -22.33 -1.01 -40.54
N ASP B 81 -23.10 -1.96 -41.10
CA ASP B 81 -24.44 -1.63 -41.55
C ASP B 81 -25.30 -1.10 -40.42
N ALA B 82 -25.29 -1.79 -39.27
CA ALA B 82 -26.06 -1.32 -38.12
C ALA B 82 -25.57 0.04 -37.65
N LEU B 83 -24.26 0.23 -37.58
CA LEU B 83 -23.72 1.53 -37.19
C LEU B 83 -24.19 2.61 -38.16
N GLN B 84 -24.24 2.29 -39.46
CA GLN B 84 -24.75 3.24 -40.44
C GLN B 84 -26.20 3.61 -40.13
N LYS B 85 -27.05 2.61 -39.97
CA LYS B 85 -28.46 2.86 -39.69
C LYS B 85 -28.63 3.73 -38.45
N SER B 86 -27.84 3.46 -37.42
CA SER B 86 -27.94 4.22 -36.17
C SER B 86 -27.54 5.68 -36.35
N GLY B 87 -26.85 6.02 -37.44
CA GLY B 87 -26.38 7.38 -37.63
C GLY B 87 -25.14 7.74 -36.82
N GLN B 88 -24.53 6.77 -36.16
CA GLN B 88 -23.37 7.02 -35.31
C GLN B 88 -22.06 6.56 -35.94
N LEU B 89 -22.11 5.93 -37.12
CA LEU B 89 -20.89 5.41 -37.72
C LEU B 89 -19.87 6.52 -37.96
N GLY B 90 -20.33 7.66 -38.46
CA GLY B 90 -19.40 8.76 -38.71
C GLY B 90 -18.66 9.19 -37.46
N TYR B 91 -19.40 9.39 -36.36
CA TYR B 91 -18.76 9.78 -35.11
C TYR B 91 -17.74 8.73 -34.67
N LEU B 92 -18.04 7.46 -34.90
CA LEU B 92 -17.11 6.41 -34.47
C LEU B 92 -15.86 6.41 -35.35
N MET B 93 -16.04 6.52 -36.67
CA MET B 93 -14.88 6.58 -37.56
C MET B 93 -14.00 7.77 -37.21
N ASP B 94 -14.61 8.93 -36.94
CA ASP B 94 -13.83 10.08 -36.53
C ASP B 94 -12.94 9.76 -35.33
N GLN B 95 -13.48 9.04 -34.34
CA GLN B 95 -12.72 8.75 -33.14
C GLN B 95 -11.58 7.76 -33.42
N ILE B 96 -11.85 6.74 -34.24
CA ILE B 96 -10.79 5.80 -34.61
C ILE B 96 -9.62 6.55 -35.25
N LYS B 97 -9.93 7.47 -36.16
CA LYS B 97 -8.87 8.21 -36.85
C LYS B 97 -8.15 9.17 -35.93
N TRP B 98 -8.85 9.71 -34.93
CA TRP B 98 -8.19 10.54 -33.93
C TRP B 98 -7.07 9.79 -33.23
N ALA B 99 -7.36 8.57 -32.78
CA ALA B 99 -6.34 7.77 -32.09
C ALA B 99 -5.20 7.39 -33.04
N SER B 100 -5.54 6.95 -34.25
CA SER B 100 -4.50 6.44 -35.15
C SER B 100 -3.61 7.56 -35.68
N ASP B 101 -4.19 8.73 -35.98
CA ASP B 101 -3.36 9.87 -36.35
C ASP B 101 -2.30 10.13 -35.30
N TYR B 102 -2.68 10.02 -34.02
CA TYR B 102 -1.73 10.22 -32.94
C TYR B 102 -0.69 9.10 -32.90
N PHE B 103 -1.12 7.85 -33.10
CA PHE B 103 -0.15 6.76 -33.17
C PHE B 103 0.86 7.00 -34.27
N ILE B 104 0.41 7.52 -35.41
CA ILE B 104 1.34 7.81 -36.51
C ILE B 104 2.35 8.86 -36.08
N ARG B 105 1.89 9.91 -35.38
CA ARG B 105 2.81 10.93 -34.92
C ARG B 105 3.76 10.39 -33.86
N CYS B 106 3.34 9.35 -33.15
CA CYS B 106 4.19 8.70 -32.15
C CYS B 106 5.26 7.82 -32.76
N HIS B 107 5.27 7.68 -34.09
CA HIS B 107 6.16 6.75 -34.79
C HIS B 107 6.92 7.50 -35.88
N PRO B 108 7.84 8.40 -35.49
CA PRO B 108 8.52 9.23 -36.48
C PRO B 108 9.68 8.56 -37.19
N GLU B 109 10.15 7.41 -36.71
CA GLU B 109 11.18 6.63 -37.39
C GLU B 109 10.80 5.15 -37.23
N LYS B 110 11.40 4.29 -38.07
CA LYS B 110 10.95 2.91 -38.09
C LYS B 110 11.06 2.26 -36.71
N TYR B 111 12.23 2.38 -36.07
CA TYR B 111 12.48 1.76 -34.78
C TYR B 111 12.52 2.79 -33.64
N VAL B 112 11.66 3.81 -33.73
CA VAL B 112 11.44 4.76 -32.64
C VAL B 112 9.93 4.91 -32.47
N TYR B 113 9.42 4.63 -31.26
CA TYR B 113 7.99 4.74 -31.00
C TYR B 113 7.77 5.34 -29.62
N TYR B 114 7.04 6.46 -29.57
CA TYR B 114 6.68 7.06 -28.30
C TYR B 114 5.43 6.38 -27.77
N TYR B 115 5.52 5.82 -26.56
CA TYR B 115 4.45 5.00 -26.00
C TYR B 115 3.72 5.68 -24.84
N GLN B 116 4.09 6.91 -24.50
CA GLN B 116 3.42 7.55 -23.37
C GLN B 116 3.74 9.02 -23.38
N VAL B 117 2.75 9.83 -23.04
CA VAL B 117 2.94 11.25 -22.78
C VAL B 117 2.37 11.52 -21.39
N GLY B 118 3.21 12.01 -20.49
CA GLY B 118 2.80 12.22 -19.12
C GLY B 118 3.36 11.16 -18.19
N ASN B 119 3.63 11.57 -16.95
CA ASN B 119 4.14 10.70 -15.89
C ASN B 119 2.97 10.35 -14.97
N GLY B 120 2.74 9.05 -14.77
CA GLY B 120 1.54 8.62 -14.06
C GLY B 120 1.49 9.12 -12.63
N ASP B 121 2.60 8.97 -11.90
CA ASP B 121 2.60 9.40 -10.50
C ASP B 121 2.36 10.90 -10.38
N MET B 122 2.98 11.68 -11.27
CA MET B 122 2.89 13.14 -11.15
C MET B 122 1.54 13.66 -11.64
N ASP B 123 1.04 13.15 -12.77
CA ASP B 123 -0.26 13.58 -13.28
C ASP B 123 -1.38 13.30 -12.27
N HIS B 124 -1.29 12.16 -11.56
CA HIS B 124 -2.35 11.76 -10.64
C HIS B 124 -2.30 12.54 -9.33
N ARG B 125 -1.24 13.29 -9.06
CA ARG B 125 -1.24 14.18 -7.91
C ARG B 125 -2.23 15.32 -8.06
N TRP B 126 -2.65 15.65 -9.28
CA TRP B 126 -3.42 16.86 -9.55
C TRP B 126 -4.85 16.51 -9.91
N TRP B 127 -5.80 16.97 -9.09
CA TRP B 127 -7.22 16.86 -9.43
C TRP B 127 -7.67 18.17 -10.10
N VAL B 128 -7.23 18.34 -11.35
CA VAL B 128 -7.50 19.54 -12.13
C VAL B 128 -8.02 19.15 -13.51
N PRO B 129 -8.83 19.98 -14.15
CA PRO B 129 -9.39 19.63 -15.47
C PRO B 129 -8.31 19.56 -16.55
N ALA B 130 -8.67 18.86 -17.63
CA ALA B 130 -7.74 18.66 -18.75
C ALA B 130 -7.19 19.97 -19.30
N GLU B 131 -8.02 20.99 -19.36
CA GLU B 131 -7.57 22.25 -19.94
C GLU B 131 -6.64 23.02 -19.01
N CYS B 132 -6.37 22.51 -17.81
CA CYS B 132 -5.44 23.12 -16.88
C CYS B 132 -4.25 22.23 -16.52
N ILE B 133 -4.28 20.95 -16.87
CA ILE B 133 -3.31 20.01 -16.29
C ILE B 133 -1.89 20.35 -16.73
N ASP B 134 -1.70 20.73 -18.00
CA ASP B 134 -0.37 20.92 -18.53
C ASP B 134 0.35 22.11 -17.93
N VAL B 135 -0.36 22.95 -17.19
CA VAL B 135 0.26 24.07 -16.50
C VAL B 135 0.81 23.69 -15.14
N GLN B 136 0.36 22.58 -14.55
CA GLN B 136 0.71 22.26 -13.18
C GLN B 136 1.94 21.37 -13.06
N ALA B 137 2.34 20.69 -14.13
CA ALA B 137 3.46 19.76 -14.05
C ALA B 137 3.97 19.38 -15.44
N PRO B 138 5.26 19.08 -15.56
CA PRO B 138 5.79 18.60 -16.85
C PRO B 138 5.05 17.37 -17.34
N ARG B 139 5.05 17.17 -18.66
CA ARG B 139 4.41 16.04 -19.33
C ARG B 139 5.46 15.37 -20.20
N PRO B 140 6.29 14.49 -19.64
CA PRO B 140 7.39 13.92 -20.41
C PRO B 140 6.91 12.93 -21.47
N SER B 141 7.64 12.90 -22.57
CA SER B 141 7.42 11.96 -23.66
C SER B 141 8.36 10.77 -23.49
N TYR B 142 7.80 9.56 -23.46
CA TYR B 142 8.56 8.34 -23.25
C TYR B 142 8.53 7.49 -24.52
N LYS B 143 9.67 6.90 -24.86
CA LYS B 143 9.77 6.19 -26.13
C LYS B 143 10.54 4.89 -25.95
N VAL B 144 10.27 3.95 -26.87
CA VAL B 144 11.02 2.71 -26.99
C VAL B 144 11.83 2.77 -28.28
N ASP B 145 12.97 2.07 -28.28
CA ASP B 145 13.82 1.99 -29.46
C ASP B 145 14.56 0.66 -29.42
N LEU B 146 15.49 0.46 -30.37
CA LEU B 146 16.20 -0.81 -30.45
C LEU B 146 17.01 -1.09 -29.19
N SER B 147 17.50 -0.03 -28.53
CA SER B 147 18.22 -0.19 -27.27
C SER B 147 17.30 -0.26 -26.06
N ASN B 148 16.08 0.25 -26.16
CA ASN B 148 15.09 0.20 -25.09
C ASN B 148 13.77 -0.29 -25.69
N PRO B 149 13.67 -1.59 -25.97
CA PRO B 149 12.55 -2.09 -26.78
C PRO B 149 11.25 -2.20 -25.99
N GLY B 150 10.16 -2.35 -26.75
CA GLY B 150 8.83 -2.49 -26.19
C GLY B 150 7.92 -3.26 -27.13
N SER B 151 8.08 -4.58 -27.16
CA SER B 151 7.36 -5.38 -28.15
C SER B 151 5.86 -5.37 -27.92
N THR B 152 5.41 -5.32 -26.66
CA THR B 152 3.99 -5.38 -26.39
C THR B 152 3.27 -4.15 -26.93
N VAL B 153 3.82 -2.96 -26.66
CA VAL B 153 3.07 -1.76 -27.04
C VAL B 153 3.22 -1.46 -28.54
N THR B 154 4.34 -1.83 -29.15
CA THR B 154 4.49 -1.58 -30.58
C THR B 154 3.61 -2.53 -31.40
N ALA B 155 3.57 -3.81 -31.01
CA ALA B 155 2.68 -4.75 -31.67
C ALA B 155 1.22 -4.35 -31.47
N GLY B 156 0.86 -3.93 -30.25
CA GLY B 156 -0.52 -3.52 -30.02
C GLY B 156 -0.91 -2.32 -30.86
N THR B 157 0.01 -1.36 -31.01
CA THR B 157 -0.25 -0.22 -31.89
C THR B 157 -0.28 -0.65 -33.35
N ALA B 158 0.51 -1.65 -33.72
CA ALA B 158 0.44 -2.18 -35.08
C ALA B 158 -0.94 -2.73 -35.38
N ALA B 159 -1.55 -3.42 -34.41
CA ALA B 159 -2.90 -3.94 -34.61
C ALA B 159 -3.90 -2.80 -34.78
N ALA B 160 -3.75 -1.74 -34.01
CA ALA B 160 -4.67 -0.61 -34.14
C ALA B 160 -4.59 0.00 -35.53
N LEU B 161 -3.37 0.19 -36.03
CA LEU B 161 -3.21 0.80 -37.35
C LEU B 161 -3.70 -0.14 -38.45
N ALA B 162 -3.44 -1.45 -38.32
CA ALA B 162 -3.93 -2.39 -39.31
C ALA B 162 -5.45 -2.37 -39.39
N ALA B 163 -6.11 -2.44 -38.24
CA ALA B 163 -7.58 -2.44 -38.23
C ALA B 163 -8.14 -1.10 -38.69
N THR B 164 -7.48 0.00 -38.34
CA THR B 164 -7.88 1.30 -38.88
C THR B 164 -7.83 1.28 -40.40
N ALA B 165 -6.72 0.81 -40.96
CA ALA B 165 -6.60 0.74 -42.42
C ALA B 165 -7.70 -0.13 -43.00
N LEU B 166 -8.05 -1.21 -42.32
CA LEU B 166 -9.09 -2.12 -42.80
C LEU B 166 -10.41 -1.39 -42.99
N VAL B 167 -10.80 -0.58 -42.01
CA VAL B 167 -12.12 0.03 -42.04
C VAL B 167 -12.15 1.33 -42.86
N PHE B 168 -10.99 1.95 -43.11
CA PHE B 168 -10.93 3.20 -43.87
C PHE B 168 -10.58 3.01 -45.33
N LYS B 169 -10.18 1.79 -45.74
CA LYS B 169 -9.68 1.60 -47.10
C LYS B 169 -10.70 2.00 -48.16
N ASP B 170 -11.99 1.81 -47.88
CA ASP B 170 -13.00 2.11 -48.88
C ASP B 170 -13.11 3.62 -49.12
N THR B 171 -13.04 4.41 -48.05
CA THR B 171 -13.29 5.85 -48.15
C THR B 171 -12.01 6.65 -48.32
N ASP B 172 -10.95 6.29 -47.60
CA ASP B 172 -9.68 7.03 -47.63
C ASP B 172 -8.55 6.04 -47.89
N PRO B 173 -8.45 5.54 -49.12
CA PRO B 173 -7.42 4.51 -49.39
C PRO B 173 -6.00 5.00 -49.13
N ALA B 174 -5.71 6.27 -49.41
CA ALA B 174 -4.38 6.80 -49.12
C ALA B 174 -4.07 6.73 -47.63
N TYR B 175 -5.03 7.12 -46.79
CA TYR B 175 -4.83 7.03 -45.35
C TYR B 175 -4.63 5.58 -44.91
N ALA B 176 -5.34 4.65 -45.56
CA ALA B 176 -5.18 3.24 -45.21
C ALA B 176 -3.77 2.75 -45.53
N ALA B 177 -3.22 3.16 -46.68
CA ALA B 177 -1.85 2.78 -47.03
C ALA B 177 -0.87 3.30 -45.98
N LEU B 178 -1.06 4.52 -45.50
CA LEU B 178 -0.18 5.08 -44.49
C LEU B 178 -0.24 4.27 -43.20
N CYS B 179 -1.45 3.92 -42.76
CA CYS B 179 -1.59 3.11 -41.55
C CYS B 179 -0.95 1.74 -41.72
N ILE B 180 -1.11 1.13 -42.91
CA ILE B 180 -0.56 -0.20 -43.14
C ILE B 180 0.97 -0.18 -43.08
N ARG B 181 1.59 0.82 -43.71
CA ARG B 181 3.04 0.89 -43.69
C ARG B 181 3.55 1.02 -42.26
N HIS B 182 2.96 1.91 -41.48
CA HIS B 182 3.36 2.05 -40.08
C HIS B 182 3.10 0.75 -39.31
N ALA B 183 1.97 0.09 -39.59
CA ALA B 183 1.65 -1.13 -38.86
C ALA B 183 2.70 -2.21 -39.11
N LYS B 184 3.07 -2.42 -40.37
CA LYS B 184 4.09 -3.42 -40.68
C LYS B 184 5.44 -3.06 -40.07
N GLU B 185 5.77 -1.76 -40.05
CA GLU B 185 7.01 -1.32 -39.44
C GLU B 185 7.02 -1.60 -37.94
N LEU B 186 5.92 -1.27 -37.27
CA LEU B 186 5.82 -1.51 -35.83
C LEU B 186 5.82 -2.99 -35.52
N PHE B 187 5.20 -3.81 -36.38
CA PHE B 187 5.24 -5.25 -36.19
C PHE B 187 6.66 -5.78 -36.31
N ASP B 188 7.40 -5.34 -37.34
CA ASP B 188 8.78 -5.77 -37.49
C ASP B 188 9.63 -5.26 -36.32
N PHE B 189 9.34 -4.05 -35.85
CA PHE B 189 10.02 -3.52 -34.67
C PHE B 189 9.83 -4.44 -33.47
N ALA B 190 8.58 -4.80 -33.19
CA ALA B 190 8.30 -5.67 -32.05
C ALA B 190 8.94 -7.04 -32.22
N GLU B 191 8.71 -7.68 -33.36
CA GLU B 191 9.20 -9.03 -33.57
C GLU B 191 10.72 -9.10 -33.58
N THR B 192 11.38 -8.02 -34.01
CA THR B 192 12.83 -8.00 -34.05
C THR B 192 13.44 -7.95 -32.66
N THR B 193 12.78 -7.29 -31.71
CA THR B 193 13.38 -7.02 -30.40
C THR B 193 13.00 -8.06 -29.36
N MET B 194 11.77 -8.56 -29.37
CA MET B 194 11.27 -9.53 -28.41
C MET B 194 11.70 -9.18 -26.99
N SER B 195 11.31 -7.97 -26.57
CA SER B 195 11.68 -7.48 -25.25
C SER B 195 10.82 -6.29 -24.88
N ASP B 196 10.46 -6.20 -23.60
CA ASP B 196 9.79 -5.04 -23.03
C ASP B 196 10.71 -4.28 -22.09
N LYS B 197 12.03 -4.37 -22.30
CA LYS B 197 12.97 -3.81 -21.35
C LYS B 197 12.88 -2.28 -21.30
N GLY B 198 12.47 -1.65 -22.39
CA GLY B 198 12.30 -0.20 -22.43
C GLY B 198 10.93 0.28 -22.07
N TYR B 199 9.97 -0.63 -21.91
CA TYR B 199 8.58 -0.27 -21.60
C TYR B 199 8.45 -0.16 -20.09
N THR B 200 8.87 0.99 -19.57
CA THR B 200 8.99 1.20 -18.13
C THR B 200 8.07 2.25 -17.55
N ALA B 201 7.69 3.27 -18.31
CA ALA B 201 6.91 4.39 -17.76
C ALA B 201 5.52 3.98 -17.34
N ALA B 202 5.01 2.87 -17.87
CA ALA B 202 3.67 2.38 -17.54
C ALA B 202 3.66 1.41 -16.38
N LEU B 203 4.82 1.12 -15.77
CA LEU B 203 4.86 0.25 -14.60
C LEU B 203 3.84 0.72 -13.56
N ASN B 204 3.12 -0.25 -12.99
CA ASN B 204 2.09 -0.08 -11.97
C ASN B 204 0.78 0.44 -12.57
N PHE B 205 0.74 0.81 -13.85
CA PHE B 205 -0.49 1.27 -14.49
C PHE B 205 -0.94 0.31 -15.59
N TYR B 206 -0.11 0.06 -16.59
CA TYR B 206 -0.45 -0.83 -17.70
C TYR B 206 0.75 -1.73 -18.03
N THR B 207 1.30 -2.37 -16.99
CA THR B 207 2.37 -3.34 -17.19
C THR B 207 1.87 -4.50 -18.04
N SER B 208 2.69 -4.91 -19.00
CA SER B 208 2.40 -6.10 -19.81
C SER B 208 2.67 -7.34 -18.96
N HIS B 209 1.61 -8.03 -18.56
CA HIS B 209 1.73 -9.19 -17.68
C HIS B 209 1.75 -10.51 -18.44
N SER B 210 1.01 -10.62 -19.54
CA SER B 210 0.77 -11.89 -20.21
C SER B 210 1.77 -12.18 -21.34
N GLY B 211 2.58 -11.21 -21.74
CA GLY B 211 3.52 -11.40 -22.82
C GLY B 211 3.06 -10.72 -24.11
N TRP B 212 4.01 -10.51 -25.02
CA TRP B 212 3.76 -9.84 -26.29
C TRP B 212 3.41 -10.81 -27.41
N TYR B 213 3.48 -12.12 -27.18
CA TYR B 213 3.25 -13.04 -28.28
C TYR B 213 1.80 -13.06 -28.72
N ASP B 214 0.87 -12.83 -27.80
CA ASP B 214 -0.52 -12.69 -28.23
C ASP B 214 -0.75 -11.36 -28.96
N GLU B 215 -0.03 -10.31 -28.60
CA GLU B 215 -0.13 -9.07 -29.36
C GLU B 215 0.36 -9.26 -30.79
N LEU B 216 1.43 -10.06 -30.98
CA LEU B 216 1.92 -10.28 -32.32
C LEU B 216 0.89 -11.02 -33.18
N SER B 217 0.25 -12.05 -32.63
CA SER B 217 -0.81 -12.74 -33.36
C SER B 217 -2.00 -11.82 -33.60
N TRP B 218 -2.38 -11.07 -32.57
CA TRP B 218 -3.41 -10.04 -32.70
C TRP B 218 -3.09 -9.11 -33.87
N ALA B 219 -1.90 -8.49 -33.84
CA ALA B 219 -1.52 -7.56 -34.90
C ALA B 219 -1.40 -8.25 -36.26
N GLY B 220 -0.78 -9.44 -36.28
CA GLY B 220 -0.60 -10.12 -37.56
C GLY B 220 -1.92 -10.45 -38.23
N ALA B 221 -2.93 -10.83 -37.45
CA ALA B 221 -4.24 -11.15 -38.03
C ALA B 221 -4.89 -9.90 -38.61
N TRP B 222 -4.89 -8.80 -37.87
CA TRP B 222 -5.45 -7.55 -38.41
C TRP B 222 -4.68 -7.09 -39.63
N ILE B 223 -3.35 -7.30 -39.64
CA ILE B 223 -2.56 -6.94 -40.82
C ILE B 223 -2.98 -7.78 -42.01
N TYR B 224 -3.22 -9.08 -41.80
CA TYR B 224 -3.66 -9.92 -42.91
C TYR B 224 -5.04 -9.49 -43.39
N LEU B 225 -5.98 -9.34 -42.47
CA LEU B 225 -7.33 -8.91 -42.83
C LEU B 225 -7.33 -7.59 -43.59
N ALA B 226 -6.40 -6.69 -43.27
CA ALA B 226 -6.37 -5.38 -43.89
C ALA B 226 -5.62 -5.35 -45.22
N ASP B 227 -4.66 -6.26 -45.40
CA ASP B 227 -3.69 -6.14 -46.48
C ASP B 227 -3.44 -7.43 -47.26
N GLY B 228 -3.82 -8.59 -46.73
CA GLY B 228 -3.68 -9.83 -47.45
C GLY B 228 -2.28 -10.41 -47.50
N ASP B 229 -1.31 -9.78 -46.84
CA ASP B 229 0.04 -10.32 -46.80
C ASP B 229 0.02 -11.61 -46.00
N GLU B 230 0.12 -12.75 -46.68
CA GLU B 230 0.09 -14.04 -46.00
C GLU B 230 1.22 -14.15 -44.98
N THR B 231 2.31 -13.41 -45.18
CA THR B 231 3.42 -13.46 -44.25
C THR B 231 2.99 -13.19 -42.82
N TYR B 232 2.08 -12.22 -42.63
CA TYR B 232 1.70 -11.84 -41.28
C TYR B 232 0.65 -12.78 -40.70
N LEU B 233 -0.14 -13.44 -41.54
CA LEU B 233 -0.94 -14.56 -41.05
C LEU B 233 -0.03 -15.70 -40.58
N GLU B 234 0.97 -16.05 -41.41
CA GLU B 234 1.93 -17.08 -41.01
C GLU B 234 2.55 -16.74 -39.66
N LYS B 235 2.97 -15.48 -39.50
CA LYS B 235 3.62 -15.08 -38.25
C LYS B 235 2.65 -15.13 -37.08
N ALA B 236 1.38 -14.76 -37.31
CA ALA B 236 0.40 -14.79 -36.24
C ALA B 236 0.23 -16.20 -35.67
N GLU B 237 0.10 -17.19 -36.55
CA GLU B 237 -0.04 -18.56 -36.09
C GLU B 237 1.25 -19.11 -35.50
N LYS B 238 2.39 -18.55 -35.89
CA LYS B 238 3.68 -19.05 -35.40
C LYS B 238 3.81 -18.90 -33.90
N TYR B 239 3.25 -17.83 -33.32
CA TYR B 239 3.42 -17.52 -31.91
C TYR B 239 2.26 -17.97 -31.04
N VAL B 240 1.40 -18.85 -31.56
CA VAL B 240 0.25 -19.30 -30.80
C VAL B 240 0.70 -20.16 -29.61
N ASP B 241 1.77 -20.92 -29.74
CA ASP B 241 2.21 -21.73 -28.62
C ASP B 241 2.90 -20.91 -27.53
N LYS B 242 3.06 -19.60 -27.72
CA LYS B 242 3.56 -18.70 -26.69
C LYS B 242 2.45 -17.84 -26.08
N TRP B 243 1.19 -18.13 -26.40
CA TRP B 243 0.07 -17.46 -25.77
C TRP B 243 -0.05 -17.91 -24.31
N PRO B 244 -0.81 -17.15 -23.50
CA PRO B 244 -1.10 -17.61 -22.14
C PRO B 244 -1.65 -19.03 -22.11
N ILE B 245 -1.21 -19.80 -21.12
CA ILE B 245 -1.64 -21.17 -20.91
C ILE B 245 -2.49 -21.24 -19.65
N GLU B 246 -3.58 -22.01 -19.70
CA GLU B 246 -4.37 -22.24 -18.50
C GLU B 246 -3.53 -23.01 -17.49
N SER B 247 -3.50 -22.54 -16.25
CA SER B 247 -2.58 -23.07 -15.25
C SER B 247 -2.78 -24.56 -15.06
N GLN B 248 -1.66 -25.27 -14.95
CA GLN B 248 -1.64 -26.70 -14.68
C GLN B 248 -2.24 -27.52 -15.82
N THR B 249 -2.30 -26.96 -17.02
CA THR B 249 -2.78 -27.67 -18.19
C THR B 249 -1.90 -27.33 -19.38
N THR B 250 -2.18 -27.98 -20.52
CA THR B 250 -1.58 -27.64 -21.79
C THR B 250 -2.55 -26.88 -22.68
N TYR B 251 -3.67 -26.41 -22.11
CA TYR B 251 -4.65 -25.65 -22.85
C TYR B 251 -4.20 -24.20 -23.01
N ILE B 252 -4.49 -23.63 -24.17
CA ILE B 252 -4.51 -22.18 -24.26
C ILE B 252 -5.44 -21.64 -23.18
N ALA B 253 -4.99 -20.61 -22.48
CA ALA B 253 -5.77 -20.06 -21.37
C ALA B 253 -7.20 -19.78 -21.82
N TYR B 254 -8.15 -20.06 -20.94
CA TYR B 254 -9.55 -19.78 -21.25
C TYR B 254 -10.33 -19.11 -20.12
N SER B 255 -9.80 -19.01 -18.90
CA SER B 255 -10.58 -18.60 -17.75
C SER B 255 -10.48 -17.11 -17.43
N TRP B 256 -9.79 -16.32 -18.25
CA TRP B 256 -9.80 -14.86 -18.14
C TRP B 256 -10.67 -14.31 -19.27
N GLY B 257 -10.36 -13.12 -19.77
CA GLY B 257 -11.13 -12.51 -20.83
C GLY B 257 -10.28 -11.57 -21.66
N HIS B 258 -10.77 -11.29 -22.87
CA HIS B 258 -10.17 -10.29 -23.73
C HIS B 258 -10.10 -8.95 -23.01
N CYS B 259 -8.94 -8.32 -23.02
CA CYS B 259 -8.73 -7.02 -22.39
C CYS B 259 -7.40 -6.46 -22.88
N TRP B 260 -7.11 -5.23 -22.46
CA TRP B 260 -5.92 -4.53 -22.94
C TRP B 260 -4.64 -5.34 -22.74
N ASP B 261 -4.59 -6.14 -21.68
CA ASP B 261 -3.38 -6.90 -21.39
C ASP B 261 -3.36 -8.28 -22.00
N ASP B 262 -4.51 -8.87 -22.28
CA ASP B 262 -4.58 -10.22 -22.83
C ASP B 262 -5.51 -10.21 -24.04
N VAL B 263 -4.92 -10.15 -25.24
CA VAL B 263 -5.68 -10.08 -26.47
C VAL B 263 -5.69 -11.42 -27.20
N HIS B 264 -5.18 -12.49 -26.58
CA HIS B 264 -5.18 -13.77 -27.28
C HIS B 264 -6.58 -14.33 -27.45
N TYR B 265 -7.53 -13.94 -26.60
CA TYR B 265 -8.92 -14.36 -26.79
C TYR B 265 -9.45 -13.83 -28.11
N GLY B 266 -9.33 -12.52 -28.34
CA GLY B 266 -9.76 -11.97 -29.61
C GLY B 266 -8.97 -12.52 -30.78
N ALA B 267 -7.66 -12.69 -30.60
CA ALA B 267 -6.84 -13.22 -31.69
C ALA B 267 -7.31 -14.59 -32.11
N ALA B 268 -7.66 -15.44 -31.15
CA ALA B 268 -8.16 -16.78 -31.47
C ALA B 268 -9.46 -16.70 -32.25
N LEU B 269 -10.34 -15.76 -31.89
CA LEU B 269 -11.59 -15.60 -32.62
C LEU B 269 -11.32 -15.25 -34.08
N LEU B 270 -10.54 -14.18 -34.31
CA LEU B 270 -10.20 -13.78 -35.67
C LEU B 270 -9.55 -14.92 -36.44
N LEU B 271 -8.57 -15.59 -35.83
CA LEU B 271 -7.85 -16.65 -36.54
C LEU B 271 -8.75 -17.84 -36.84
N ALA B 272 -9.78 -18.07 -36.04
CA ALA B 272 -10.73 -19.13 -36.35
C ALA B 272 -11.57 -18.76 -37.57
N LYS B 273 -12.05 -17.51 -37.63
CA LYS B 273 -12.81 -17.10 -38.81
C LYS B 273 -11.94 -17.05 -40.06
N ILE B 274 -10.66 -16.68 -39.91
CA ILE B 274 -9.77 -16.63 -41.06
C ILE B 274 -9.47 -18.04 -41.57
N THR B 275 -9.04 -18.94 -40.68
CA THR B 275 -8.52 -20.24 -41.09
C THR B 275 -9.52 -21.39 -40.94
N ASN B 276 -10.50 -21.26 -40.06
CA ASN B 276 -11.43 -22.32 -39.71
C ASN B 276 -10.73 -23.53 -39.07
N LYS B 277 -9.48 -23.35 -38.63
CA LYS B 277 -8.76 -24.42 -37.97
C LYS B 277 -9.38 -24.75 -36.61
N SER B 278 -9.27 -26.01 -36.21
CA SER B 278 -9.95 -26.49 -35.00
C SER B 278 -9.31 -25.93 -33.74
N LEU B 279 -8.01 -25.66 -33.75
CA LEU B 279 -7.36 -25.13 -32.56
C LEU B 279 -8.04 -23.85 -32.11
N TYR B 280 -8.26 -22.94 -33.05
CA TYR B 280 -8.81 -21.64 -32.69
C TYR B 280 -10.28 -21.76 -32.30
N LYS B 281 -11.05 -22.57 -33.03
CA LYS B 281 -12.45 -22.77 -32.67
C LYS B 281 -12.59 -23.38 -31.28
N GLU B 282 -11.73 -24.35 -30.96
CA GLU B 282 -11.79 -24.96 -29.63
C GLU B 282 -11.47 -23.95 -28.54
N ALA B 283 -10.45 -23.12 -28.77
CA ALA B 283 -10.00 -22.21 -27.72
C ALA B 283 -11.07 -21.18 -27.37
N ILE B 284 -11.75 -20.62 -28.37
CA ILE B 284 -12.76 -19.61 -28.07
C ILE B 284 -14.03 -20.24 -27.54
N GLU B 285 -14.37 -21.46 -27.97
CA GLU B 285 -15.53 -22.15 -27.40
C GLU B 285 -15.26 -22.57 -25.97
N ARG B 286 -14.05 -23.06 -25.68
CA ARG B 286 -13.64 -23.29 -24.30
C ARG B 286 -13.89 -22.04 -23.46
N HIS B 287 -13.44 -20.89 -23.96
CA HIS B 287 -13.56 -19.62 -23.24
C HIS B 287 -15.02 -19.22 -23.07
N LEU B 288 -15.77 -19.14 -24.17
CA LEU B 288 -17.15 -18.71 -24.07
C LEU B 288 -17.99 -19.71 -23.31
N ASP B 289 -17.69 -21.01 -23.45
CA ASP B 289 -18.36 -22.02 -22.62
C ASP B 289 -18.10 -21.75 -21.13
N TYR B 290 -16.83 -21.53 -20.78
CA TYR B 290 -16.50 -21.26 -19.38
C TYR B 290 -17.29 -20.07 -18.84
N TRP B 291 -17.50 -19.05 -19.67
CA TRP B 291 -18.22 -17.86 -19.24
C TRP B 291 -19.73 -18.03 -19.24
N THR B 292 -20.25 -19.16 -19.75
CA THR B 292 -21.69 -19.39 -19.76
C THR B 292 -22.05 -20.68 -19.05
N VAL B 293 -22.09 -21.80 -19.78
CA VAL B 293 -22.54 -23.06 -19.19
C VAL B 293 -21.47 -23.78 -18.41
N GLY B 294 -20.23 -23.31 -18.46
CA GLY B 294 -19.14 -23.95 -17.77
C GLY B 294 -18.31 -24.84 -18.69
N PHE B 295 -17.12 -25.18 -18.22
CA PHE B 295 -16.23 -26.06 -18.97
C PHE B 295 -15.42 -26.90 -17.99
N ASN B 296 -15.43 -28.22 -18.20
CA ASN B 296 -14.68 -29.14 -17.34
C ASN B 296 -15.04 -28.91 -15.87
N GLY B 297 -16.32 -28.65 -15.62
CA GLY B 297 -16.83 -28.50 -14.28
C GLY B 297 -16.63 -27.13 -13.64
N GLN B 298 -15.89 -26.23 -14.28
CA GLN B 298 -15.61 -24.91 -13.74
C GLN B 298 -16.35 -23.84 -14.54
N ARG B 299 -16.60 -22.71 -13.89
CA ARG B 299 -17.42 -21.65 -14.48
C ARG B 299 -17.06 -20.32 -13.88
N VAL B 300 -17.15 -19.27 -14.69
CA VAL B 300 -16.87 -17.93 -14.19
C VAL B 300 -17.84 -17.60 -13.05
N ARG B 301 -17.36 -16.85 -12.08
CA ARG B 301 -18.21 -16.36 -11.01
C ARG B 301 -19.39 -15.59 -11.60
N TYR B 302 -20.53 -15.66 -10.91
CA TYR B 302 -21.73 -14.95 -11.31
C TYR B 302 -22.37 -14.33 -10.07
N THR B 303 -22.82 -13.08 -10.20
CA THR B 303 -23.60 -12.48 -9.13
C THR B 303 -25.01 -13.04 -9.16
N PRO B 304 -25.74 -12.94 -8.04
CA PRO B 304 -27.13 -13.43 -8.05
C PRO B 304 -28.00 -12.78 -9.11
N LYS B 305 -27.69 -11.56 -9.53
CA LYS B 305 -28.49 -10.86 -10.54
C LYS B 305 -27.93 -11.02 -11.94
N GLY B 306 -27.03 -11.97 -12.15
CA GLY B 306 -26.70 -12.43 -13.48
C GLY B 306 -25.52 -11.79 -14.17
N LEU B 307 -24.68 -11.06 -13.43
CA LEU B 307 -23.48 -10.46 -14.00
C LEU B 307 -22.33 -11.46 -13.92
N ALA B 308 -21.73 -11.76 -15.08
CA ALA B 308 -20.48 -12.51 -15.12
C ALA B 308 -19.38 -11.64 -14.50
N HIS B 309 -18.86 -12.08 -13.36
CA HIS B 309 -18.03 -11.25 -12.48
C HIS B 309 -16.62 -11.84 -12.42
N LEU B 310 -15.75 -11.40 -13.35
CA LEU B 310 -14.42 -11.99 -13.44
C LEU B 310 -13.52 -11.50 -12.31
N THR B 311 -13.59 -10.22 -11.99
CA THR B 311 -12.70 -9.62 -11.01
C THR B 311 -13.32 -8.32 -10.53
N ASP B 312 -12.74 -7.75 -9.48
CA ASP B 312 -13.33 -6.55 -8.89
C ASP B 312 -13.03 -5.30 -9.69
N TRP B 313 -11.89 -5.23 -10.38
CA TRP B 313 -11.49 -4.00 -11.05
C TRP B 313 -12.00 -4.00 -12.49
N GLY B 314 -12.88 -3.05 -12.80
CA GLY B 314 -13.46 -2.95 -14.12
C GLY B 314 -14.25 -4.18 -14.49
N VAL B 315 -15.13 -4.63 -13.59
CA VAL B 315 -15.87 -5.87 -13.82
C VAL B 315 -16.76 -5.74 -15.05
N LEU B 316 -17.40 -4.58 -15.23
CA LEU B 316 -18.32 -4.39 -16.35
C LEU B 316 -17.55 -4.32 -17.67
N ARG B 317 -16.37 -3.70 -17.65
CA ARG B 317 -15.49 -3.75 -18.81
C ARG B 317 -15.27 -5.19 -19.28
N HIS B 318 -15.00 -6.10 -18.33
CA HIS B 318 -14.69 -7.48 -18.68
C HIS B 318 -15.92 -8.21 -19.23
N ALA B 319 -17.07 -8.06 -18.55
CA ALA B 319 -18.26 -8.77 -19.00
C ALA B 319 -18.71 -8.30 -20.37
N THR B 320 -18.72 -6.99 -20.61
CA THR B 320 -19.22 -6.48 -21.88
C THR B 320 -18.28 -6.82 -23.03
N THR B 321 -16.99 -6.94 -22.75
CA THR B 321 -16.04 -7.32 -23.80
C THR B 321 -16.21 -8.79 -24.17
N THR B 322 -16.28 -9.67 -23.16
CA THR B 322 -16.59 -11.06 -23.44
C THR B 322 -17.93 -11.19 -24.14
N ALA B 323 -18.92 -10.41 -23.71
CA ALA B 323 -20.20 -10.41 -24.40
C ALA B 323 -20.05 -10.04 -25.87
N PHE B 324 -19.25 -9.03 -26.18
CA PHE B 324 -19.03 -8.66 -27.58
C PHE B 324 -18.40 -9.81 -28.35
N LEU B 325 -17.34 -10.39 -27.81
CA LEU B 325 -16.76 -11.58 -28.43
C LEU B 325 -17.84 -12.63 -28.69
N ALA B 326 -18.75 -12.81 -27.74
CA ALA B 326 -19.83 -13.78 -27.95
C ALA B 326 -20.72 -13.39 -29.12
N CYS B 327 -20.92 -12.08 -29.32
CA CYS B 327 -21.72 -11.64 -30.47
C CYS B 327 -21.02 -12.00 -31.76
N VAL B 328 -19.72 -11.73 -31.85
CA VAL B 328 -18.98 -11.97 -33.09
C VAL B 328 -18.98 -13.46 -33.43
N TYR B 329 -18.65 -14.30 -32.44
CA TYR B 329 -18.57 -15.74 -32.72
C TYR B 329 -19.95 -16.33 -32.98
N SER B 330 -20.98 -15.83 -32.27
CA SER B 330 -22.32 -16.34 -32.49
C SER B 330 -22.86 -15.99 -33.87
N ASP B 331 -22.45 -14.85 -34.43
CA ASP B 331 -22.86 -14.49 -35.79
C ASP B 331 -22.15 -15.33 -36.85
N TRP B 332 -21.02 -15.94 -36.51
CA TRP B 332 -20.27 -16.73 -37.48
C TRP B 332 -21.08 -17.95 -37.91
N SER B 333 -20.93 -18.32 -39.19
CA SER B 333 -21.68 -19.44 -39.73
C SER B 333 -21.20 -20.79 -39.22
N GLU B 334 -19.95 -20.89 -38.79
CA GLU B 334 -19.40 -22.14 -38.30
C GLU B 334 -19.58 -22.33 -36.79
N CYS B 335 -20.25 -21.40 -36.11
CA CYS B 335 -20.55 -21.60 -34.70
C CYS B 335 -21.69 -22.61 -34.56
N PRO B 336 -21.53 -23.66 -33.76
CA PRO B 336 -22.64 -24.60 -33.57
C PRO B 336 -23.91 -23.86 -33.15
N ARG B 337 -25.03 -24.30 -33.71
CA ARG B 337 -26.28 -23.57 -33.52
C ARG B 337 -26.65 -23.47 -32.04
N GLU B 338 -26.55 -24.57 -31.30
CA GLU B 338 -26.96 -24.56 -29.90
C GLU B 338 -26.07 -23.62 -29.09
N LYS B 339 -24.75 -23.68 -29.31
CA LYS B 339 -23.85 -22.78 -28.59
C LYS B 339 -24.08 -21.34 -29.00
N ALA B 340 -24.46 -21.09 -30.26
CA ALA B 340 -24.73 -19.73 -30.71
C ALA B 340 -25.84 -19.10 -29.88
N ASN B 341 -26.93 -19.83 -29.68
CA ASN B 341 -28.06 -19.29 -28.92
C ASN B 341 -27.67 -19.00 -27.49
N ILE B 342 -26.86 -19.85 -26.88
CA ILE B 342 -26.39 -19.60 -25.52
C ILE B 342 -25.52 -18.35 -25.49
N TYR B 343 -24.64 -18.21 -26.47
CA TYR B 343 -23.75 -17.05 -26.51
C TYR B 343 -24.53 -15.76 -26.63
N ILE B 344 -25.46 -15.69 -27.59
CA ILE B 344 -26.16 -14.42 -27.82
C ILE B 344 -27.08 -14.09 -26.65
N ASP B 345 -27.69 -15.10 -26.02
CA ASP B 345 -28.48 -14.84 -24.82
C ASP B 345 -27.58 -14.33 -23.69
N PHE B 346 -26.39 -14.90 -23.56
CA PHE B 346 -25.42 -14.37 -22.60
C PHE B 346 -25.08 -12.92 -22.93
N ALA B 347 -24.90 -12.61 -24.21
CA ALA B 347 -24.53 -11.25 -24.60
C ALA B 347 -25.59 -10.25 -24.16
N LYS B 348 -26.86 -10.54 -24.46
CA LYS B 348 -27.92 -9.61 -24.09
C LYS B 348 -28.00 -9.46 -22.58
N LYS B 349 -27.85 -10.57 -21.85
CA LYS B 349 -27.94 -10.50 -20.39
C LYS B 349 -26.90 -9.53 -19.82
N GLN B 350 -25.66 -9.60 -20.32
CA GLN B 350 -24.62 -8.70 -19.82
C GLN B 350 -24.89 -7.27 -20.28
N ALA B 351 -25.30 -7.10 -21.54
CA ALA B 351 -25.66 -5.77 -22.01
C ALA B 351 -26.76 -5.17 -21.16
N ASP B 352 -27.83 -5.94 -20.92
CA ASP B 352 -28.94 -5.41 -20.14
C ASP B 352 -28.55 -5.14 -18.69
N TYR B 353 -27.58 -5.88 -18.15
CA TYR B 353 -27.13 -5.59 -16.80
C TYR B 353 -26.41 -4.25 -16.74
N ALA B 354 -25.54 -3.98 -17.70
CA ALA B 354 -24.90 -2.68 -17.77
C ALA B 354 -25.92 -1.56 -17.92
N LEU B 355 -27.03 -1.82 -18.63
CA LEU B 355 -27.99 -0.78 -18.95
C LEU B 355 -29.08 -0.60 -17.90
N GLY B 356 -29.29 -1.56 -17.00
CA GLY B 356 -30.20 -1.32 -15.89
C GLY B 356 -30.96 -2.49 -15.32
N SER B 357 -30.68 -3.72 -15.75
CA SER B 357 -31.53 -4.84 -15.36
C SER B 357 -31.51 -5.09 -13.87
N SER B 358 -30.42 -4.73 -13.19
CA SER B 358 -30.32 -4.97 -11.75
C SER B 358 -31.04 -3.91 -10.92
N GLY B 359 -31.72 -2.97 -11.56
CA GLY B 359 -32.40 -1.88 -10.88
C GLY B 359 -31.83 -0.50 -11.16
N ARG B 360 -30.70 -0.40 -11.87
CA ARG B 360 -30.10 0.89 -12.14
C ARG B 360 -29.10 0.75 -13.27
N SER B 361 -29.00 1.82 -14.07
CA SER B 361 -27.98 1.89 -15.12
C SER B 361 -26.59 2.07 -14.51
N TYR B 362 -25.60 1.48 -15.17
CA TYR B 362 -24.20 1.72 -14.85
C TYR B 362 -23.50 2.53 -15.95
N VAL B 363 -24.28 3.24 -16.75
CA VAL B 363 -23.76 4.08 -17.82
C VAL B 363 -24.14 5.53 -17.49
N VAL B 364 -23.12 6.37 -17.31
CA VAL B 364 -23.39 7.77 -16.95
C VAL B 364 -24.29 8.40 -18.00
N GLY B 365 -25.26 9.18 -17.53
CA GLY B 365 -26.13 9.92 -18.43
C GLY B 365 -27.13 9.10 -19.21
N PHE B 366 -27.38 7.86 -18.79
CA PHE B 366 -28.32 6.99 -19.48
C PHE B 366 -29.18 6.24 -18.47
N GLY B 367 -30.47 6.13 -18.76
CA GLY B 367 -31.33 5.19 -18.06
C GLY B 367 -31.73 5.65 -16.68
N VAL B 368 -32.06 4.66 -15.84
CA VAL B 368 -32.60 4.90 -14.51
C VAL B 368 -31.46 5.02 -13.51
N ASN B 369 -31.42 6.13 -12.79
CA ASN B 369 -30.49 6.34 -11.69
C ASN B 369 -29.04 6.06 -12.10
N PRO B 370 -28.55 6.68 -13.15
CA PRO B 370 -27.17 6.41 -13.59
C PRO B 370 -26.16 6.93 -12.59
N PRO B 371 -24.91 6.46 -12.65
CA PRO B 371 -23.86 7.04 -11.80
C PRO B 371 -23.66 8.51 -12.10
N GLN B 372 -23.53 9.31 -11.05
CA GLN B 372 -23.38 10.75 -11.18
C GLN B 372 -22.06 11.29 -10.68
N HIS B 373 -21.23 10.50 -10.01
CA HIS B 373 -19.95 10.98 -9.51
C HIS B 373 -18.80 10.12 -10.01
N PRO B 374 -18.66 9.95 -11.32
CA PRO B 374 -17.53 9.14 -11.83
C PRO B 374 -16.18 9.76 -11.48
N HIS B 375 -15.22 8.89 -11.18
CA HIS B 375 -13.85 9.27 -10.86
C HIS B 375 -13.20 9.84 -12.13
N HIS B 376 -13.47 11.12 -12.39
CA HIS B 376 -13.06 11.74 -13.65
C HIS B 376 -12.84 13.22 -13.39
N ARG B 377 -11.60 13.69 -13.59
CA ARG B 377 -11.23 15.04 -13.17
C ARG B 377 -11.95 16.11 -13.98
N THR B 378 -12.12 15.91 -15.28
CA THR B 378 -12.63 16.97 -16.14
C THR B 378 -14.15 17.04 -16.12
N ALA B 379 -14.84 15.91 -15.96
CA ALA B 379 -16.29 15.98 -15.80
C ALA B 379 -16.67 16.56 -14.45
N HIS B 380 -15.86 16.29 -13.42
CA HIS B 380 -16.11 16.88 -12.11
C HIS B 380 -15.79 18.38 -12.14
N SER B 381 -14.55 18.72 -12.49
CA SER B 381 -14.14 20.10 -12.72
C SER B 381 -14.00 20.88 -11.42
N SER B 382 -13.09 20.44 -10.56
CA SER B 382 -12.76 21.17 -9.35
C SER B 382 -12.09 22.49 -9.68
N TRP B 383 -12.38 23.53 -8.89
CA TRP B 383 -11.64 24.77 -8.99
C TRP B 383 -10.53 24.88 -7.96
N CYS B 384 -10.28 23.84 -7.16
CA CYS B 384 -9.31 23.95 -6.09
C CYS B 384 -8.66 22.61 -5.78
N ASP B 385 -8.42 21.79 -6.81
CA ASP B 385 -7.59 20.59 -6.66
C ASP B 385 -8.15 19.68 -5.56
N SER B 386 -9.46 19.43 -5.61
CA SER B 386 -10.11 18.62 -4.60
C SER B 386 -11.25 17.80 -5.19
N GLN B 387 -11.29 16.51 -4.88
CA GLN B 387 -12.41 15.67 -5.27
C GLN B 387 -13.71 16.11 -4.62
N LYS B 388 -13.63 16.79 -3.48
CA LYS B 388 -14.80 17.14 -2.69
C LYS B 388 -15.45 18.45 -3.11
N VAL B 389 -14.82 19.21 -4.01
CA VAL B 389 -15.31 20.55 -4.36
C VAL B 389 -15.25 20.72 -5.87
N PRO B 390 -16.39 20.90 -6.56
CA PRO B 390 -17.75 21.00 -6.05
C PRO B 390 -18.33 19.66 -5.58
N GLU B 391 -19.48 19.73 -4.91
CA GLU B 391 -20.12 18.53 -4.40
C GLU B 391 -20.76 17.69 -5.51
N TYR B 392 -21.10 18.32 -6.64
CA TYR B 392 -21.64 17.62 -7.79
C TYR B 392 -20.79 17.94 -9.01
N HIS B 393 -20.69 16.97 -9.91
CA HIS B 393 -19.96 17.16 -11.15
C HIS B 393 -20.53 18.31 -11.95
N ARG B 394 -19.64 19.14 -12.51
CA ARG B 394 -20.09 20.23 -13.36
C ARG B 394 -20.67 19.73 -14.67
N HIS B 395 -20.20 18.59 -15.17
CA HIS B 395 -20.55 18.12 -16.51
C HIS B 395 -20.94 16.65 -16.47
N VAL B 396 -21.87 16.28 -17.35
CA VAL B 396 -22.32 14.90 -17.45
C VAL B 396 -21.45 14.18 -18.47
N LEU B 397 -20.84 13.07 -18.05
CA LEU B 397 -19.93 12.29 -18.90
C LEU B 397 -20.74 11.20 -19.62
N TYR B 398 -21.59 11.65 -20.54
CA TYR B 398 -22.54 10.77 -21.20
C TYR B 398 -21.87 9.52 -21.76
N GLY B 399 -22.46 8.36 -21.49
CA GLY B 399 -22.05 7.12 -22.11
C GLY B 399 -20.93 6.38 -21.42
N ALA B 400 -20.37 6.93 -20.35
CA ALA B 400 -19.25 6.28 -19.69
C ALA B 400 -19.73 5.07 -18.88
N LEU B 401 -19.11 3.92 -19.11
CA LEU B 401 -19.39 2.71 -18.35
C LEU B 401 -18.44 2.66 -17.16
N VAL B 402 -18.99 2.62 -15.96
CA VAL B 402 -18.17 2.71 -14.76
C VAL B 402 -17.67 1.33 -14.39
N GLY B 403 -16.74 1.25 -13.43
CA GLY B 403 -16.18 -0.01 -13.01
C GLY B 403 -17.24 -1.05 -12.76
N GLY B 404 -18.07 -0.84 -11.74
CA GLY B 404 -19.19 -1.70 -11.50
C GLY B 404 -19.23 -2.25 -10.08
N PRO B 405 -20.21 -3.11 -9.83
CA PRO B 405 -20.47 -3.60 -8.47
C PRO B 405 -19.53 -4.73 -8.06
N ASP B 406 -19.63 -5.09 -6.78
CA ASP B 406 -18.94 -6.27 -6.27
C ASP B 406 -19.71 -7.53 -6.63
N ALA B 407 -19.21 -8.69 -6.20
CA ALA B 407 -19.81 -9.95 -6.65
C ALA B 407 -21.18 -10.20 -6.04
N SER B 408 -21.64 -9.38 -5.10
CA SER B 408 -22.99 -9.49 -4.57
C SER B 408 -23.92 -8.40 -5.11
N ASP B 409 -23.54 -7.76 -6.22
CA ASP B 409 -24.35 -6.76 -6.92
C ASP B 409 -24.42 -5.43 -6.18
N ALA B 410 -23.48 -5.16 -5.27
CA ALA B 410 -23.53 -3.97 -4.43
C ALA B 410 -22.59 -2.90 -4.97
N TYR B 411 -23.04 -1.64 -4.90
CA TYR B 411 -22.33 -0.50 -5.48
C TYR B 411 -22.85 0.78 -4.85
N VAL B 412 -21.95 1.76 -4.70
CA VAL B 412 -22.32 3.10 -4.24
C VAL B 412 -21.54 4.11 -5.07
N ASP B 413 -22.22 5.18 -5.51
CA ASP B 413 -21.58 6.28 -6.21
C ASP B 413 -20.55 6.95 -5.30
N ASP B 414 -19.26 6.83 -5.63
CA ASP B 414 -18.18 7.38 -4.82
C ASP B 414 -17.12 7.94 -5.75
N ILE B 415 -16.98 9.27 -5.80
CA ILE B 415 -16.00 9.88 -6.69
C ILE B 415 -14.60 9.40 -6.37
N GLY B 416 -14.33 9.09 -5.10
CA GLY B 416 -13.00 8.74 -4.69
C GLY B 416 -12.62 7.28 -4.93
N ASN B 417 -13.57 6.42 -5.26
CA ASN B 417 -13.27 4.99 -5.45
C ASN B 417 -12.99 4.74 -6.92
N TYR B 418 -11.72 4.68 -7.29
CA TYR B 418 -11.32 4.51 -8.68
C TYR B 418 -11.27 3.05 -9.10
N VAL B 419 -11.85 2.14 -8.33
CA VAL B 419 -12.08 0.78 -8.77
C VAL B 419 -13.51 0.57 -9.25
N THR B 420 -14.48 0.99 -8.45
CA THR B 420 -15.88 0.79 -8.78
C THR B 420 -16.45 1.93 -9.62
N ASN B 421 -15.95 3.15 -9.44
CA ASN B 421 -16.53 4.32 -10.09
C ASN B 421 -15.58 4.95 -11.11
N GLN B 422 -14.58 4.19 -11.54
CA GLN B 422 -13.67 4.59 -12.60
C GLN B 422 -14.35 4.48 -13.96
N VAL B 423 -13.84 5.26 -14.91
CA VAL B 423 -14.22 5.17 -16.30
C VAL B 423 -12.93 5.21 -17.12
N ALA B 424 -12.97 4.67 -18.33
CA ALA B 424 -11.74 4.55 -19.10
C ALA B 424 -12.03 4.17 -20.54
N CYS B 425 -11.06 4.48 -21.41
CA CYS B 425 -11.17 4.16 -22.82
C CYS B 425 -11.46 2.68 -23.01
N ASP B 426 -10.67 1.82 -22.35
CA ASP B 426 -10.82 0.38 -22.58
C ASP B 426 -12.13 -0.14 -21.99
N TYR B 427 -12.71 0.57 -21.02
CA TYR B 427 -14.01 0.16 -20.48
C TYR B 427 -15.09 0.23 -21.55
N ASN B 428 -15.08 1.28 -22.37
CA ASN B 428 -16.16 1.49 -23.33
C ASN B 428 -15.92 0.80 -24.66
N ALA B 429 -14.73 0.21 -24.87
CA ALA B 429 -14.32 -0.24 -26.20
C ALA B 429 -15.13 -1.42 -26.72
N GLY B 430 -15.02 -2.58 -26.07
CA GLY B 430 -15.87 -3.69 -26.45
C GLY B 430 -17.34 -3.40 -26.24
N PHE B 431 -17.65 -2.57 -25.25
CA PHE B 431 -19.03 -2.17 -24.97
C PHE B 431 -19.69 -1.60 -26.22
N VAL B 432 -18.96 -0.81 -27.00
CA VAL B 432 -19.54 -0.21 -28.20
C VAL B 432 -19.94 -1.30 -29.20
N GLY B 433 -19.05 -2.27 -29.41
CA GLY B 433 -19.37 -3.36 -30.31
C GLY B 433 -20.58 -4.14 -29.85
N LEU B 434 -20.68 -4.39 -28.55
CA LEU B 434 -21.82 -5.11 -28.01
C LEU B 434 -23.12 -4.36 -28.27
N LEU B 435 -23.13 -3.06 -27.99
CA LEU B 435 -24.34 -2.27 -28.22
C LEU B 435 -24.69 -2.23 -29.70
N ALA B 436 -23.68 -2.18 -30.56
CA ALA B 436 -23.94 -2.24 -32.00
C ALA B 436 -24.74 -3.49 -32.34
N LYS B 437 -24.34 -4.64 -31.79
CA LYS B 437 -25.07 -5.87 -32.07
C LYS B 437 -26.47 -5.81 -31.48
N MET B 438 -26.59 -5.36 -30.24
CA MET B 438 -27.91 -5.28 -29.61
C MET B 438 -28.83 -4.37 -30.41
N TYR B 439 -28.29 -3.30 -30.98
CA TYR B 439 -29.10 -2.44 -31.84
C TYR B 439 -29.49 -3.17 -33.12
N GLU B 440 -28.54 -3.87 -33.73
CA GLU B 440 -28.84 -4.62 -34.95
C GLU B 440 -29.96 -5.62 -34.71
N LYS B 441 -30.06 -6.15 -33.49
CA LYS B 441 -30.98 -7.23 -33.18
C LYS B 441 -32.30 -6.76 -32.59
N TYR B 442 -32.29 -5.78 -31.69
CA TYR B 442 -33.49 -5.34 -31.01
C TYR B 442 -33.82 -3.87 -31.21
N GLY B 443 -32.92 -3.08 -31.79
CA GLY B 443 -33.25 -1.70 -32.12
C GLY B 443 -33.22 -0.79 -30.91
N GLY B 444 -34.05 0.25 -30.96
CA GLY B 444 -33.98 1.34 -30.01
C GLY B 444 -33.42 2.56 -30.70
N ASN B 445 -34.17 3.66 -30.73
CA ASN B 445 -33.81 4.80 -31.58
C ASN B 445 -32.86 5.72 -30.83
N PRO B 446 -31.68 6.03 -31.38
CA PRO B 446 -30.83 7.06 -30.77
C PRO B 446 -31.60 8.35 -30.55
N ILE B 447 -31.11 9.21 -29.67
CA ILE B 447 -31.75 10.54 -29.53
C ILE B 447 -31.42 11.36 -30.78
N PRO B 448 -32.39 12.03 -31.39
CA PRO B 448 -32.09 12.79 -32.61
C PRO B 448 -31.20 13.98 -32.32
N ASN B 449 -30.14 14.11 -33.13
CA ASN B 449 -29.24 15.27 -33.07
C ASN B 449 -28.73 15.50 -31.65
N PHE B 450 -28.45 14.41 -30.93
CA PHE B 450 -28.06 14.54 -29.54
C PHE B 450 -26.77 15.35 -29.41
N MET B 451 -26.77 16.25 -28.43
CA MET B 451 -25.61 17.09 -28.13
C MET B 451 -25.43 17.13 -26.63
N ALA B 452 -24.18 17.13 -26.19
CA ALA B 452 -23.88 17.24 -24.76
C ALA B 452 -23.71 18.70 -24.36
N ASP C 2 -1.31 -0.43 42.48
CA ASP C 2 -2.68 -0.93 42.57
C ASP C 2 -3.67 0.18 42.19
N TYR C 3 -4.37 -0.02 41.08
CA TYR C 3 -5.15 1.04 40.46
C TYR C 3 -6.63 0.93 40.80
N ASN C 4 -7.37 1.97 40.42
CA ASN C 4 -8.78 2.08 40.73
C ASN C 4 -9.57 1.36 39.64
N TYR C 5 -9.87 0.09 39.88
CA TYR C 5 -10.54 -0.72 38.87
C TYR C 5 -12.00 -0.32 38.73
N GLY C 6 -12.61 0.21 39.79
CA GLY C 6 -14.00 0.66 39.68
C GLY C 6 -14.15 1.86 38.78
N GLU C 7 -13.33 2.89 38.99
CA GLU C 7 -13.35 4.05 38.10
C GLU C 7 -13.02 3.66 36.67
N ALA C 8 -12.04 2.77 36.49
CA ALA C 8 -11.68 2.31 35.15
C ALA C 8 -12.84 1.54 34.50
N LEU C 9 -13.42 0.59 35.24
CA LEU C 9 -14.58 -0.15 34.75
C LEU C 9 -15.72 0.80 34.40
N GLN C 10 -16.03 1.72 35.31
CA GLN C 10 -17.04 2.74 35.06
C GLN C 10 -16.82 3.43 33.72
N LYS C 11 -15.60 3.93 33.49
CA LYS C 11 -15.32 4.67 32.27
C LYS C 11 -15.27 3.76 31.05
N ALA C 12 -14.72 2.55 31.20
CA ALA C 12 -14.69 1.62 30.08
C ALA C 12 -16.09 1.32 29.58
N ILE C 13 -17.08 1.26 30.48
CA ILE C 13 -18.47 1.05 30.07
C ILE C 13 -19.04 2.30 29.42
N MET C 14 -18.78 3.47 30.01
CA MET C 14 -19.30 4.71 29.45
C MET C 14 -18.82 4.94 28.02
N PHE C 15 -17.65 4.40 27.68
CA PHE C 15 -17.12 4.57 26.34
C PHE C 15 -18.16 4.27 25.27
N TYR C 16 -18.99 3.25 25.51
CA TYR C 16 -19.92 2.83 24.47
C TYR C 16 -21.01 3.87 24.23
N GLU C 17 -21.31 4.69 25.24
CA GLU C 17 -22.27 5.77 25.02
C GLU C 17 -21.79 6.72 23.93
N PHE C 18 -20.47 6.94 23.85
CA PHE C 18 -19.94 7.83 22.83
C PHE C 18 -20.01 7.22 21.44
N GLN C 19 -20.12 5.89 21.34
CA GLN C 19 -20.21 5.20 20.07
C GLN C 19 -21.64 5.07 19.56
N MET C 20 -22.63 5.53 20.33
CA MET C 20 -24.02 5.30 19.97
C MET C 20 -24.39 6.05 18.71
N SER C 21 -25.08 5.37 17.81
CA SER C 21 -25.65 5.96 16.60
C SER C 21 -27.16 5.96 16.71
N GLY C 22 -27.79 6.93 16.05
CA GLY C 22 -29.25 7.03 16.01
C GLY C 22 -29.80 8.09 16.94
N LYS C 23 -31.09 7.90 17.29
CA LYS C 23 -31.79 8.79 18.21
C LYS C 23 -31.40 8.43 19.63
N LEU C 24 -30.67 9.31 20.29
CA LEU C 24 -30.11 8.97 21.60
C LEU C 24 -31.18 9.03 22.68
N PRO C 25 -31.16 8.13 23.64
CA PRO C 25 -32.07 8.23 24.78
C PRO C 25 -31.76 9.47 25.63
N ASP C 26 -32.70 9.81 26.48
CA ASP C 26 -32.55 10.99 27.32
C ASP C 26 -31.61 10.75 28.50
N ASN C 27 -31.37 9.50 28.86
CA ASN C 27 -30.53 9.16 30.01
C ASN C 27 -29.05 9.01 29.65
N ILE C 28 -28.60 9.62 28.54
CA ILE C 28 -27.17 9.60 28.26
C ILE C 28 -26.46 10.57 29.20
N ARG C 29 -25.18 10.28 29.47
CA ARG C 29 -24.46 10.94 30.55
C ARG C 29 -23.45 11.97 30.05
N ASN C 30 -23.59 12.45 28.81
CA ASN C 30 -22.70 13.46 28.29
C ASN C 30 -23.51 14.52 27.58
N ASN C 31 -22.85 15.64 27.28
CA ASN C 31 -23.50 16.81 26.69
C ASN C 31 -22.87 17.22 25.37
N TRP C 32 -22.22 16.29 24.67
CA TRP C 32 -21.64 16.62 23.37
C TRP C 32 -22.04 15.67 22.24
N ARG C 33 -22.69 14.55 22.53
CA ARG C 33 -23.21 13.66 21.51
C ARG C 33 -24.68 13.98 21.24
N GLY C 34 -25.04 14.04 19.96
CA GLY C 34 -26.41 14.28 19.56
C GLY C 34 -26.92 13.19 18.63
N ASP C 35 -28.19 13.32 18.26
CA ASP C 35 -28.78 12.40 17.31
C ASP C 35 -27.96 12.40 16.01
N SER C 36 -27.92 11.24 15.36
CA SER C 36 -27.06 11.07 14.20
C SER C 36 -27.58 9.92 13.34
N CYS C 37 -27.33 10.04 12.03
CA CYS C 37 -27.59 8.96 11.08
C CYS C 37 -28.98 8.39 11.26
N LEU C 38 -29.96 9.29 11.33
CA LEU C 38 -31.35 8.89 11.55
C LEU C 38 -31.99 8.29 10.31
N GLY C 39 -31.38 8.44 9.14
CA GLY C 39 -31.86 7.83 7.92
C GLY C 39 -31.38 6.42 7.68
N ASP C 40 -30.50 5.90 8.53
CA ASP C 40 -29.94 4.57 8.31
C ASP C 40 -31.06 3.57 8.01
N GLY C 41 -30.95 2.93 6.85
CA GLY C 41 -31.93 1.99 6.38
C GLY C 41 -32.99 2.56 5.45
N SER C 42 -33.05 3.89 5.31
CA SER C 42 -34.03 4.50 4.43
C SER C 42 -33.94 3.92 3.02
N ASP C 43 -32.72 3.65 2.56
CA ASP C 43 -32.54 3.18 1.18
C ASP C 43 -33.23 1.85 0.93
N VAL C 44 -33.54 1.09 1.99
CA VAL C 44 -34.20 -0.20 1.86
C VAL C 44 -35.56 -0.21 2.56
N GLY C 45 -36.08 0.97 2.91
CA GLY C 45 -37.37 1.04 3.54
C GLY C 45 -37.45 0.43 4.92
N LEU C 46 -36.33 0.44 5.65
CA LEU C 46 -36.27 -0.12 6.99
C LEU C 46 -35.64 0.88 7.94
N ASP C 47 -35.97 0.73 9.22
CA ASP C 47 -35.33 1.51 10.28
C ASP C 47 -34.14 0.70 10.79
N LEU C 48 -32.97 0.96 10.22
CA LEU C 48 -31.74 0.36 10.70
C LEU C 48 -30.91 1.33 11.52
N THR C 49 -31.59 2.23 12.23
CA THR C 49 -30.91 3.16 13.12
C THR C 49 -30.50 2.45 14.41
N GLY C 50 -29.58 3.08 15.14
CA GLY C 50 -29.10 2.56 16.38
C GLY C 50 -27.78 1.83 16.25
N GLY C 51 -27.46 1.05 17.28
CA GLY C 51 -26.20 0.35 17.32
C GLY C 51 -25.05 1.30 17.60
N TRP C 52 -23.83 0.77 17.42
CA TRP C 52 -22.62 1.49 17.69
C TRP C 52 -21.86 1.77 16.41
N PHE C 53 -21.36 2.99 16.26
CA PHE C 53 -20.26 3.24 15.33
C PHE C 53 -19.09 2.36 15.73
N ASP C 54 -18.38 1.82 14.73
CA ASP C 54 -17.37 0.80 15.03
C ASP C 54 -16.19 1.37 15.80
N ALA C 55 -15.48 2.32 15.20
CA ALA C 55 -14.22 2.79 15.78
C ALA C 55 -14.21 4.32 15.85
N GLY C 56 -13.24 4.96 15.19
CA GLY C 56 -13.21 6.40 15.06
C GLY C 56 -13.92 6.89 13.83
N ASP C 57 -14.61 6.00 13.13
CA ASP C 57 -15.39 6.24 11.93
C ASP C 57 -16.87 6.19 12.30
N HIS C 58 -17.72 6.15 11.27
CA HIS C 58 -19.16 6.08 11.49
C HIS C 58 -19.80 4.94 10.69
N VAL C 59 -19.02 3.95 10.30
CA VAL C 59 -19.60 2.76 9.70
C VAL C 59 -20.11 1.85 10.80
N LYS C 60 -21.19 1.15 10.51
CA LYS C 60 -21.73 0.13 11.42
C LYS C 60 -21.34 -1.23 10.84
N PHE C 61 -20.33 -1.83 11.45
CA PHE C 61 -19.81 -3.14 11.04
C PHE C 61 -20.37 -4.18 12.01
N ASN C 62 -21.24 -5.05 11.52
CA ASN C 62 -21.99 -5.91 12.45
C ASN C 62 -21.16 -7.06 13.00
N LEU C 63 -20.11 -7.50 12.32
CA LEU C 63 -19.31 -8.60 12.85
C LEU C 63 -18.60 -8.18 14.14
N PRO C 64 -17.80 -7.11 14.15
CA PRO C 64 -17.22 -6.68 15.44
C PRO C 64 -18.27 -6.14 16.40
N MET C 65 -19.38 -5.58 15.91
CA MET C 65 -20.41 -5.10 16.82
C MET C 65 -21.07 -6.25 17.57
N ALA C 66 -21.35 -7.35 16.86
CA ALA C 66 -21.95 -8.51 17.53
C ALA C 66 -20.96 -9.18 18.46
N TYR C 67 -19.68 -9.26 18.06
CA TYR C 67 -18.64 -9.79 18.95
C TYR C 67 -18.60 -8.99 20.24
N THR C 68 -18.62 -7.66 20.13
CA THR C 68 -18.59 -6.79 21.30
C THR C 68 -19.77 -7.09 22.22
N ALA C 69 -20.98 -7.11 21.66
CA ALA C 69 -22.16 -7.36 22.48
C ALA C 69 -22.05 -8.68 23.21
N THR C 70 -21.60 -9.74 22.51
CA THR C 70 -21.46 -11.03 23.18
C THR C 70 -20.48 -10.95 24.33
N MET C 71 -19.35 -10.27 24.14
CA MET C 71 -18.34 -10.18 25.19
C MET C 71 -18.85 -9.36 26.37
N LEU C 72 -19.64 -8.32 26.11
CA LEU C 72 -20.20 -7.54 27.20
C LEU C 72 -21.23 -8.35 27.99
N ALA C 73 -22.08 -9.12 27.28
CA ALA C 73 -22.98 -10.02 27.98
C ALA C 73 -22.21 -11.07 28.77
N TRP C 74 -21.08 -11.54 28.22
CA TRP C 74 -20.25 -12.50 28.94
C TRP C 74 -19.74 -11.90 30.24
N ALA C 75 -19.28 -10.65 30.20
CA ALA C 75 -18.87 -9.96 31.42
C ALA C 75 -20.00 -9.98 32.45
N VAL C 76 -21.23 -9.68 32.01
CA VAL C 76 -22.37 -9.70 32.93
C VAL C 76 -22.57 -11.09 33.50
N TYR C 77 -22.47 -12.12 32.65
CA TYR C 77 -22.83 -13.47 33.07
C TYR C 77 -21.90 -13.99 34.16
N GLU C 78 -20.62 -13.64 34.08
CA GLU C 78 -19.64 -14.15 35.04
C GLU C 78 -19.48 -13.25 36.27
N TYR C 79 -19.60 -11.93 36.09
CA TYR C 79 -19.24 -10.97 37.13
C TYR C 79 -20.39 -10.01 37.40
N LYS C 80 -21.61 -10.53 37.37
CA LYS C 80 -22.80 -9.70 37.58
C LYS C 80 -22.79 -9.05 38.96
N ASP C 81 -22.57 -9.83 40.00
CA ASP C 81 -22.57 -9.28 41.36
C ASP C 81 -21.54 -8.15 41.48
N ALA C 82 -20.34 -8.35 40.92
CA ALA C 82 -19.34 -7.29 40.92
C ALA C 82 -19.84 -6.07 40.17
N LEU C 83 -20.35 -6.28 38.96
CA LEU C 83 -20.86 -5.16 38.17
C LEU C 83 -21.95 -4.40 38.92
N GLN C 84 -22.88 -5.13 39.54
CA GLN C 84 -23.96 -4.47 40.26
C GLN C 84 -23.42 -3.69 41.46
N LYS C 85 -22.48 -4.28 42.21
CA LYS C 85 -21.92 -3.58 43.36
C LYS C 85 -21.30 -2.26 42.94
N SER C 86 -20.64 -2.22 41.77
CA SER C 86 -20.01 -1.01 41.28
C SER C 86 -21.01 0.04 40.80
N GLY C 87 -22.29 -0.31 40.73
CA GLY C 87 -23.29 0.63 40.25
C GLY C 87 -23.28 0.86 38.76
N GLN C 88 -22.62 -0.02 38.00
CA GLN C 88 -22.50 0.15 36.57
C GLN C 88 -23.27 -0.89 35.77
N LEU C 89 -23.85 -1.90 36.42
CA LEU C 89 -24.52 -2.97 35.69
C LEU C 89 -25.61 -2.41 34.79
N GLY C 90 -26.37 -1.42 35.28
CA GLY C 90 -27.47 -0.88 34.50
C GLY C 90 -27.02 -0.27 33.18
N TYR C 91 -25.95 0.53 33.22
CA TYR C 91 -25.43 1.13 32.00
C TYR C 91 -24.95 0.06 31.03
N LEU C 92 -24.31 -0.98 31.54
CA LEU C 92 -23.85 -2.06 30.67
C LEU C 92 -25.03 -2.80 30.07
N MET C 93 -26.00 -3.21 30.89
CA MET C 93 -27.18 -3.86 30.35
C MET C 93 -27.84 -2.98 29.28
N ASP C 94 -27.95 -1.68 29.54
CA ASP C 94 -28.53 -0.77 28.56
C ASP C 94 -27.78 -0.83 27.24
N GLN C 95 -26.45 -0.90 27.29
CA GLN C 95 -25.67 -0.92 26.06
C GLN C 95 -25.84 -2.24 25.31
N ILE C 96 -25.86 -3.35 26.05
CA ILE C 96 -26.10 -4.65 25.42
C ILE C 96 -27.40 -4.60 24.62
N LYS C 97 -28.47 -4.11 25.25
CA LYS C 97 -29.77 -4.10 24.58
C LYS C 97 -29.79 -3.12 23.42
N TRP C 98 -28.98 -2.06 23.48
CA TRP C 98 -28.89 -1.13 22.36
C TRP C 98 -28.38 -1.83 21.10
N ALA C 99 -27.34 -2.66 21.24
CA ALA C 99 -26.81 -3.37 20.08
C ALA C 99 -27.77 -4.46 19.62
N SER C 100 -28.32 -5.24 20.56
CA SER C 100 -29.18 -6.35 20.19
C SER C 100 -30.50 -5.86 19.59
N ASP C 101 -31.02 -4.73 20.08
CA ASP C 101 -32.19 -4.15 19.45
C ASP C 101 -31.91 -3.85 17.99
N TYR C 102 -30.73 -3.28 17.70
CA TYR C 102 -30.34 -3.02 16.32
C TYR C 102 -30.23 -4.31 15.53
N PHE C 103 -29.56 -5.33 16.10
CA PHE C 103 -29.43 -6.60 15.39
C PHE C 103 -30.80 -7.14 15.00
N ILE C 104 -31.78 -7.04 15.90
CA ILE C 104 -33.11 -7.55 15.60
C ILE C 104 -33.71 -6.80 14.42
N ARG C 105 -33.50 -5.49 14.36
CA ARG C 105 -34.03 -4.73 13.23
C ARG C 105 -33.34 -5.11 11.93
N CYS C 106 -32.06 -5.49 12.01
CA CYS C 106 -31.33 -5.96 10.84
C CYS C 106 -31.76 -7.36 10.41
N HIS C 107 -32.71 -8.00 11.10
CA HIS C 107 -33.18 -9.34 10.76
C HIS C 107 -34.69 -9.30 10.59
N PRO C 108 -35.18 -8.71 9.50
CA PRO C 108 -36.63 -8.64 9.26
C PRO C 108 -37.26 -9.92 8.73
N GLU C 109 -36.51 -11.02 8.64
CA GLU C 109 -36.97 -12.21 7.95
C GLU C 109 -35.95 -13.32 8.20
N LYS C 110 -36.44 -14.57 8.29
CA LYS C 110 -35.57 -15.64 8.75
C LYS C 110 -34.26 -15.69 7.96
N TYR C 111 -34.32 -15.51 6.65
CA TYR C 111 -33.16 -15.68 5.78
C TYR C 111 -32.74 -14.37 5.11
N VAL C 112 -32.92 -13.25 5.80
CA VAL C 112 -32.48 -11.95 5.32
C VAL C 112 -31.89 -11.17 6.49
N TYR C 113 -30.61 -10.84 6.42
CA TYR C 113 -29.93 -10.17 7.51
C TYR C 113 -29.09 -9.03 6.98
N TYR C 114 -29.29 -7.83 7.53
CA TYR C 114 -28.49 -6.68 7.21
C TYR C 114 -27.29 -6.63 8.13
N TYR C 115 -26.09 -6.55 7.53
CA TYR C 115 -24.84 -6.70 8.27
C TYR C 115 -23.96 -5.47 8.24
N GLN C 116 -24.36 -4.39 7.56
CA GLN C 116 -23.53 -3.20 7.50
C GLN C 116 -24.37 -2.01 7.06
N VAL C 117 -24.11 -0.86 7.69
CA VAL C 117 -24.67 0.42 7.29
C VAL C 117 -23.51 1.40 7.11
N GLY C 118 -23.35 1.90 5.91
CA GLY C 118 -22.23 2.76 5.59
C GLY C 118 -21.23 2.04 4.70
N ASN C 119 -20.63 2.81 3.79
CA ASN C 119 -19.56 2.31 2.92
C ASN C 119 -18.22 2.70 3.52
N GLY C 120 -17.34 1.72 3.69
CA GLY C 120 -16.10 1.99 4.42
C GLY C 120 -15.22 3.02 3.73
N ASP C 121 -14.95 2.83 2.43
CA ASP C 121 -14.08 3.76 1.73
C ASP C 121 -14.65 5.16 1.75
N MET C 122 -15.96 5.30 1.57
CA MET C 122 -16.56 6.62 1.47
C MET C 122 -16.66 7.30 2.84
N ASP C 123 -17.12 6.58 3.86
CA ASP C 123 -17.21 7.15 5.19
C ASP C 123 -15.86 7.69 5.66
N HIS C 124 -14.78 6.96 5.38
CA HIS C 124 -13.46 7.33 5.89
C HIS C 124 -12.83 8.50 5.14
N ARG C 125 -13.38 8.92 4.00
CA ARG C 125 -12.86 10.12 3.35
C ARG C 125 -13.19 11.40 4.12
N TRP C 126 -14.13 11.34 5.07
CA TRP C 126 -14.66 12.53 5.71
C TRP C 126 -14.26 12.56 7.17
N TRP C 127 -13.50 13.58 7.55
CA TRP C 127 -13.09 13.75 8.93
C TRP C 127 -14.01 14.76 9.61
N VAL C 128 -15.24 14.29 9.89
CA VAL C 128 -16.30 15.14 10.44
C VAL C 128 -17.05 14.37 11.52
N PRO C 129 -17.69 15.09 12.43
CA PRO C 129 -18.33 14.42 13.58
C PRO C 129 -19.59 13.66 13.20
N ALA C 130 -19.98 12.75 14.11
CA ALA C 130 -21.11 11.86 13.85
C ALA C 130 -22.37 12.63 13.47
N GLU C 131 -22.61 13.77 14.10
CA GLU C 131 -23.83 14.52 13.87
C GLU C 131 -23.89 15.14 12.49
N CYS C 132 -22.78 15.12 11.75
CA CYS C 132 -22.68 15.76 10.44
C CYS C 132 -22.30 14.80 9.33
N ILE C 133 -22.02 13.54 9.65
CA ILE C 133 -21.46 12.65 8.63
C ILE C 133 -22.49 12.32 7.57
N ASP C 134 -23.75 12.17 7.96
CA ASP C 134 -24.75 11.72 7.01
C ASP C 134 -25.17 12.82 6.05
N VAL C 135 -24.63 14.03 6.20
CA VAL C 135 -24.84 15.08 5.22
C VAL C 135 -23.84 15.01 4.07
N GLN C 136 -22.69 14.36 4.27
CA GLN C 136 -21.59 14.45 3.31
C GLN C 136 -21.57 13.32 2.30
N ALA C 137 -22.11 12.14 2.64
CA ALA C 137 -22.07 11.01 1.74
C ALA C 137 -23.22 10.08 2.07
N PRO C 138 -23.71 9.32 1.08
CA PRO C 138 -24.79 8.36 1.37
C PRO C 138 -24.27 7.22 2.25
N ARG C 139 -25.22 6.58 2.93
CA ARG C 139 -24.92 5.51 3.89
C ARG C 139 -25.73 4.28 3.52
N PRO C 140 -25.25 3.49 2.56
CA PRO C 140 -26.04 2.36 2.09
C PRO C 140 -26.13 1.24 3.12
N SER C 141 -27.18 0.44 2.97
CA SER C 141 -27.40 -0.75 3.78
C SER C 141 -27.04 -1.98 2.98
N TYR C 142 -26.39 -2.95 3.65
CA TYR C 142 -25.90 -4.15 3.00
C TYR C 142 -26.46 -5.38 3.72
N LYS C 143 -26.87 -6.37 2.93
CA LYS C 143 -27.56 -7.53 3.49
C LYS C 143 -27.01 -8.82 2.90
N VAL C 144 -27.26 -9.91 3.62
CA VAL C 144 -27.02 -11.27 3.15
C VAL C 144 -28.35 -12.01 3.14
N ASP C 145 -28.46 -12.97 2.22
CA ASP C 145 -29.66 -13.79 2.09
C ASP C 145 -29.22 -15.15 1.56
N LEU C 146 -30.19 -15.99 1.21
CA LEU C 146 -29.85 -17.31 0.69
C LEU C 146 -29.11 -17.24 -0.65
N SER C 147 -29.27 -16.15 -1.39
CA SER C 147 -28.50 -15.97 -2.63
C SER C 147 -27.13 -15.37 -2.36
N ASN C 148 -27.00 -14.58 -1.29
CA ASN C 148 -25.75 -13.95 -0.89
C ASN C 148 -25.48 -14.29 0.57
N PRO C 149 -25.02 -15.51 0.85
CA PRO C 149 -24.88 -15.93 2.25
C PRO C 149 -23.77 -15.20 2.99
N GLY C 150 -23.91 -15.17 4.31
CA GLY C 150 -22.88 -14.67 5.20
C GLY C 150 -22.88 -15.45 6.50
N SER C 151 -22.34 -16.67 6.46
CA SER C 151 -22.41 -17.55 7.62
C SER C 151 -21.67 -16.98 8.82
N THR C 152 -20.51 -16.36 8.60
CA THR C 152 -19.73 -15.85 9.72
C THR C 152 -20.52 -14.82 10.51
N VAL C 153 -21.12 -13.85 9.81
CA VAL C 153 -21.71 -12.70 10.50
C VAL C 153 -23.09 -13.04 11.06
N THR C 154 -23.89 -13.82 10.35
CA THR C 154 -25.18 -14.24 10.90
C THR C 154 -24.96 -15.11 12.14
N ALA C 155 -23.96 -15.99 12.10
CA ALA C 155 -23.68 -16.83 13.26
C ALA C 155 -23.10 -16.01 14.40
N GLY C 156 -22.24 -15.05 14.09
CA GLY C 156 -21.73 -14.17 15.13
C GLY C 156 -22.81 -13.36 15.80
N THR C 157 -23.81 -12.93 15.02
CA THR C 157 -24.95 -12.21 15.58
C THR C 157 -25.84 -13.12 16.42
N ALA C 158 -25.97 -14.39 16.01
CA ALA C 158 -26.75 -15.32 16.81
C ALA C 158 -26.16 -15.47 18.20
N ALA C 159 -24.83 -15.52 18.30
CA ALA C 159 -24.19 -15.61 19.61
C ALA C 159 -24.50 -14.38 20.46
N ALA C 160 -24.47 -13.19 19.85
CA ALA C 160 -24.76 -11.98 20.60
C ALA C 160 -26.19 -12.00 21.13
N LEU C 161 -27.15 -12.37 20.28
CA LEU C 161 -28.55 -12.39 20.71
C LEU C 161 -28.80 -13.50 21.73
N ALA C 162 -28.09 -14.62 21.62
CA ALA C 162 -28.25 -15.68 22.60
C ALA C 162 -27.65 -15.27 23.94
N ALA C 163 -26.48 -14.64 23.93
CA ALA C 163 -25.89 -14.12 25.16
C ALA C 163 -26.82 -13.08 25.80
N THR C 164 -27.41 -12.22 24.97
CA THR C 164 -28.31 -11.20 25.50
C THR C 164 -29.49 -11.84 26.21
N ALA C 165 -30.11 -12.83 25.58
CA ALA C 165 -31.22 -13.53 26.23
C ALA C 165 -30.77 -14.19 27.52
N LEU C 166 -29.53 -14.69 27.57
CA LEU C 166 -29.03 -15.33 28.78
C LEU C 166 -29.03 -14.36 29.96
N VAL C 167 -28.59 -13.12 29.72
CA VAL C 167 -28.47 -12.16 30.81
C VAL C 167 -29.75 -11.36 31.04
N PHE C 168 -30.67 -11.35 30.08
CA PHE C 168 -31.93 -10.64 30.23
C PHE C 168 -33.08 -11.55 30.67
N LYS C 169 -32.89 -12.87 30.69
CA LYS C 169 -34.01 -13.76 30.99
C LYS C 169 -34.53 -13.55 32.40
N ASP C 170 -33.68 -13.06 33.31
CA ASP C 170 -34.07 -12.88 34.70
C ASP C 170 -34.96 -11.66 34.94
N THR C 171 -35.06 -10.75 33.97
CA THR C 171 -35.78 -9.50 34.17
C THR C 171 -36.79 -9.21 33.06
N ASP C 172 -36.47 -9.63 31.84
CA ASP C 172 -37.31 -9.37 30.66
C ASP C 172 -37.50 -10.68 29.91
N PRO C 173 -38.34 -11.58 30.42
CA PRO C 173 -38.46 -12.90 29.78
C PRO C 173 -38.99 -12.86 28.37
N ALA C 174 -39.77 -11.83 28.01
CA ALA C 174 -40.28 -11.74 26.65
C ALA C 174 -39.20 -11.32 25.67
N TYR C 175 -38.39 -10.33 26.06
CA TYR C 175 -37.26 -9.93 25.22
C TYR C 175 -36.29 -11.09 25.04
N ALA C 176 -36.06 -11.87 26.10
CA ALA C 176 -35.15 -13.00 25.98
C ALA C 176 -35.70 -14.05 25.01
N ALA C 177 -37.01 -14.29 25.04
CA ALA C 177 -37.60 -15.25 24.12
C ALA C 177 -37.55 -14.74 22.69
N LEU C 178 -37.60 -13.42 22.50
CA LEU C 178 -37.45 -12.85 21.17
C LEU C 178 -36.02 -13.00 20.66
N CYS C 179 -35.04 -12.71 21.51
CA CYS C 179 -33.64 -12.86 21.12
C CYS C 179 -33.31 -14.31 20.77
N ILE C 180 -33.91 -15.26 21.50
CA ILE C 180 -33.61 -16.67 21.29
C ILE C 180 -34.18 -17.16 19.97
N ARG C 181 -35.38 -16.68 19.61
CA ARG C 181 -35.94 -17.03 18.31
C ARG C 181 -35.04 -16.53 17.19
N HIS C 182 -34.68 -15.24 17.24
CA HIS C 182 -33.79 -14.68 16.22
C HIS C 182 -32.46 -15.41 16.17
N ALA C 183 -31.90 -15.74 17.33
CA ALA C 183 -30.60 -16.42 17.36
C ALA C 183 -30.67 -17.76 16.64
N LYS C 184 -31.66 -18.59 16.98
CA LYS C 184 -31.73 -19.92 16.37
C LYS C 184 -32.12 -19.84 14.91
N GLU C 185 -32.90 -18.82 14.51
CA GLU C 185 -33.11 -18.58 13.09
C GLU C 185 -31.80 -18.22 12.40
N LEU C 186 -31.05 -17.28 12.98
CA LEU C 186 -29.77 -16.87 12.41
C LEU C 186 -28.78 -18.03 12.38
N PHE C 187 -28.79 -18.86 13.41
CA PHE C 187 -27.96 -20.05 13.42
C PHE C 187 -28.29 -20.94 12.23
N ASP C 188 -29.56 -21.31 12.10
CA ASP C 188 -29.99 -22.13 10.96
C ASP C 188 -29.61 -21.46 9.64
N PHE C 189 -29.72 -20.12 9.59
CA PHE C 189 -29.33 -19.38 8.39
C PHE C 189 -27.87 -19.64 8.05
N ALA C 190 -26.98 -19.50 9.04
CA ALA C 190 -25.56 -19.70 8.77
C ALA C 190 -25.26 -21.16 8.43
N GLU C 191 -25.86 -22.08 9.18
CA GLU C 191 -25.61 -23.51 9.00
C GLU C 191 -26.21 -24.02 7.71
N THR C 192 -27.36 -23.48 7.30
CA THR C 192 -27.98 -23.89 6.04
C THR C 192 -27.09 -23.54 4.85
N THR C 193 -26.41 -22.40 4.91
CA THR C 193 -25.74 -21.83 3.75
C THR C 193 -24.25 -22.13 3.70
N MET C 194 -23.57 -22.15 4.84
CA MET C 194 -22.15 -22.49 4.91
C MET C 194 -21.37 -21.76 3.82
N SER C 195 -21.38 -20.42 3.91
CA SER C 195 -20.78 -19.60 2.87
C SER C 195 -20.76 -18.14 3.32
N ASP C 196 -19.68 -17.44 2.95
CA ASP C 196 -19.56 -16.00 3.13
C ASP C 196 -19.51 -15.29 1.77
N LYS C 197 -20.14 -15.89 0.75
CA LYS C 197 -20.07 -15.33 -0.59
C LYS C 197 -20.73 -13.97 -0.69
N GLY C 198 -21.75 -13.72 0.14
CA GLY C 198 -22.45 -12.44 0.14
C GLY C 198 -21.90 -11.41 1.10
N TYR C 199 -21.00 -11.81 1.99
CA TYR C 199 -20.40 -10.93 2.98
C TYR C 199 -19.25 -10.21 2.30
N THR C 200 -19.55 -9.05 1.71
CA THR C 200 -18.62 -8.37 0.82
C THR C 200 -18.28 -6.94 1.22
N ALA C 201 -19.22 -6.18 1.79
CA ALA C 201 -18.98 -4.76 2.06
C ALA C 201 -17.94 -4.54 3.14
N ALA C 202 -17.58 -5.57 3.89
CA ALA C 202 -16.60 -5.46 4.96
C ALA C 202 -15.20 -5.83 4.52
N LEU C 203 -15.02 -6.22 3.25
CA LEU C 203 -13.69 -6.52 2.74
C LEU C 203 -12.73 -5.39 3.08
N ASN C 204 -11.53 -5.76 3.52
CA ASN C 204 -10.45 -4.85 3.88
C ASN C 204 -10.69 -4.17 5.22
N PHE C 205 -11.85 -4.39 5.86
CA PHE C 205 -12.11 -3.85 7.18
C PHE C 205 -12.33 -4.94 8.21
N TYR C 206 -13.25 -5.87 7.95
CA TYR C 206 -13.52 -6.97 8.87
C TYR C 206 -13.78 -8.26 8.06
N THR C 207 -12.86 -8.59 7.17
CA THR C 207 -12.94 -9.83 6.43
C THR C 207 -12.84 -11.00 7.39
N SER C 208 -13.65 -12.03 7.15
CA SER C 208 -13.60 -13.26 7.94
C SER C 208 -12.39 -14.06 7.48
N HIS C 209 -11.31 -14.00 8.25
CA HIS C 209 -10.08 -14.67 7.86
C HIS C 209 -10.04 -16.14 8.27
N SER C 210 -10.66 -16.51 9.38
CA SER C 210 -10.51 -17.84 9.95
C SER C 210 -11.71 -18.74 9.70
N GLY C 211 -12.84 -18.21 9.26
CA GLY C 211 -13.99 -19.02 8.90
C GLY C 211 -15.13 -18.87 9.90
N TRP C 212 -16.24 -19.52 9.57
CA TRP C 212 -17.47 -19.40 10.34
C TRP C 212 -17.74 -20.59 11.24
N TYR C 213 -16.94 -21.66 11.17
CA TYR C 213 -17.22 -22.84 11.99
C TYR C 213 -16.93 -22.57 13.46
N ASP C 214 -15.98 -21.69 13.76
CA ASP C 214 -15.78 -21.26 15.14
C ASP C 214 -16.95 -20.41 15.62
N GLU C 215 -17.54 -19.60 14.72
CA GLU C 215 -18.72 -18.83 15.10
C GLU C 215 -19.90 -19.74 15.41
N LEU C 216 -20.05 -20.83 14.65
CA LEU C 216 -21.13 -21.77 14.90
C LEU C 216 -21.01 -22.38 16.28
N SER C 217 -19.82 -22.83 16.66
CA SER C 217 -19.63 -23.38 18.00
C SER C 217 -19.84 -22.30 19.06
N TRP C 218 -19.27 -21.11 18.82
CA TRP C 218 -19.49 -19.94 19.66
C TRP C 218 -20.98 -19.71 19.89
N ALA C 219 -21.74 -19.53 18.81
CA ALA C 219 -23.18 -19.28 18.95
C ALA C 219 -23.92 -20.46 19.56
N GLY C 220 -23.53 -21.68 19.18
CA GLY C 220 -24.20 -22.85 19.73
C GLY C 220 -24.06 -22.93 21.25
N ALA C 221 -22.89 -22.58 21.76
CA ALA C 221 -22.67 -22.61 23.21
C ALA C 221 -23.55 -21.60 23.91
N TRP C 222 -23.64 -20.39 23.38
CA TRP C 222 -24.47 -19.37 24.02
C TRP C 222 -25.95 -19.69 23.91
N ILE C 223 -26.37 -20.34 22.82
CA ILE C 223 -27.76 -20.78 22.72
C ILE C 223 -28.05 -21.85 23.75
N TYR C 224 -27.15 -22.82 23.90
CA TYR C 224 -27.38 -23.87 24.89
C TYR C 224 -27.36 -23.30 26.30
N LEU C 225 -26.48 -22.33 26.56
CA LEU C 225 -26.47 -21.69 27.87
C LEU C 225 -27.75 -20.92 28.14
N ALA C 226 -28.44 -20.48 27.08
CA ALA C 226 -29.61 -19.62 27.21
C ALA C 226 -30.93 -20.39 27.24
N ASP C 227 -31.04 -21.49 26.46
CA ASP C 227 -32.26 -22.27 26.38
C ASP C 227 -32.13 -23.69 26.90
N GLY C 228 -30.91 -24.22 27.00
CA GLY C 228 -30.73 -25.61 27.35
C GLY C 228 -30.99 -26.59 26.22
N ASP C 229 -31.26 -26.09 25.01
CA ASP C 229 -31.54 -26.95 23.86
C ASP C 229 -30.27 -27.68 23.46
N GLU C 230 -30.21 -28.98 23.78
CA GLU C 230 -28.98 -29.75 23.55
C GLU C 230 -28.64 -29.88 22.08
N THR C 231 -29.62 -29.69 21.18
CA THR C 231 -29.32 -29.79 19.75
C THR C 231 -28.34 -28.73 19.29
N TYR C 232 -28.23 -27.61 20.01
CA TYR C 232 -27.25 -26.58 19.67
C TYR C 232 -25.95 -26.74 20.41
N LEU C 233 -25.94 -27.49 21.52
CA LEU C 233 -24.69 -27.96 22.08
C LEU C 233 -24.06 -29.00 21.17
N GLU C 234 -24.86 -29.97 20.72
CA GLU C 234 -24.36 -30.97 19.78
C GLU C 234 -23.77 -30.31 18.54
N LYS C 235 -24.52 -29.38 17.94
CA LYS C 235 -24.00 -28.68 16.77
C LYS C 235 -22.69 -27.96 17.08
N ALA C 236 -22.61 -27.31 18.24
CA ALA C 236 -21.38 -26.62 18.61
C ALA C 236 -20.19 -27.58 18.60
N GLU C 237 -20.32 -28.70 19.32
CA GLU C 237 -19.23 -29.67 19.37
C GLU C 237 -19.01 -30.32 18.01
N LYS C 238 -20.05 -30.37 17.17
CA LYS C 238 -19.92 -30.95 15.84
C LYS C 238 -18.84 -30.24 15.04
N TYR C 239 -18.84 -28.91 15.07
CA TYR C 239 -18.01 -28.11 14.17
C TYR C 239 -16.63 -27.82 14.76
N VAL C 240 -16.34 -28.30 15.97
CA VAL C 240 -14.98 -28.19 16.49
C VAL C 240 -13.99 -28.75 15.47
N ASP C 241 -14.42 -29.76 14.71
CA ASP C 241 -13.56 -30.38 13.71
C ASP C 241 -12.98 -29.34 12.75
N LYS C 242 -13.73 -28.29 12.46
CA LYS C 242 -13.37 -27.31 11.45
C LYS C 242 -12.94 -25.97 12.05
N TRP C 243 -12.57 -25.97 13.33
CA TRP C 243 -11.94 -24.81 13.92
C TRP C 243 -10.55 -24.60 13.32
N PRO C 244 -10.00 -23.39 13.42
CA PRO C 244 -8.63 -23.18 12.96
C PRO C 244 -7.64 -24.04 13.73
N ILE C 245 -6.67 -24.59 13.00
CA ILE C 245 -5.63 -25.43 13.57
C ILE C 245 -4.31 -24.69 13.51
N GLU C 246 -3.48 -24.92 14.52
CA GLU C 246 -2.14 -24.35 14.53
C GLU C 246 -1.35 -24.90 13.34
N SER C 247 -0.80 -24.00 12.53
CA SER C 247 -0.16 -24.40 11.29
C SER C 247 0.91 -25.44 11.53
N GLN C 248 0.95 -26.45 10.67
CA GLN C 248 1.93 -27.55 10.74
C GLN C 248 1.77 -28.41 11.99
N THR C 249 0.57 -28.44 12.55
CA THR C 249 0.27 -29.27 13.71
C THR C 249 -1.07 -29.96 13.48
N THR C 250 -1.47 -30.78 14.44
CA THR C 250 -2.81 -31.35 14.49
C THR C 250 -3.65 -30.73 15.61
N TYR C 251 -3.12 -29.70 16.28
CA TYR C 251 -3.78 -29.06 17.39
C TYR C 251 -4.85 -28.07 16.93
N ILE C 252 -5.81 -27.82 17.82
CA ILE C 252 -6.60 -26.60 17.72
C ILE C 252 -5.68 -25.41 17.92
N ALA C 253 -5.77 -24.42 17.04
CA ALA C 253 -4.91 -23.25 17.11
C ALA C 253 -4.87 -22.67 18.52
N TYR C 254 -3.68 -22.23 18.95
CA TYR C 254 -3.53 -21.68 20.30
C TYR C 254 -2.66 -20.43 20.39
N SER C 255 -1.90 -20.06 19.36
CA SER C 255 -0.92 -18.98 19.49
C SER C 255 -1.48 -17.61 19.07
N TRP C 256 -2.74 -17.53 18.68
CA TRP C 256 -3.38 -16.22 18.49
C TRP C 256 -4.17 -15.90 19.77
N GLY C 257 -5.31 -15.22 19.64
CA GLY C 257 -6.10 -14.88 20.80
C GLY C 257 -7.54 -14.63 20.43
N HIS C 258 -8.40 -14.64 21.44
CA HIS C 258 -9.82 -14.36 21.25
C HIS C 258 -10.01 -12.95 20.72
N CYS C 259 -10.78 -12.82 19.64
CA CYS C 259 -11.01 -11.52 19.02
C CYS C 259 -12.19 -11.65 18.06
N TRP C 260 -12.58 -10.52 17.44
CA TRP C 260 -13.73 -10.50 16.57
C TRP C 260 -13.61 -11.47 15.40
N ASP C 261 -12.39 -11.78 14.96
CA ASP C 261 -12.22 -12.68 13.84
C ASP C 261 -12.01 -14.13 14.25
N ASP C 262 -11.59 -14.39 15.48
CA ASP C 262 -11.33 -15.75 15.94
C ASP C 262 -11.96 -15.94 17.32
N VAL C 263 -13.15 -16.52 17.35
CA VAL C 263 -13.87 -16.76 18.59
C VAL C 263 -13.72 -18.19 19.10
N HIS C 264 -12.88 -19.00 18.44
CA HIS C 264 -12.72 -20.39 18.86
C HIS C 264 -12.09 -20.49 20.25
N TYR C 265 -11.33 -19.47 20.65
CA TYR C 265 -10.71 -19.48 21.98
C TYR C 265 -11.78 -19.42 23.07
N GLY C 266 -12.66 -18.43 23.00
CA GLY C 266 -13.73 -18.34 23.98
C GLY C 266 -14.68 -19.52 23.92
N ALA C 267 -15.01 -19.96 22.70
CA ALA C 267 -15.88 -21.12 22.55
C ALA C 267 -15.32 -22.32 23.29
N ALA C 268 -14.03 -22.61 23.08
CA ALA C 268 -13.40 -23.74 23.76
C ALA C 268 -13.50 -23.59 25.28
N LEU C 269 -13.32 -22.37 25.79
CA LEU C 269 -13.45 -22.15 27.23
C LEU C 269 -14.87 -22.46 27.69
N LEU C 270 -15.87 -22.02 26.94
CA LEU C 270 -17.25 -22.28 27.33
C LEU C 270 -17.56 -23.77 27.30
N LEU C 271 -17.23 -24.45 26.20
CA LEU C 271 -17.53 -25.88 26.10
C LEU C 271 -16.83 -26.66 27.20
N ALA C 272 -15.60 -26.26 27.56
CA ALA C 272 -14.91 -26.93 28.66
C ALA C 272 -15.72 -26.86 29.94
N LYS C 273 -16.32 -25.71 30.22
CA LYS C 273 -17.14 -25.59 31.43
C LYS C 273 -18.43 -26.38 31.32
N ILE C 274 -19.00 -26.46 30.12
CA ILE C 274 -20.26 -27.18 29.96
C ILE C 274 -20.02 -28.68 30.09
N THR C 275 -19.02 -29.20 29.39
CA THR C 275 -18.83 -30.63 29.23
C THR C 275 -17.68 -31.20 30.04
N ASN C 276 -16.77 -30.37 30.56
CA ASN C 276 -15.61 -30.82 31.31
C ASN C 276 -14.78 -31.83 30.50
N LYS C 277 -14.85 -31.76 29.18
CA LYS C 277 -14.09 -32.66 28.33
C LYS C 277 -12.64 -32.20 28.23
N SER C 278 -11.74 -33.18 28.19
CA SER C 278 -10.31 -32.88 28.12
C SER C 278 -9.93 -32.18 26.83
N LEU C 279 -10.64 -32.46 25.73
CA LEU C 279 -10.34 -31.80 24.47
C LEU C 279 -10.40 -30.28 24.63
N TYR C 280 -11.44 -29.78 25.28
CA TYR C 280 -11.59 -28.33 25.43
C TYR C 280 -10.73 -27.79 26.56
N LYS C 281 -10.52 -28.56 27.62
CA LYS C 281 -9.65 -28.13 28.70
C LYS C 281 -8.20 -28.00 28.21
N GLU C 282 -7.73 -28.96 27.42
CA GLU C 282 -6.36 -28.90 26.92
C GLU C 282 -6.15 -27.71 25.98
N ALA C 283 -7.11 -27.48 25.08
CA ALA C 283 -6.95 -26.41 24.09
C ALA C 283 -6.85 -25.05 24.75
N ILE C 284 -7.72 -24.78 25.73
CA ILE C 284 -7.69 -23.47 26.39
C ILE C 284 -6.44 -23.33 27.24
N GLU C 285 -6.09 -24.37 28.02
CA GLU C 285 -4.87 -24.31 28.80
C GLU C 285 -3.64 -24.19 27.91
N ARG C 286 -3.67 -24.83 26.74
CA ARG C 286 -2.59 -24.65 25.78
C ARG C 286 -2.48 -23.19 25.35
N HIS C 287 -3.62 -22.59 25.00
CA HIS C 287 -3.66 -21.18 24.65
C HIS C 287 -3.11 -20.32 25.77
N LEU C 288 -3.67 -20.46 26.98
CA LEU C 288 -3.27 -19.61 28.09
C LEU C 288 -1.85 -19.91 28.54
N ASP C 289 -1.42 -21.17 28.48
CA ASP C 289 -0.02 -21.49 28.78
C ASP C 289 0.91 -20.78 27.82
N TYR C 290 0.58 -20.82 26.53
CA TYR C 290 1.41 -20.14 25.54
C TYR C 290 1.55 -18.66 25.85
N TRP C 291 0.50 -18.05 26.40
CA TRP C 291 0.50 -16.63 26.70
C TRP C 291 1.16 -16.28 28.03
N THR C 292 1.57 -17.29 28.81
CA THR C 292 2.16 -17.04 30.13
C THR C 292 3.52 -17.72 30.26
N VAL C 293 3.53 -19.00 30.62
CA VAL C 293 4.78 -19.73 30.84
C VAL C 293 5.40 -20.29 29.57
N GLY C 294 4.64 -20.34 28.49
CA GLY C 294 5.10 -20.93 27.25
C GLY C 294 4.50 -22.31 27.03
N PHE C 295 4.60 -22.78 25.78
CA PHE C 295 4.14 -24.11 25.44
C PHE C 295 4.96 -24.67 24.28
N ASN C 296 5.40 -25.91 24.43
CA ASN C 296 6.07 -26.65 23.36
C ASN C 296 7.15 -25.80 22.70
N GLY C 297 7.96 -25.13 23.52
CA GLY C 297 9.13 -24.41 23.05
C GLY C 297 8.89 -22.99 22.59
N GLN C 298 7.65 -22.52 22.59
CA GLN C 298 7.34 -21.18 22.10
C GLN C 298 6.53 -20.43 23.15
N ARG C 299 6.33 -19.13 22.91
CA ARG C 299 5.70 -18.27 23.89
C ARG C 299 5.39 -16.93 23.24
N VAL C 300 4.28 -16.33 23.66
CA VAL C 300 3.92 -15.02 23.14
C VAL C 300 5.03 -14.04 23.48
N ARG C 301 5.27 -13.09 22.57
CA ARG C 301 6.27 -12.07 22.84
C ARG C 301 5.84 -11.22 24.03
N TYR C 302 6.82 -10.79 24.82
CA TYR C 302 6.61 -9.88 25.93
C TYR C 302 7.53 -8.67 25.76
N THR C 303 7.01 -7.49 26.05
CA THR C 303 7.82 -6.30 26.10
C THR C 303 8.64 -6.28 27.39
N PRO C 304 9.69 -5.46 27.45
CA PRO C 304 10.49 -5.38 28.68
C PRO C 304 9.68 -5.00 29.91
N LYS C 305 8.55 -4.32 29.75
CA LYS C 305 7.77 -3.86 30.90
C LYS C 305 6.54 -4.72 31.17
N GLY C 306 6.45 -5.89 30.54
CA GLY C 306 5.51 -6.92 30.97
C GLY C 306 4.25 -7.08 30.14
N LEU C 307 4.11 -6.34 29.04
CA LEU C 307 2.94 -6.48 28.19
C LEU C 307 3.07 -7.69 27.28
N ALA C 308 2.06 -8.57 27.31
CA ALA C 308 1.96 -9.65 26.35
C ALA C 308 1.62 -9.08 24.98
N HIS C 309 2.51 -9.25 24.02
CA HIS C 309 2.47 -8.50 22.76
C HIS C 309 2.24 -9.44 21.58
N LEU C 310 0.97 -9.60 21.21
CA LEU C 310 0.61 -10.52 20.12
C LEU C 310 0.89 -9.92 18.75
N THR C 311 0.58 -8.64 18.54
CA THR C 311 0.66 -8.01 17.23
C THR C 311 0.63 -6.51 17.44
N ASP C 312 0.95 -5.76 16.37
CA ASP C 312 1.07 -4.32 16.50
C ASP C 312 -0.28 -3.61 16.42
N TRP C 313 -1.28 -4.21 15.77
CA TRP C 313 -2.57 -3.56 15.63
C TRP C 313 -3.47 -3.99 16.78
N GLY C 314 -3.89 -3.01 17.58
CA GLY C 314 -4.76 -3.27 18.71
C GLY C 314 -4.14 -4.20 19.72
N VAL C 315 -2.92 -3.89 20.17
CA VAL C 315 -2.18 -4.82 21.02
C VAL C 315 -2.82 -4.94 22.40
N LEU C 316 -3.30 -3.82 22.95
CA LEU C 316 -3.93 -3.89 24.27
C LEU C 316 -5.28 -4.59 24.20
N ARG C 317 -6.01 -4.38 23.11
CA ARG C 317 -7.21 -5.16 22.84
C ARG C 317 -6.94 -6.65 23.00
N HIS C 318 -5.86 -7.15 22.38
CA HIS C 318 -5.58 -8.59 22.42
C HIS C 318 -5.16 -9.04 23.80
N ALA C 319 -4.33 -8.26 24.48
CA ALA C 319 -3.81 -8.69 25.78
C ALA C 319 -4.89 -8.62 26.85
N THR C 320 -5.74 -7.59 26.83
CA THR C 320 -6.78 -7.50 27.85
C THR C 320 -7.89 -8.51 27.61
N THR C 321 -8.13 -8.91 26.35
CA THR C 321 -9.12 -9.94 26.09
C THR C 321 -8.62 -11.31 26.52
N THR C 322 -7.37 -11.63 26.19
CA THR C 322 -6.79 -12.88 26.69
C THR C 322 -6.78 -12.89 28.22
N ALA C 323 -6.51 -11.75 28.84
CA ALA C 323 -6.51 -11.69 30.31
C ALA C 323 -7.90 -11.94 30.87
N PHE C 324 -8.95 -11.50 30.17
CA PHE C 324 -10.31 -11.78 30.63
C PHE C 324 -10.59 -13.28 30.61
N LEU C 325 -10.29 -13.94 29.49
CA LEU C 325 -10.43 -15.40 29.45
C LEU C 325 -9.63 -16.06 30.56
N ALA C 326 -8.46 -15.51 30.89
CA ALA C 326 -7.68 -16.05 31.99
C ALA C 326 -8.43 -15.90 33.31
N CYS C 327 -9.13 -14.78 33.50
CA CYS C 327 -9.96 -14.61 34.70
C CYS C 327 -11.03 -15.68 34.76
N VAL C 328 -11.75 -15.90 33.65
CA VAL C 328 -12.90 -16.80 33.68
C VAL C 328 -12.45 -18.23 33.94
N TYR C 329 -11.40 -18.67 33.26
CA TYR C 329 -10.93 -20.05 33.46
C TYR C 329 -10.33 -20.22 34.85
N SER C 330 -9.55 -19.23 35.31
CA SER C 330 -8.92 -19.36 36.63
C SER C 330 -9.96 -19.40 37.74
N ASP C 331 -11.11 -18.74 37.54
CA ASP C 331 -12.20 -18.78 38.51
C ASP C 331 -12.95 -20.10 38.50
N TRP C 332 -12.74 -20.93 37.47
CA TRP C 332 -13.47 -22.18 37.33
C TRP C 332 -12.95 -23.21 38.31
N SER C 333 -13.88 -24.03 38.83
CA SER C 333 -13.50 -25.01 39.85
C SER C 333 -12.50 -26.04 39.34
N GLU C 334 -12.56 -26.36 38.05
CA GLU C 334 -11.74 -27.43 37.49
C GLU C 334 -10.40 -26.95 36.95
N CYS C 335 -10.09 -25.67 37.09
CA CYS C 335 -8.78 -25.19 36.68
C CYS C 335 -7.73 -25.67 37.68
N PRO C 336 -6.63 -26.28 37.21
CA PRO C 336 -5.59 -26.69 38.16
C PRO C 336 -5.12 -25.52 39.00
N ARG C 337 -4.91 -25.77 40.29
CA ARG C 337 -4.64 -24.67 41.21
C ARG C 337 -3.36 -23.93 40.83
N GLU C 338 -2.35 -24.67 40.37
CA GLU C 338 -1.10 -24.02 39.96
C GLU C 338 -1.33 -23.12 38.76
N LYS C 339 -1.99 -23.63 37.73
CA LYS C 339 -2.27 -22.81 36.55
C LYS C 339 -3.20 -21.65 36.86
N ALA C 340 -4.15 -21.85 37.79
CA ALA C 340 -5.07 -20.77 38.14
C ALA C 340 -4.32 -19.58 38.73
N ASN C 341 -3.38 -19.84 39.65
CA ASN C 341 -2.62 -18.75 40.24
C ASN C 341 -1.79 -18.03 39.19
N ILE C 342 -1.18 -18.77 38.27
CA ILE C 342 -0.42 -18.14 37.19
C ILE C 342 -1.34 -17.31 36.31
N TYR C 343 -2.52 -17.85 36.00
CA TYR C 343 -3.42 -17.18 35.06
C TYR C 343 -3.90 -15.84 35.61
N ILE C 344 -4.12 -15.74 36.91
CA ILE C 344 -4.68 -14.51 37.45
C ILE C 344 -3.58 -13.47 37.73
N ASP C 345 -2.37 -13.90 38.05
CA ASP C 345 -1.27 -12.95 38.13
C ASP C 345 -0.96 -12.37 36.76
N PHE C 346 -1.07 -13.19 35.71
CA PHE C 346 -0.97 -12.68 34.35
C PHE C 346 -2.06 -11.67 34.05
N ALA C 347 -3.30 -12.00 34.41
CA ALA C 347 -4.42 -11.11 34.09
C ALA C 347 -4.25 -9.76 34.79
N LYS C 348 -3.83 -9.77 36.05
CA LYS C 348 -3.64 -8.51 36.77
C LYS C 348 -2.50 -7.71 36.16
N LYS C 349 -1.43 -8.38 35.72
CA LYS C 349 -0.32 -7.68 35.09
C LYS C 349 -0.77 -6.96 33.82
N GLN C 350 -1.58 -7.62 32.98
CA GLN C 350 -2.05 -6.98 31.76
C GLN C 350 -3.05 -5.87 32.07
N ALA C 351 -3.93 -6.08 33.04
CA ALA C 351 -4.85 -5.03 33.43
C ALA C 351 -4.10 -3.79 33.90
N ASP C 352 -3.08 -3.99 34.74
CA ASP C 352 -2.34 -2.85 35.28
C ASP C 352 -1.47 -2.18 34.20
N TYR C 353 -1.03 -2.94 33.19
CA TYR C 353 -0.30 -2.31 32.10
C TYR C 353 -1.19 -1.34 31.34
N ALA C 354 -2.45 -1.73 31.12
CA ALA C 354 -3.39 -0.83 30.45
C ALA C 354 -3.69 0.41 31.30
N LEU C 355 -3.71 0.25 32.61
CA LEU C 355 -4.08 1.36 33.50
C LEU C 355 -2.91 2.23 33.93
N GLY C 356 -1.66 1.75 33.84
CA GLY C 356 -0.55 2.66 34.03
C GLY C 356 0.77 2.12 34.55
N SER C 357 0.94 0.80 34.62
CA SER C 357 2.15 0.25 35.24
C SER C 357 3.42 0.62 34.49
N SER C 358 3.33 0.93 33.19
CA SER C 358 4.51 1.26 32.41
C SER C 358 4.91 2.73 32.52
N GLY C 359 4.11 3.55 33.20
CA GLY C 359 4.42 4.94 33.40
C GLY C 359 3.29 5.88 33.04
N ARG C 360 2.37 5.40 32.21
CA ARG C 360 1.24 6.21 31.78
C ARG C 360 0.03 5.30 31.57
N SER C 361 -1.14 5.88 31.75
CA SER C 361 -2.38 5.19 31.41
C SER C 361 -2.57 5.14 29.91
N TYR C 362 -3.14 4.02 29.44
CA TYR C 362 -3.52 3.87 28.04
C TYR C 362 -5.03 3.92 27.85
N VAL C 363 -5.75 4.40 28.86
CA VAL C 363 -7.20 4.57 28.82
C VAL C 363 -7.49 6.07 28.79
N VAL C 364 -8.19 6.53 27.76
CA VAL C 364 -8.46 7.97 27.64
C VAL C 364 -9.20 8.45 28.88
N GLY C 365 -8.75 9.59 29.41
CA GLY C 365 -9.45 10.21 30.51
C GLY C 365 -9.35 9.47 31.83
N PHE C 366 -8.37 8.57 31.97
CA PHE C 366 -8.15 7.86 33.22
C PHE C 366 -6.67 7.85 33.56
N GLY C 367 -6.38 8.02 34.85
CA GLY C 367 -5.06 7.73 35.38
C GLY C 367 -4.03 8.81 35.08
N VAL C 368 -2.78 8.37 34.99
CA VAL C 368 -1.63 9.26 34.81
C VAL C 368 -1.36 9.43 33.33
N ASN C 369 -1.39 10.67 32.86
CA ASN C 369 -1.00 11.04 31.50
C ASN C 369 -1.70 10.17 30.44
N PRO C 370 -3.03 10.09 30.47
CA PRO C 370 -3.75 9.27 29.49
C PRO C 370 -3.57 9.82 28.08
N PRO C 371 -3.86 9.00 27.06
CA PRO C 371 -3.78 9.51 25.68
C PRO C 371 -4.79 10.63 25.48
N GLN C 372 -4.38 11.67 24.75
CA GLN C 372 -5.23 12.84 24.53
C GLN C 372 -5.61 13.06 23.07
N HIS C 373 -5.08 12.27 22.13
CA HIS C 373 -5.34 12.48 20.71
C HIS C 373 -5.78 11.18 20.03
N PRO C 374 -6.79 10.51 20.56
CA PRO C 374 -7.25 9.27 19.93
C PRO C 374 -7.78 9.51 18.53
N HIS C 375 -7.56 8.54 17.65
CA HIS C 375 -8.02 8.60 16.26
C HIS C 375 -9.54 8.41 16.28
N HIS C 376 -10.24 9.52 16.52
CA HIS C 376 -11.69 9.48 16.70
C HIS C 376 -12.27 10.80 16.19
N ARG C 377 -13.10 10.72 15.15
CA ARG C 377 -13.59 11.94 14.50
C ARG C 377 -14.48 12.76 15.42
N THR C 378 -15.40 12.12 16.14
CA THR C 378 -16.37 12.90 16.90
C THR C 378 -15.76 13.43 18.20
N ALA C 379 -14.84 12.69 18.82
CA ALA C 379 -14.16 13.23 19.99
C ALA C 379 -13.28 14.42 19.64
N HIS C 380 -12.67 14.38 18.45
CA HIS C 380 -11.82 15.49 17.99
C HIS C 380 -12.66 16.68 17.54
N SER C 381 -13.63 16.44 16.67
CA SER C 381 -14.61 17.46 16.27
C SER C 381 -13.97 18.60 15.49
N SER C 382 -13.40 18.28 14.33
CA SER C 382 -12.86 19.30 13.44
C SER C 382 -13.99 20.16 12.85
N TRP C 383 -13.69 21.44 12.65
CA TRP C 383 -14.61 22.34 11.97
C TRP C 383 -14.27 22.49 10.48
N CYS C 384 -13.37 21.66 9.97
CA CYS C 384 -12.96 21.81 8.57
C CYS C 384 -12.31 20.54 8.01
N ASP C 385 -12.81 19.37 8.39
CA ASP C 385 -12.44 18.14 7.71
C ASP C 385 -10.92 17.96 7.66
N SER C 386 -10.28 18.16 8.82
CA SER C 386 -8.85 17.99 8.97
C SER C 386 -8.54 17.35 10.32
N GLN C 387 -7.76 16.27 10.30
CA GLN C 387 -7.24 15.69 11.53
C GLN C 387 -6.44 16.70 12.34
N LYS C 388 -5.86 17.72 11.68
CA LYS C 388 -4.91 18.60 12.34
C LYS C 388 -5.56 19.83 12.95
N VAL C 389 -6.86 20.06 12.71
CA VAL C 389 -7.55 21.25 13.17
C VAL C 389 -8.86 20.88 13.84
N PRO C 390 -9.05 21.18 15.15
CA PRO C 390 -8.15 21.85 16.08
C PRO C 390 -6.96 20.99 16.49
N GLU C 391 -5.98 21.63 17.12
CA GLU C 391 -4.80 20.91 17.59
C GLU C 391 -5.07 20.10 18.84
N TYR C 392 -6.20 20.31 19.51
CA TYR C 392 -6.59 19.55 20.69
C TYR C 392 -8.01 19.04 20.51
N HIS C 393 -8.27 17.85 21.04
CA HIS C 393 -9.60 17.27 20.99
C HIS C 393 -10.60 18.17 21.73
N ARG C 394 -11.78 18.33 21.14
CA ARG C 394 -12.81 19.13 21.79
C ARG C 394 -13.46 18.39 22.95
N HIS C 395 -13.48 17.06 22.92
CA HIS C 395 -14.17 16.26 23.91
C HIS C 395 -13.28 15.12 24.38
N VAL C 396 -13.51 14.70 25.63
CA VAL C 396 -12.76 13.62 26.26
C VAL C 396 -13.51 12.31 26.06
N LEU C 397 -12.86 11.35 25.42
CA LEU C 397 -13.46 10.06 25.11
C LEU C 397 -13.20 9.08 26.26
N TYR C 398 -13.86 9.33 27.38
CA TYR C 398 -13.59 8.60 28.61
C TYR C 398 -13.68 7.10 28.39
N GLY C 399 -12.73 6.37 28.98
CA GLY C 399 -12.76 4.93 29.01
C GLY C 399 -12.21 4.23 27.78
N ALA C 400 -11.91 4.96 26.71
CA ALA C 400 -11.45 4.32 25.49
C ALA C 400 -10.07 3.72 25.69
N LEU C 401 -9.92 2.42 25.43
CA LEU C 401 -8.62 1.78 25.41
C LEU C 401 -8.02 1.95 24.02
N VAL C 402 -6.86 2.59 23.93
CA VAL C 402 -6.23 2.85 22.65
C VAL C 402 -5.49 1.60 22.18
N GLY C 403 -4.98 1.65 20.95
CA GLY C 403 -4.26 0.55 20.35
C GLY C 403 -3.11 0.06 21.20
N GLY C 404 -2.13 0.93 21.43
CA GLY C 404 -1.06 0.64 22.34
C GLY C 404 0.31 0.65 21.71
N PRO C 405 1.34 0.36 22.50
CA PRO C 405 2.73 0.56 22.08
C PRO C 405 3.27 -0.61 21.27
N ASP C 406 4.50 -0.44 20.78
CA ASP C 406 5.19 -1.49 20.05
C ASP C 406 5.85 -2.44 21.04
N ALA C 407 6.62 -3.41 20.53
CA ALA C 407 7.17 -4.46 21.38
C ALA C 407 8.24 -3.95 22.34
N SER C 408 8.67 -2.70 22.22
CA SER C 408 9.63 -2.11 23.14
C SER C 408 8.97 -1.10 24.07
N ASP C 409 7.65 -1.17 24.22
CA ASP C 409 6.88 -0.26 25.06
C ASP C 409 6.84 1.16 24.50
N ALA C 410 7.17 1.34 23.22
CA ALA C 410 7.25 2.66 22.61
C ALA C 410 5.88 3.10 22.09
N TYR C 411 5.45 4.28 22.49
CA TYR C 411 4.17 4.83 22.07
C TYR C 411 4.27 6.34 22.04
N VAL C 412 3.62 6.94 21.05
CA VAL C 412 3.52 8.39 20.95
C VAL C 412 2.08 8.73 20.60
N ASP C 413 1.48 9.63 21.39
CA ASP C 413 0.12 10.13 21.19
C ASP C 413 0.04 10.81 19.82
N ASP C 414 -0.60 10.17 18.84
CA ASP C 414 -0.59 10.63 17.45
C ASP C 414 -1.96 10.39 16.85
N ILE C 415 -2.71 11.48 16.59
CA ILE C 415 -4.06 11.36 16.08
C ILE C 415 -4.07 10.64 14.73
N GLY C 416 -3.00 10.81 13.94
CA GLY C 416 -2.98 10.24 12.61
C GLY C 416 -2.66 8.76 12.54
N ASN C 417 -2.20 8.17 13.65
CA ASN C 417 -1.83 6.76 13.67
C ASN C 417 -3.04 5.93 14.12
N TYR C 418 -3.76 5.38 13.16
CA TYR C 418 -4.94 4.57 13.47
C TYR C 418 -4.59 3.12 13.81
N VAL C 419 -3.31 2.83 14.06
CA VAL C 419 -2.91 1.54 14.60
C VAL C 419 -2.63 1.72 16.09
N THR C 420 -1.70 2.61 16.42
CA THR C 420 -1.33 2.82 17.83
C THR C 420 -2.41 3.57 18.61
N ASN C 421 -3.02 4.59 18.00
CA ASN C 421 -3.94 5.52 18.67
C ASN C 421 -5.41 5.26 18.33
N GLN C 422 -5.70 4.17 17.66
CA GLN C 422 -7.07 3.77 17.37
C GLN C 422 -7.85 3.47 18.65
N VAL C 423 -9.18 3.55 18.55
CA VAL C 423 -10.11 3.11 19.59
C VAL C 423 -11.30 2.45 18.89
N ALA C 424 -11.94 1.48 19.55
CA ALA C 424 -13.00 0.73 18.89
C ALA C 424 -13.83 -0.10 19.87
N CYS C 425 -15.03 -0.48 19.41
CA CYS C 425 -15.93 -1.26 20.25
C CYS C 425 -15.25 -2.52 20.76
N ASP C 426 -14.57 -3.25 19.86
CA ASP C 426 -14.01 -4.53 20.25
C ASP C 426 -12.77 -4.36 21.13
N TYR C 427 -12.15 -3.19 21.11
CA TYR C 427 -11.01 -2.95 22.00
C TYR C 427 -11.45 -2.97 23.46
N ASN C 428 -12.63 -2.40 23.74
CA ASN C 428 -13.14 -2.31 25.10
C ASN C 428 -13.96 -3.52 25.55
N ALA C 429 -14.31 -4.42 24.64
CA ALA C 429 -15.22 -5.51 24.97
C ALA C 429 -14.66 -6.39 26.09
N GLY C 430 -13.58 -7.12 25.80
CA GLY C 430 -12.98 -7.96 26.83
C GLY C 430 -12.41 -7.15 27.98
N PHE C 431 -11.97 -5.92 27.69
CA PHE C 431 -11.44 -5.04 28.72
C PHE C 431 -12.46 -4.81 29.84
N VAL C 432 -13.75 -4.72 29.49
CA VAL C 432 -14.76 -4.52 30.52
C VAL C 432 -14.83 -5.73 31.45
N GLY C 433 -14.88 -6.93 30.87
CA GLY C 433 -14.87 -8.13 31.69
C GLY C 433 -13.65 -8.23 32.57
N LEU C 434 -12.49 -7.86 32.03
CA LEU C 434 -11.26 -7.88 32.83
C LEU C 434 -11.36 -6.96 34.03
N LEU C 435 -11.87 -5.73 33.81
CA LEU C 435 -11.98 -4.77 34.90
C LEU C 435 -13.03 -5.18 35.91
N ALA C 436 -14.06 -5.90 35.48
CA ALA C 436 -15.05 -6.42 36.43
C ALA C 436 -14.42 -7.40 37.39
N LYS C 437 -13.55 -8.29 36.89
CA LYS C 437 -12.88 -9.23 37.77
C LYS C 437 -11.90 -8.52 38.70
N MET C 438 -11.13 -7.57 38.16
CA MET C 438 -10.17 -6.86 39.00
C MET C 438 -10.88 -6.02 40.05
N TYR C 439 -12.04 -5.46 39.72
CA TYR C 439 -12.82 -4.75 40.75
C TYR C 439 -13.35 -5.73 41.80
N GLU C 440 -13.85 -6.88 41.36
CA GLU C 440 -14.35 -7.88 42.30
C GLU C 440 -13.27 -8.28 43.30
N LYS C 441 -12.04 -8.50 42.82
CA LYS C 441 -10.98 -9.05 43.65
C LYS C 441 -10.24 -7.99 44.45
N TYR C 442 -10.05 -6.79 43.89
CA TYR C 442 -9.25 -5.75 44.51
C TYR C 442 -10.00 -4.46 44.80
N GLY C 443 -11.18 -4.26 44.24
CA GLY C 443 -11.92 -3.05 44.53
C GLY C 443 -11.39 -1.83 43.79
N GLY C 444 -11.58 -0.66 44.40
CA GLY C 444 -11.41 0.60 43.73
C GLY C 444 -12.76 1.26 43.51
N ASN C 445 -12.97 2.43 44.09
CA ASN C 445 -14.31 3.02 44.12
C ASN C 445 -14.58 3.85 42.87
N PRO C 446 -15.70 3.64 42.18
CA PRO C 446 -16.05 4.54 41.07
C PRO C 446 -16.32 5.94 41.58
N ILE C 447 -16.28 6.89 40.66
CA ILE C 447 -16.56 8.29 40.97
C ILE C 447 -18.07 8.45 41.08
N PRO C 448 -18.61 8.93 42.19
CA PRO C 448 -20.07 8.99 42.33
C PRO C 448 -20.70 9.94 41.32
N ASN C 449 -21.81 9.50 40.74
CA ASN C 449 -22.59 10.33 39.81
C ASN C 449 -21.72 10.88 38.68
N PHE C 450 -20.70 10.14 38.26
CA PHE C 450 -19.81 10.64 37.23
C PHE C 450 -20.59 10.97 35.97
N MET C 451 -20.31 12.16 35.41
CA MET C 451 -20.95 12.62 34.19
C MET C 451 -19.90 13.27 33.30
N ALA C 452 -20.00 13.01 32.00
CA ALA C 452 -19.11 13.64 31.03
C ALA C 452 -19.70 14.98 30.58
#